data_7D66
#
_entry.id   7D66
#
_cell.length_a   184.601
_cell.length_b   184.601
_cell.length_c   184.338
_cell.angle_alpha   90.000
_cell.angle_beta   90.000
_cell.angle_gamma   90.000
#
_symmetry.space_group_name_H-M   'P 41 21 2'
#
loop_
_entity.id
_entity.type
_entity.pdbx_description
1 polymer 'Ubiquitin family protein'
2 non-polymer GLYCEROL
3 water water
#
_entity_poly.entity_id   1
_entity_poly.type   'polypeptide(L)'
_entity_poly.pdbx_seq_one_letter_code
;GSVYMLFIDIEVNGVPIKAFVDSGAQSTFMSYACAQKCSLLRLMDTRYRGVAQGVGKTEIVGKIHLATLKIGQRFFPSSF
TVLQDNKVEFLFGLDLLRRYQCCIDLKKSVLRIDNEEIPFLSEKDITK
;
_entity_poly.pdbx_strand_id   B,A,D,C,F,E,H,G,J,I,L,K
#
# COMPACT_ATOMS: atom_id res chain seq x y z
N VAL A 3 -1.19 -7.32 35.29
CA VAL A 3 0.20 -7.56 34.90
C VAL A 3 0.18 -8.37 33.60
N TYR A 4 -0.69 -7.97 32.66
CA TYR A 4 -0.84 -8.60 31.34
C TYR A 4 0.48 -8.55 30.57
N MET A 5 1.41 -7.72 30.96
CA MET A 5 2.85 -7.79 30.60
C MET A 5 3.55 -7.20 31.83
N LEU A 6 4.87 -7.19 31.91
CA LEU A 6 5.57 -6.71 33.13
C LEU A 6 5.89 -5.22 32.99
N PHE A 7 5.34 -4.41 33.87
CA PHE A 7 5.69 -2.97 33.93
C PHE A 7 6.17 -2.63 35.34
N ILE A 8 7.02 -1.61 35.44
CA ILE A 8 7.49 -1.06 36.74
C ILE A 8 7.34 0.46 36.69
N ASP A 9 7.05 1.09 37.81
CA ASP A 9 7.11 2.57 37.92
C ASP A 9 8.56 2.95 38.18
N ILE A 10 9.12 3.83 37.36
CA ILE A 10 10.48 4.39 37.58
C ILE A 10 10.39 5.89 37.35
N GLU A 11 11.47 6.62 37.63
CA GLU A 11 11.55 8.05 37.30
C GLU A 11 12.84 8.31 36.54
N VAL A 12 12.77 9.09 35.46
CA VAL A 12 13.99 9.54 34.72
C VAL A 12 14.00 11.06 34.71
N ASN A 13 15.07 11.66 35.20
CA ASN A 13 15.19 13.14 35.37
C ASN A 13 13.92 13.63 36.07
N GLY A 14 13.44 12.88 37.06
CA GLY A 14 12.39 13.33 38.00
C GLY A 14 11.01 12.93 37.54
N VAL A 15 10.87 12.43 36.32
CA VAL A 15 9.53 12.28 35.69
C VAL A 15 9.08 10.84 35.85
N PRO A 16 7.88 10.57 36.40
CA PRO A 16 7.30 9.24 36.44
C PRO A 16 7.14 8.58 35.05
N ILE A 17 7.58 7.33 34.94
CA ILE A 17 7.52 6.52 33.70
C ILE A 17 7.07 5.09 34.03
N LYS A 18 6.41 4.44 33.10
CA LYS A 18 6.07 3.00 33.20
C LYS A 18 7.10 2.25 32.39
N ALA A 19 7.97 1.50 33.04
CA ALA A 19 9.05 0.75 32.38
C ALA A 19 8.63 -0.69 32.06
N PHE A 20 8.70 -1.09 30.81
CA PHE A 20 8.34 -2.42 30.29
C PHE A 20 9.55 -3.32 30.50
N VAL A 21 9.40 -4.39 31.29
CA VAL A 21 10.56 -5.23 31.66
C VAL A 21 10.65 -6.39 30.66
N ASP A 22 11.74 -6.42 29.87
CA ASP A 22 11.91 -7.40 28.76
C ASP A 22 13.29 -8.05 28.83
N SER A 23 13.35 -9.31 29.26
CA SER A 23 14.62 -10.05 29.35
C SER A 23 15.09 -10.45 27.95
N GLY A 24 14.22 -10.31 26.95
CA GLY A 24 14.53 -10.71 25.56
C GLY A 24 15.10 -9.59 24.73
N ALA A 25 15.18 -8.39 25.29
CA ALA A 25 15.74 -7.22 24.58
C ALA A 25 17.17 -6.97 25.06
N GLN A 26 18.12 -6.90 24.12
CA GLN A 26 19.54 -6.76 24.46
C GLN A 26 19.78 -5.36 25.01
N SER A 27 18.93 -4.39 24.67
CA SER A 27 19.25 -2.96 24.86
C SER A 27 18.06 -2.18 25.37
N THR A 28 18.30 -1.24 26.25
CA THR A 28 17.26 -0.39 26.87
C THR A 28 16.96 0.74 25.88
N PHE A 29 15.71 1.04 25.65
CA PHE A 29 15.31 2.11 24.70
C PHE A 29 14.24 2.98 25.33
N MET A 30 14.19 4.24 24.92
CA MET A 30 13.10 5.15 25.33
C MET A 30 12.54 5.75 24.05
N SER A 31 11.23 5.96 24.01
CA SER A 31 10.56 6.62 22.89
C SER A 31 10.99 8.06 22.80
N TYR A 32 10.96 8.66 21.60
CA TYR A 32 11.30 10.09 21.48
C TYR A 32 10.29 10.90 22.28
N ALA A 33 9.03 10.51 22.20
CA ALA A 33 7.93 11.16 22.95
C ALA A 33 8.26 11.16 24.45
N CYS A 34 8.74 10.07 24.96
CA CYS A 34 9.11 9.93 26.39
C CYS A 34 10.33 10.81 26.67
N ALA A 35 11.28 10.85 25.74
CA ALA A 35 12.47 11.70 25.85
C ALA A 35 12.08 13.16 25.90
N GLN A 36 11.04 13.52 25.13
CA GLN A 36 10.55 14.92 25.09
C GLN A 36 9.88 15.22 26.42
N LYS A 37 9.06 14.30 26.93
CA LYS A 37 8.26 14.51 28.16
C LYS A 37 9.22 14.55 29.36
N CYS A 38 10.39 13.90 29.26
CA CYS A 38 11.40 13.89 30.34
C CYS A 38 12.44 14.98 30.12
N SER A 39 12.32 15.83 29.09
CA SER A 39 13.30 16.91 28.76
C SER A 39 14.70 16.33 28.72
N LEU A 40 14.93 15.25 27.96
CA LEU A 40 16.26 14.65 27.75
C LEU A 40 16.72 14.95 26.32
N LEU A 41 16.05 15.91 25.68
CA LEU A 41 16.31 16.20 24.27
C LEU A 41 17.67 16.87 24.17
N ARG A 42 17.98 17.78 25.09
CA ARG A 42 19.24 18.53 25.10
C ARG A 42 20.38 17.55 25.37
N LEU A 43 20.09 16.39 25.93
CA LEU A 43 21.08 15.30 26.04
C LEU A 43 20.84 14.30 24.93
N MET A 44 21.49 14.38 23.80
CA MET A 44 21.42 13.31 22.77
C MET A 44 22.71 13.32 21.95
N ASP A 45 23.36 12.20 21.72
CA ASP A 45 24.59 12.10 20.92
C ASP A 45 24.29 12.21 19.44
N THR A 46 23.13 11.67 19.03
CA THR A 46 22.59 11.68 17.63
C THR A 46 23.30 10.65 16.74
N ARG A 47 23.70 9.58 17.39
CA ARG A 47 24.29 8.36 16.75
C ARG A 47 23.20 7.59 15.96
N TYR A 48 23.52 7.17 14.75
CA TYR A 48 22.56 6.50 13.81
C TYR A 48 23.23 5.32 13.09
N ARG A 49 22.68 4.80 11.98
CA ARG A 49 22.97 3.43 11.50
C ARG A 49 23.41 3.39 10.03
N GLY A 50 23.82 4.48 9.37
CA GLY A 50 24.39 4.44 7.99
C GLY A 50 23.41 4.75 6.87
N GLY A 56 11.73 -2.08 11.62
CA GLY A 56 10.74 -1.00 11.86
C GLY A 56 11.04 -0.27 13.13
N LYS A 57 10.05 0.45 13.68
CA LYS A 57 10.19 1.28 14.91
C LYS A 57 11.02 2.55 14.61
N THR A 58 11.22 2.83 13.33
CA THR A 58 11.77 4.09 12.77
C THR A 58 13.22 4.28 13.25
N GLU A 59 13.91 3.16 13.54
CA GLU A 59 15.38 3.09 13.77
C GLU A 59 15.83 4.00 14.91
N ILE A 60 17.02 4.63 14.82
CA ILE A 60 17.70 5.22 16.02
C ILE A 60 17.72 6.75 15.93
N VAL A 61 17.30 7.48 16.96
CA VAL A 61 17.37 8.97 16.92
C VAL A 61 18.74 9.36 17.47
N GLY A 62 19.12 8.81 18.62
CA GLY A 62 20.36 9.26 19.31
C GLY A 62 20.50 8.60 20.65
N LYS A 63 21.68 8.67 21.25
CA LYS A 63 21.97 7.94 22.50
C LYS A 63 22.10 8.88 23.68
N ILE A 64 21.48 8.51 24.78
CA ILE A 64 21.67 9.19 26.09
C ILE A 64 22.78 8.43 26.82
N HIS A 65 23.96 9.00 26.92
CA HIS A 65 25.13 8.33 27.55
C HIS A 65 24.92 8.20 29.05
N LEU A 66 24.21 9.10 29.69
CA LEU A 66 23.92 8.91 31.14
C LEU A 66 22.70 9.70 31.54
N ALA A 67 21.75 9.05 32.19
CA ALA A 67 20.53 9.70 32.72
C ALA A 67 20.22 9.05 34.04
N THR A 68 19.62 9.83 34.93
CA THR A 68 19.44 9.43 36.35
C THR A 68 18.10 8.73 36.49
N LEU A 69 18.11 7.44 36.85
CA LEU A 69 16.87 6.68 37.02
C LEU A 69 16.61 6.52 38.53
N LYS A 70 15.39 6.72 38.96
CA LYS A 70 14.96 6.40 40.34
C LYS A 70 14.10 5.15 40.26
N ILE A 71 14.63 4.03 40.73
CA ILE A 71 13.84 2.78 40.81
C ILE A 71 13.70 2.48 42.29
N GLY A 72 12.47 2.54 42.80
CA GLY A 72 12.20 2.49 44.23
C GLY A 72 12.79 3.69 44.94
N GLN A 73 13.58 3.45 45.99
CA GLN A 73 14.12 4.54 46.82
C GLN A 73 15.57 4.82 46.41
N ARG A 74 16.12 4.05 45.47
CA ARG A 74 17.54 4.21 45.04
C ARG A 74 17.59 4.88 43.66
N PHE A 75 18.70 5.50 43.34
CA PHE A 75 18.95 6.18 42.04
C PHE A 75 20.02 5.40 41.29
N PHE A 76 19.86 5.31 39.98
CA PHE A 76 20.75 4.49 39.13
C PHE A 76 21.20 5.30 37.92
N PRO A 77 22.49 5.25 37.57
CA PRO A 77 22.96 5.91 36.35
C PRO A 77 22.66 4.97 35.18
N SER A 78 22.18 5.49 34.06
CA SER A 78 21.71 4.64 32.94
C SER A 78 22.13 5.20 31.60
N SER A 79 22.42 4.32 30.65
CA SER A 79 22.64 4.71 29.24
C SER A 79 21.54 4.03 28.41
N PHE A 80 20.93 4.75 27.48
CA PHE A 80 19.91 4.14 26.60
C PHE A 80 19.86 4.83 25.26
N THR A 81 19.13 4.25 24.34
CA THR A 81 18.96 4.83 22.97
C THR A 81 17.54 5.40 22.89
N VAL A 82 17.37 6.46 22.13
CA VAL A 82 16.01 7.02 21.89
C VAL A 82 15.57 6.61 20.47
N LEU A 83 14.33 6.18 20.34
CA LEU A 83 13.81 5.74 19.01
C LEU A 83 12.50 6.47 18.71
N GLN A 84 12.05 6.53 17.46
CA GLN A 84 10.80 7.23 17.12
C GLN A 84 9.60 6.31 17.34
N ASP A 85 9.87 5.01 17.56
CA ASP A 85 8.83 3.99 17.80
C ASP A 85 8.16 4.20 19.16
N ASN A 86 6.84 4.17 19.18
CA ASN A 86 6.04 4.42 20.41
C ASN A 86 5.62 3.10 21.04
N LYS A 87 6.28 2.01 20.67
CA LYS A 87 5.83 0.66 21.07
C LYS A 87 5.59 0.71 22.58
N VAL A 88 6.61 1.08 23.34
CA VAL A 88 6.51 1.37 24.80
C VAL A 88 7.25 2.68 25.02
N GLU A 89 6.90 3.42 26.08
CA GLU A 89 7.63 4.62 26.50
C GLU A 89 9.05 4.25 26.86
N PHE A 90 9.22 3.23 27.68
CA PHE A 90 10.57 2.83 28.15
C PHE A 90 10.67 1.32 28.25
N LEU A 91 11.63 0.73 27.55
CA LEU A 91 11.90 -0.71 27.55
C LEU A 91 13.11 -0.96 28.43
N PHE A 92 12.91 -1.62 29.57
CA PHE A 92 14.00 -1.95 30.51
C PHE A 92 14.58 -3.28 30.04
N GLY A 93 15.74 -3.24 29.39
CA GLY A 93 16.28 -4.44 28.71
C GLY A 93 17.30 -5.19 29.52
N LEU A 94 17.87 -6.25 28.94
CA LEU A 94 18.79 -7.18 29.63
C LEU A 94 20.07 -6.45 30.04
N ASP A 95 20.47 -5.45 29.27
CA ASP A 95 21.63 -4.61 29.61
C ASP A 95 21.48 -4.12 31.06
N LEU A 96 20.42 -3.41 31.36
CA LEU A 96 20.16 -2.78 32.68
C LEU A 96 19.75 -3.88 33.66
N LEU A 97 19.02 -4.88 33.22
CA LEU A 97 18.57 -5.97 34.10
C LEU A 97 19.79 -6.61 34.76
N ARG A 98 20.83 -6.86 33.99
CA ARG A 98 22.03 -7.56 34.51
C ARG A 98 22.99 -6.55 35.13
N ARG A 99 23.04 -5.32 34.65
CA ARG A 99 23.97 -4.28 35.14
C ARG A 99 23.69 -4.05 36.62
N TYR A 100 22.43 -4.10 37.03
CA TYR A 100 22.04 -3.89 38.44
C TYR A 100 21.66 -5.22 39.07
N GLN A 101 21.99 -6.32 38.41
CA GLN A 101 21.83 -7.72 38.92
C GLN A 101 20.43 -7.90 39.49
N CYS A 102 19.43 -7.62 38.68
CA CYS A 102 18.00 -7.66 39.10
C CYS A 102 17.51 -9.10 39.12
N CYS A 103 16.49 -9.38 39.90
CA CYS A 103 15.71 -10.65 39.79
C CYS A 103 14.31 -10.26 39.35
N ILE A 104 13.83 -10.87 38.28
CA ILE A 104 12.40 -10.77 37.89
C ILE A 104 11.68 -11.88 38.66
N ASP A 105 11.04 -11.53 39.77
CA ASP A 105 10.40 -12.53 40.66
C ASP A 105 8.91 -12.59 40.33
N LEU A 106 8.46 -13.64 39.68
CA LEU A 106 7.04 -13.80 39.30
C LEU A 106 6.31 -14.60 40.36
N LYS A 107 7.01 -15.04 41.40
CA LYS A 107 6.34 -15.62 42.59
C LYS A 107 5.71 -14.47 43.36
N LYS A 108 6.52 -13.50 43.72
CA LYS A 108 6.13 -12.33 44.53
C LYS A 108 5.68 -11.20 43.61
N SER A 109 5.84 -11.36 42.29
CA SER A 109 5.50 -10.34 41.29
C SER A 109 6.23 -9.03 41.62
N VAL A 110 7.56 -9.09 41.70
CA VAL A 110 8.40 -7.90 42.01
C VAL A 110 9.68 -7.93 41.18
N LEU A 111 10.26 -6.74 40.94
CA LEU A 111 11.64 -6.68 40.44
C LEU A 111 12.52 -6.44 41.64
N ARG A 112 13.40 -7.37 41.99
CA ARG A 112 14.33 -7.23 43.14
C ARG A 112 15.64 -6.69 42.58
N ILE A 113 15.93 -5.42 42.82
CA ILE A 113 17.08 -4.76 42.14
C ILE A 113 18.33 -4.91 43.00
N ASP A 114 18.25 -4.55 44.29
CA ASP A 114 19.40 -4.54 45.21
C ASP A 114 19.08 -5.58 46.29
N ASN A 115 18.37 -5.17 47.32
CA ASN A 115 17.65 -6.05 48.23
C ASN A 115 16.23 -5.55 48.20
N GLU A 116 16.00 -4.38 47.58
CA GLU A 116 14.65 -3.78 47.56
C GLU A 116 13.84 -4.39 46.41
N GLU A 117 12.54 -4.43 46.62
CA GLU A 117 11.59 -5.10 45.71
C GLU A 117 10.68 -4.02 45.17
N ILE A 118 10.59 -3.91 43.83
CA ILE A 118 9.66 -2.96 43.18
C ILE A 118 8.52 -3.77 42.60
N PRO A 119 7.25 -3.50 42.97
CA PRO A 119 6.15 -4.33 42.49
C PRO A 119 5.83 -4.09 40.99
N PHE A 120 5.48 -5.18 40.30
CA PHE A 120 5.03 -5.09 38.91
C PHE A 120 3.62 -4.48 38.96
N LEU A 121 3.29 -3.66 37.97
CA LEU A 121 2.07 -2.83 38.00
C LEU A 121 0.84 -3.64 37.66
N SER A 122 -0.29 -3.29 38.30
CA SER A 122 -1.61 -3.88 38.08
C SER A 122 -2.11 -3.44 36.72
N GLU A 123 -3.02 -4.22 36.12
CA GLU A 123 -3.53 -3.93 34.76
C GLU A 123 -4.21 -2.56 34.73
N LYS A 124 -4.69 -2.06 35.87
CA LYS A 124 -5.35 -0.73 36.00
C LYS A 124 -4.34 0.37 35.69
N ASP A 125 -3.12 0.20 36.16
CA ASP A 125 -2.06 1.23 36.04
C ASP A 125 -1.60 1.24 34.59
N ILE A 126 -2.14 0.36 33.75
CA ILE A 126 -1.78 0.30 32.30
C ILE A 126 -3.09 0.39 31.51
N THR A 127 -3.09 0.51 30.18
CA THR A 127 -4.31 0.23 29.36
C THR A 127 -4.59 -1.29 29.39
N TYR B 4 24.62 -14.93 23.74
CA TYR B 4 24.54 -13.50 23.98
C TYR B 4 23.29 -13.20 24.80
N MET B 5 22.41 -14.18 25.05
CA MET B 5 21.06 -13.93 25.58
C MET B 5 20.81 -14.98 26.65
N LEU B 6 19.60 -15.06 27.19
CA LEU B 6 19.29 -16.01 28.27
C LEU B 6 18.77 -17.30 27.68
N PHE B 7 19.51 -18.37 27.86
CA PHE B 7 19.08 -19.72 27.42
C PHE B 7 19.11 -20.67 28.61
N ILE B 8 18.25 -21.68 28.58
CA ILE B 8 18.20 -22.76 29.61
C ILE B 8 18.14 -24.09 28.86
N ASP B 9 18.71 -25.14 29.43
CA ASP B 9 18.54 -26.53 28.92
C ASP B 9 17.26 -27.05 29.53
N ILE B 10 16.34 -27.54 28.70
CA ILE B 10 15.07 -28.15 29.16
C ILE B 10 14.85 -29.40 28.33
N GLU B 11 13.85 -30.20 28.69
CA GLU B 11 13.39 -31.30 27.80
C GLU B 11 11.90 -31.12 27.56
N VAL B 12 11.45 -31.35 26.34
CA VAL B 12 10.00 -31.38 26.00
C VAL B 12 9.72 -32.72 25.38
N ASN B 13 8.76 -33.45 25.96
CA ASN B 13 8.41 -34.85 25.62
C ASN B 13 9.71 -35.65 25.47
N GLY B 14 10.67 -35.44 26.37
CA GLY B 14 11.87 -36.29 26.46
C GLY B 14 13.04 -35.75 25.67
N VAL B 15 12.84 -34.72 24.84
CA VAL B 15 13.90 -34.31 23.88
C VAL B 15 14.64 -33.10 24.44
N PRO B 16 15.99 -33.15 24.55
CA PRO B 16 16.78 -31.99 24.98
C PRO B 16 16.63 -30.76 24.08
N ILE B 17 16.42 -29.60 24.70
CA ILE B 17 16.14 -28.32 23.96
C ILE B 17 16.84 -27.16 24.66
N LYS B 18 17.24 -26.15 23.92
CA LYS B 18 17.80 -24.89 24.44
C LYS B 18 16.66 -23.89 24.44
N ALA B 19 16.16 -23.50 25.61
CA ALA B 19 15.00 -22.60 25.70
C ALA B 19 15.48 -21.16 25.87
N PHE B 20 15.02 -20.26 24.98
CA PHE B 20 15.29 -18.82 25.05
C PHE B 20 14.32 -18.18 26.02
N VAL B 21 14.82 -17.57 27.07
CA VAL B 21 13.95 -16.99 28.14
C VAL B 21 13.65 -15.52 27.83
N ASP B 22 12.40 -15.19 27.53
CA ASP B 22 11.96 -13.83 27.11
C ASP B 22 10.75 -13.38 27.92
N SER B 23 10.97 -12.49 28.89
CA SER B 23 9.88 -11.96 29.74
C SER B 23 8.99 -11.00 28.94
N GLY B 24 9.44 -10.62 27.73
CA GLY B 24 8.74 -9.63 26.89
C GLY B 24 7.79 -10.27 25.92
N ALA B 25 7.78 -11.59 25.84
CA ALA B 25 6.88 -12.34 24.94
C ALA B 25 5.70 -12.89 25.73
N GLN B 26 4.48 -12.59 25.28
CA GLN B 26 3.24 -12.93 26.00
C GLN B 26 3.04 -14.44 25.98
N SER B 27 3.53 -15.08 24.94
CA SER B 27 3.20 -16.48 24.63
C SER B 27 4.47 -17.28 24.32
N THR B 28 4.43 -18.55 24.65
CA THR B 28 5.54 -19.47 24.39
C THR B 28 5.37 -20.03 22.97
N PHE B 29 6.44 -20.15 22.21
CA PHE B 29 6.40 -20.67 20.84
C PHE B 29 7.53 -21.68 20.62
N MET B 30 7.30 -22.60 19.70
CA MET B 30 8.31 -23.56 19.26
C MET B 30 8.34 -23.54 17.74
N SER B 31 9.52 -23.63 17.15
CA SER B 31 9.66 -23.68 15.68
C SER B 31 9.18 -25.02 15.18
N TYR B 32 8.78 -25.09 13.92
CA TYR B 32 8.29 -26.33 13.29
C TYR B 32 9.43 -27.34 13.31
N ALA B 33 10.66 -26.91 13.02
CA ALA B 33 11.82 -27.82 13.02
C ALA B 33 11.97 -28.46 14.41
N CYS B 34 11.77 -27.68 15.47
CA CYS B 34 11.84 -28.24 16.85
C CYS B 34 10.66 -29.16 17.09
N ALA B 35 9.49 -28.82 16.57
CA ALA B 35 8.30 -29.67 16.66
C ALA B 35 8.54 -30.98 15.94
N GLN B 36 9.25 -30.94 14.83
CA GLN B 36 9.57 -32.17 14.05
C GLN B 36 10.57 -33.00 14.84
N LYS B 37 11.55 -32.37 15.44
CA LYS B 37 12.62 -33.04 16.23
C LYS B 37 12.00 -33.63 17.48
N CYS B 38 10.92 -33.07 18.01
CA CYS B 38 10.26 -33.57 19.24
C CYS B 38 9.09 -34.51 18.89
N SER B 39 8.95 -34.90 17.63
CA SER B 39 7.88 -35.76 17.07
C SER B 39 6.51 -35.26 17.53
N LEU B 40 6.19 -33.97 17.37
CA LEU B 40 4.96 -33.40 17.97
C LEU B 40 4.04 -32.91 16.84
N LEU B 41 4.39 -33.18 15.59
CA LEU B 41 3.67 -32.55 14.46
C LEU B 41 2.28 -33.17 14.37
N ARG B 42 2.18 -34.49 14.57
CA ARG B 42 0.89 -35.19 14.45
C ARG B 42 -0.01 -34.72 15.61
N LEU B 43 0.58 -34.22 16.67
CA LEU B 43 -0.15 -33.71 17.86
C LEU B 43 -0.30 -32.21 17.71
N MET B 44 -1.43 -31.71 17.34
CA MET B 44 -1.57 -30.28 16.95
C MET B 44 -3.05 -29.93 16.90
N ASP B 45 -3.35 -28.68 16.64
CA ASP B 45 -4.73 -28.17 16.46
C ASP B 45 -4.77 -27.24 15.25
N THR B 46 -5.92 -26.60 15.04
CA THR B 46 -6.29 -25.71 13.92
C THR B 46 -6.24 -24.26 14.40
N ARG B 47 -5.35 -23.94 15.32
CA ARG B 47 -5.29 -22.57 15.91
C ARG B 47 -4.49 -21.65 14.98
N TYR B 48 -4.88 -20.40 14.84
CA TYR B 48 -4.27 -19.42 13.90
C TYR B 48 -4.60 -18.00 14.33
N ARG B 49 -4.21 -17.00 13.54
CA ARG B 49 -4.28 -15.56 13.85
C ARG B 49 -5.04 -14.78 12.76
N GLY B 50 -6.11 -15.31 12.15
CA GLY B 50 -7.05 -14.47 11.36
C GLY B 50 -6.56 -14.16 9.95
N VAL B 51 -6.69 -12.93 9.46
CA VAL B 51 -6.29 -12.57 8.06
C VAL B 51 -5.33 -11.36 8.08
N ALA B 52 -5.39 -10.50 9.10
CA ALA B 52 -4.61 -9.23 9.14
C ALA B 52 -3.38 -9.41 10.04
N GLN B 53 -2.22 -8.91 9.60
CA GLN B 53 -0.91 -9.28 10.21
C GLN B 53 0.15 -8.23 9.92
N GLY B 54 1.41 -8.65 9.92
CA GLY B 54 2.59 -7.82 9.64
C GLY B 54 3.44 -8.40 8.53
N VAL B 55 4.76 -8.49 8.74
CA VAL B 55 5.73 -8.89 7.69
C VAL B 55 6.73 -9.92 8.24
N GLY B 56 6.37 -10.64 9.30
CA GLY B 56 7.23 -11.66 9.95
C GLY B 56 6.49 -12.46 11.00
N LYS B 57 7.22 -13.30 11.75
CA LYS B 57 6.68 -14.26 12.75
C LYS B 57 6.23 -15.53 12.01
N THR B 58 6.04 -15.47 10.68
CA THR B 58 5.58 -16.58 9.82
C THR B 58 4.25 -17.17 10.30
N GLU B 59 3.52 -16.45 11.17
CA GLU B 59 2.13 -16.84 11.59
C GLU B 59 2.15 -18.22 12.27
N ILE B 60 1.00 -18.65 12.77
CA ILE B 60 0.85 -19.89 13.58
C ILE B 60 0.64 -21.10 12.67
N VAL B 61 1.27 -22.23 12.95
CA VAL B 61 0.92 -23.53 12.32
C VAL B 61 -0.22 -24.15 13.14
N GLY B 62 -0.11 -24.10 14.48
CA GLY B 62 -1.08 -24.74 15.34
C GLY B 62 -0.65 -24.82 16.79
N LYS B 63 -1.49 -25.38 17.65
CA LYS B 63 -1.24 -25.41 19.10
C LYS B 63 -0.97 -26.82 19.61
N ILE B 64 0.05 -26.95 20.45
CA ILE B 64 0.21 -28.16 21.31
C ILE B 64 -0.44 -27.88 22.66
N HIS B 65 -1.56 -28.49 22.93
CA HIS B 65 -2.37 -28.25 24.14
C HIS B 65 -1.65 -28.67 25.40
N LEU B 66 -0.84 -29.69 25.36
CA LEU B 66 -0.06 -30.12 26.52
C LEU B 66 1.18 -30.87 26.05
N ALA B 67 2.33 -30.48 26.59
CA ALA B 67 3.56 -31.24 26.43
C ALA B 67 4.27 -31.20 27.79
N THR B 68 5.01 -32.25 28.11
CA THR B 68 5.65 -32.36 29.45
C THR B 68 7.04 -31.73 29.38
N LEU B 69 7.29 -30.72 30.22
CA LEU B 69 8.59 -30.03 30.25
C LEU B 69 9.40 -30.54 31.42
N LYS B 70 10.67 -30.87 31.21
CA LYS B 70 11.61 -31.17 32.30
C LYS B 70 12.52 -29.97 32.45
N ILE B 71 12.35 -29.20 33.51
CA ILE B 71 13.27 -28.09 33.83
C ILE B 71 13.97 -28.51 35.12
N GLY B 72 15.27 -28.74 35.04
CA GLY B 72 16.05 -29.29 36.15
C GLY B 72 15.59 -30.70 36.49
N GLN B 73 15.20 -30.96 37.75
CA GLN B 73 14.81 -32.30 38.20
C GLN B 73 13.28 -32.44 38.17
N ARG B 74 12.55 -31.34 37.96
CA ARG B 74 11.06 -31.38 38.07
C ARG B 74 10.41 -31.33 36.69
N PHE B 75 9.20 -31.84 36.58
CA PHE B 75 8.47 -31.96 35.29
C PHE B 75 7.25 -31.04 35.33
N PHE B 76 6.94 -30.40 34.22
CA PHE B 76 5.89 -29.34 34.20
C PHE B 76 4.97 -29.56 33.00
N PRO B 77 3.64 -29.36 33.14
CA PRO B 77 2.76 -29.38 31.98
C PRO B 77 2.84 -28.04 31.26
N SER B 78 2.84 -28.04 29.92
CA SER B 78 2.92 -26.77 29.15
C SER B 78 1.97 -26.80 27.94
N SER B 79 1.52 -25.67 27.48
CA SER B 79 0.88 -25.46 26.18
C SER B 79 1.74 -24.47 25.41
N PHE B 80 1.87 -24.62 24.10
CA PHE B 80 2.57 -23.61 23.27
C PHE B 80 2.07 -23.69 21.85
N THR B 81 2.50 -22.70 21.06
CA THR B 81 2.12 -22.60 19.65
C THR B 81 3.34 -22.97 18.82
N VAL B 82 3.13 -23.62 17.70
CA VAL B 82 4.22 -23.93 16.74
C VAL B 82 4.16 -22.88 15.61
N LEU B 83 5.31 -22.38 15.20
CA LEU B 83 5.45 -21.39 14.11
C LEU B 83 6.40 -21.97 13.06
N GLN B 84 6.46 -21.35 11.88
CA GLN B 84 7.45 -21.76 10.85
C GLN B 84 8.80 -21.12 11.14
N ASP B 85 8.80 -20.11 11.98
CA ASP B 85 9.94 -19.21 12.25
C ASP B 85 10.99 -19.90 13.09
N ASN B 86 12.23 -19.90 12.64
CA ASN B 86 13.37 -20.57 13.32
C ASN B 86 14.16 -19.54 14.10
N LYS B 87 13.58 -18.38 14.39
CA LYS B 87 14.19 -17.33 15.24
C LYS B 87 14.97 -18.00 16.36
N VAL B 88 14.29 -18.77 17.19
CA VAL B 88 14.85 -19.71 18.22
C VAL B 88 14.07 -21.01 18.09
N GLU B 89 14.63 -22.14 18.52
CA GLU B 89 13.89 -23.42 18.51
C GLU B 89 12.75 -23.32 19.52
N PHE B 90 12.96 -22.80 20.71
CA PHE B 90 11.90 -22.69 21.74
C PHE B 90 12.03 -21.38 22.50
N LEU B 91 10.97 -20.60 22.51
CA LEU B 91 10.92 -19.28 23.20
C LEU B 91 10.05 -19.48 24.45
N PHE B 92 10.65 -19.44 25.62
CA PHE B 92 9.98 -19.62 26.92
C PHE B 92 9.47 -18.24 27.32
N GLY B 93 8.16 -18.04 27.19
CA GLY B 93 7.56 -16.69 27.33
C GLY B 93 6.97 -16.44 28.71
N LEU B 94 6.33 -15.27 28.87
CA LEU B 94 5.82 -14.77 30.18
C LEU B 94 4.71 -15.69 30.67
N ASP B 95 3.93 -16.27 29.76
CA ASP B 95 2.87 -17.23 30.13
C ASP B 95 3.46 -18.28 31.07
N LEU B 96 4.50 -18.99 30.64
CA LEU B 96 5.13 -20.10 31.38
C LEU B 96 5.99 -19.52 32.52
N LEU B 97 6.60 -18.39 32.31
CA LEU B 97 7.42 -17.73 33.35
C LEU B 97 6.59 -17.51 34.60
N ARG B 98 5.37 -17.02 34.43
CA ARG B 98 4.50 -16.70 35.57
C ARG B 98 3.72 -17.96 36.01
N ARG B 99 3.42 -18.86 35.10
CA ARG B 99 2.62 -20.08 35.39
C ARG B 99 3.36 -20.89 36.44
N TYR B 100 4.68 -20.95 36.38
CA TYR B 100 5.51 -21.72 37.32
C TYR B 100 6.15 -20.78 38.34
N GLN B 101 5.75 -19.51 38.33
CA GLN B 101 6.26 -18.47 39.25
C GLN B 101 7.79 -18.52 39.28
N CYS B 102 8.42 -18.45 38.08
CA CYS B 102 9.88 -18.45 37.95
C CYS B 102 10.46 -17.10 38.39
N CYS B 103 11.70 -17.09 38.85
CA CYS B 103 12.49 -15.85 39.07
C CYS B 103 13.66 -15.90 38.09
N ILE B 104 13.79 -14.90 37.24
CA ILE B 104 14.95 -14.78 36.33
C ILE B 104 16.02 -14.02 37.12
N ASP B 105 16.95 -14.74 37.73
CA ASP B 105 17.92 -14.20 38.70
C ASP B 105 19.22 -13.92 37.96
N LEU B 106 19.51 -12.65 37.70
CA LEU B 106 20.72 -12.26 36.96
C LEU B 106 21.84 -11.93 37.93
N LYS B 107 21.56 -12.01 39.23
CA LYS B 107 22.63 -11.93 40.26
C LYS B 107 23.38 -13.26 40.22
N LYS B 108 22.64 -14.36 40.37
CA LYS B 108 23.22 -15.72 40.41
C LYS B 108 23.27 -16.30 39.01
N SER B 109 22.65 -15.62 38.04
CA SER B 109 22.55 -16.10 36.64
C SER B 109 21.86 -17.47 36.61
N VAL B 110 20.66 -17.54 37.16
CA VAL B 110 19.85 -18.79 37.21
C VAL B 110 18.37 -18.49 36.97
N LEU B 111 17.62 -19.49 36.51
CA LEU B 111 16.16 -19.44 36.56
C LEU B 111 15.73 -20.21 37.80
N ARG B 112 15.12 -19.56 38.78
CA ARG B 112 14.63 -20.24 40.01
C ARG B 112 13.16 -20.56 39.79
N ILE B 113 12.84 -21.83 39.54
CA ILE B 113 11.45 -22.16 39.09
C ILE B 113 10.62 -22.50 40.31
N ASP B 114 11.13 -23.33 41.22
CA ASP B 114 10.42 -23.59 42.52
C ASP B 114 11.26 -23.15 43.72
N ASN B 115 12.06 -24.05 44.28
CA ASN B 115 13.18 -23.70 45.18
C ASN B 115 14.48 -24.00 44.41
N GLU B 116 14.32 -24.63 43.25
CA GLU B 116 15.44 -25.17 42.48
C GLU B 116 15.93 -24.14 41.50
N GLU B 117 17.22 -24.14 41.20
CA GLU B 117 17.85 -23.08 40.38
C GLU B 117 18.43 -23.72 39.13
N ILE B 118 18.09 -23.23 37.94
CA ILE B 118 18.57 -23.79 36.66
C ILE B 118 19.49 -22.77 36.03
N PRO B 119 20.78 -23.09 35.80
CA PRO B 119 21.71 -22.06 35.34
C PRO B 119 21.53 -21.63 33.88
N PHE B 120 21.72 -20.34 33.63
CA PHE B 120 21.69 -19.79 32.26
C PHE B 120 22.93 -20.29 31.54
N LEU B 121 22.79 -20.61 30.26
CA LEU B 121 23.86 -21.26 29.46
C LEU B 121 25.01 -20.27 29.12
N SER B 122 26.22 -20.81 29.03
CA SER B 122 27.42 -20.05 28.59
C SER B 122 27.29 -19.78 27.09
N GLU B 123 28.00 -18.79 26.59
CA GLU B 123 27.94 -18.41 25.16
C GLU B 123 28.42 -19.60 24.30
N LYS B 124 29.25 -20.48 24.87
CA LYS B 124 29.81 -21.64 24.13
C LYS B 124 28.70 -22.64 23.87
N ASP B 125 27.79 -22.78 24.82
CA ASP B 125 26.68 -23.77 24.74
C ASP B 125 25.69 -23.28 23.70
N ILE B 126 25.94 -22.13 23.10
CA ILE B 126 25.07 -21.55 22.03
C ILE B 126 25.94 -21.37 20.77
N THR B 127 25.33 -21.37 19.58
CA THR B 127 26.02 -21.80 18.31
C THR B 127 26.04 -20.63 17.34
N TYR C 4 -8.77 -2.96 -34.72
CA TYR C 4 -9.52 -3.18 -33.46
C TYR C 4 -9.66 -1.84 -32.73
N MET C 5 -8.86 -0.84 -33.06
CA MET C 5 -9.05 0.56 -32.66
C MET C 5 -8.54 1.39 -33.84
N LEU C 6 -8.55 2.71 -33.75
CA LEU C 6 -8.22 3.59 -34.89
C LEU C 6 -6.73 3.91 -34.86
N PHE C 7 -6.01 3.50 -35.89
CA PHE C 7 -4.59 3.89 -36.04
C PHE C 7 -4.39 4.54 -37.40
N ILE C 8 -3.40 5.43 -37.47
CA ILE C 8 -3.00 6.10 -38.75
C ILE C 8 -1.48 6.00 -38.85
N ASP C 9 -0.94 5.87 -40.04
CA ASP C 9 0.53 5.95 -40.29
C ASP C 9 0.87 7.45 -40.39
N ILE C 10 1.81 7.93 -39.59
CA ILE C 10 2.28 9.34 -39.66
C ILE C 10 3.80 9.32 -39.60
N GLU C 11 4.45 10.45 -39.80
CA GLU C 11 5.88 10.58 -39.51
C GLU C 11 6.10 11.81 -38.62
N VAL C 12 6.99 11.69 -37.64
CA VAL C 12 7.39 12.86 -36.82
C VAL C 12 8.91 13.00 -36.97
N ASN C 13 9.34 14.18 -37.44
CA ASN C 13 10.78 14.48 -37.69
C ASN C 13 11.35 13.35 -38.55
N GLY C 14 10.55 12.84 -39.51
CA GLY C 14 11.00 11.90 -40.54
C GLY C 14 10.85 10.45 -40.12
N VAL C 15 10.42 10.18 -38.90
CA VAL C 15 10.40 8.78 -38.38
C VAL C 15 8.99 8.23 -38.50
N PRO C 16 8.81 7.06 -39.15
CA PRO C 16 7.48 6.43 -39.25
C PRO C 16 6.90 6.04 -37.89
N ILE C 17 5.63 6.36 -37.66
CA ILE C 17 4.92 6.07 -36.39
C ILE C 17 3.50 5.57 -36.69
N LYS C 18 2.94 4.73 -35.84
CA LYS C 18 1.51 4.34 -35.88
C LYS C 18 0.79 5.18 -34.85
N ALA C 19 -0.04 6.14 -35.28
CA ALA C 19 -0.70 7.08 -34.36
C ALA C 19 -2.09 6.56 -33.99
N PHE C 20 -2.33 6.40 -32.67
CA PHE C 20 -3.64 5.97 -32.12
C PHE C 20 -4.55 7.18 -32.05
N VAL C 21 -5.68 7.13 -32.75
CA VAL C 21 -6.57 8.32 -32.87
C VAL C 21 -7.61 8.25 -31.76
N ASP C 22 -7.56 9.19 -30.82
CA ASP C 22 -8.39 9.18 -29.58
C ASP C 22 -9.05 10.55 -29.39
N SER C 23 -10.34 10.63 -29.69
CA SER C 23 -11.13 11.88 -29.56
C SER C 23 -11.41 12.14 -28.08
N GLY C 24 -11.13 11.16 -27.20
CA GLY C 24 -11.39 11.29 -25.77
C GLY C 24 -10.20 11.83 -25.01
N ALA C 25 -9.09 12.06 -25.68
CA ALA C 25 -7.88 12.58 -25.01
C ALA C 25 -7.71 14.06 -25.33
N GLN C 26 -7.61 14.89 -24.31
CA GLN C 26 -7.45 16.35 -24.45
C GLN C 26 -6.06 16.65 -25.02
N SER C 27 -5.08 15.78 -24.83
CA SER C 27 -3.69 16.08 -25.21
C SER C 27 -3.01 14.95 -25.99
N THR C 28 -2.19 15.32 -26.95
CA THR C 28 -1.38 14.39 -27.74
C THR C 28 -0.13 14.01 -26.95
N PHE C 29 0.21 12.74 -26.93
CA PHE C 29 1.39 12.26 -26.15
C PHE C 29 2.24 11.31 -26.98
N MET C 30 3.52 11.29 -26.69
CA MET C 30 4.43 10.28 -27.23
C MET C 30 5.19 9.63 -26.06
N SER C 31 5.45 8.33 -26.17
CA SER C 31 6.18 7.58 -25.13
C SER C 31 7.64 8.03 -25.11
N TYR C 32 8.31 7.88 -23.96
CA TYR C 32 9.73 8.25 -23.84
C TYR C 32 10.53 7.39 -24.81
N ALA C 33 10.20 6.11 -24.91
CA ALA C 33 10.93 5.20 -25.82
C ALA C 33 10.83 5.71 -27.26
N CYS C 34 9.65 6.19 -27.65
CA CYS C 34 9.45 6.73 -29.01
C CYS C 34 10.26 8.02 -29.14
N ALA C 35 10.29 8.82 -28.07
CA ALA C 35 11.09 10.06 -28.06
C ALA C 35 12.56 9.75 -28.25
N GLN C 36 13.01 8.65 -27.64
CA GLN C 36 14.42 8.21 -27.74
C GLN C 36 14.70 7.75 -29.18
N LYS C 37 13.79 7.00 -29.78
CA LYS C 37 13.87 6.46 -31.16
C LYS C 37 13.93 7.63 -32.15
N CYS C 38 13.21 8.72 -31.85
CA CYS C 38 13.09 9.87 -32.78
C CYS C 38 14.14 10.94 -32.45
N SER C 39 15.10 10.64 -31.56
CA SER C 39 16.22 11.52 -31.11
C SER C 39 15.67 12.87 -30.70
N LEU C 40 14.69 12.91 -29.80
CA LEU C 40 14.01 14.18 -29.44
C LEU C 40 14.19 14.40 -27.95
N LEU C 41 15.12 13.70 -27.33
CA LEU C 41 15.38 13.88 -25.88
C LEU C 41 15.98 15.28 -25.67
N ARG C 42 16.90 15.68 -26.54
CA ARG C 42 17.57 16.99 -26.40
C ARG C 42 16.56 18.07 -26.74
N LEU C 43 15.51 17.74 -27.49
CA LEU C 43 14.41 18.67 -27.81
C LEU C 43 13.33 18.52 -26.75
N MET C 44 13.29 19.43 -25.77
CA MET C 44 12.34 19.27 -24.65
C MET C 44 12.02 20.64 -24.07
N ASP C 45 11.32 20.67 -22.94
CA ASP C 45 11.13 21.91 -22.16
C ASP C 45 11.38 21.62 -20.68
N THR C 46 10.94 22.53 -19.80
CA THR C 46 10.81 22.37 -18.36
C THR C 46 9.35 22.08 -18.00
N ARG C 47 8.62 21.39 -18.84
CA ARG C 47 7.20 21.07 -18.62
C ARG C 47 7.06 19.85 -17.71
N TYR C 48 6.24 19.93 -16.66
CA TYR C 48 6.26 18.91 -15.55
C TYR C 48 4.91 18.98 -14.83
N ARG C 49 4.69 18.09 -13.85
CA ARG C 49 3.32 17.89 -13.28
C ARG C 49 3.32 18.12 -11.77
N GLY C 50 3.87 19.25 -11.33
CA GLY C 50 3.81 19.69 -9.91
C GLY C 50 4.76 18.89 -9.03
N VAL C 51 4.29 18.52 -7.85
CA VAL C 51 5.02 17.64 -6.89
C VAL C 51 4.06 16.54 -6.42
N ALA C 52 3.98 15.44 -7.18
CA ALA C 52 3.72 13.99 -6.83
C ALA C 52 2.43 13.48 -6.08
N GLN C 53 1.26 13.89 -6.56
CA GLN C 53 -0.03 13.73 -5.85
C GLN C 53 -0.79 12.53 -6.40
N GLY C 54 -1.16 12.62 -7.67
CA GLY C 54 -2.01 11.64 -8.38
C GLY C 54 -1.36 10.25 -8.45
N VAL C 55 -2.14 9.18 -8.46
CA VAL C 55 -1.69 7.83 -8.01
C VAL C 55 -1.44 6.90 -9.20
N GLY C 56 -1.31 7.44 -10.43
CA GLY C 56 -1.47 6.61 -11.64
C GLY C 56 -0.78 7.13 -12.87
N LYS C 57 -0.86 6.34 -13.93
CA LYS C 57 -0.15 6.58 -15.20
C LYS C 57 1.33 6.71 -14.81
N THR C 58 2.01 7.71 -15.32
CA THR C 58 3.28 8.23 -14.77
C THR C 58 3.07 9.68 -15.14
N GLU C 59 4.09 10.50 -15.22
CA GLU C 59 3.77 11.94 -15.41
C GLU C 59 4.57 12.48 -16.58
N ILE C 60 4.60 13.79 -16.65
CA ILE C 60 5.24 14.49 -17.81
C ILE C 60 6.74 14.28 -17.71
N VAL C 61 7.41 13.83 -18.76
CA VAL C 61 8.90 13.91 -18.82
C VAL C 61 9.29 15.31 -19.31
N GLY C 62 8.57 15.82 -20.29
CA GLY C 62 8.78 17.17 -20.83
C GLY C 62 7.87 17.39 -22.07
N LYS C 63 7.96 18.56 -22.67
CA LYS C 63 7.10 18.95 -23.81
C LYS C 63 7.96 19.23 -25.04
N ILE C 64 7.54 18.76 -26.22
CA ILE C 64 8.13 19.18 -27.51
C ILE C 64 7.29 20.34 -28.03
N HIS C 65 7.85 21.53 -28.05
CA HIS C 65 7.11 22.75 -28.43
C HIS C 65 6.65 22.74 -29.89
N LEU C 66 7.45 22.17 -30.78
CA LEU C 66 7.06 22.15 -32.20
C LEU C 66 7.83 21.05 -32.92
N ALA C 67 7.14 20.20 -33.65
CA ALA C 67 7.74 19.13 -34.45
C ALA C 67 6.92 19.01 -35.73
N THR C 68 7.54 18.53 -36.78
CA THR C 68 6.90 18.43 -38.12
C THR C 68 6.22 17.08 -38.25
N LEU C 69 4.92 17.06 -38.48
CA LEU C 69 4.15 15.81 -38.67
C LEU C 69 3.88 15.63 -40.17
N LYS C 70 4.11 14.43 -40.68
CA LYS C 70 3.74 14.11 -42.08
C LYS C 70 2.54 13.18 -42.04
N ILE C 71 1.37 13.67 -42.37
CA ILE C 71 0.14 12.85 -42.43
C ILE C 71 -0.33 12.95 -43.88
N GLY C 72 -0.42 11.84 -44.59
CA GLY C 72 -0.76 11.82 -46.02
C GLY C 72 0.34 12.48 -46.83
N GLN C 73 0.00 13.47 -47.65
CA GLN C 73 1.00 14.16 -48.50
C GLN C 73 1.44 15.48 -47.84
N ARG C 74 0.76 15.87 -46.77
CA ARG C 74 0.88 17.24 -46.21
C ARG C 74 1.67 17.18 -44.90
N PHE C 75 2.29 18.28 -44.53
CA PHE C 75 3.14 18.39 -43.33
C PHE C 75 2.45 19.34 -42.35
N PHE C 76 2.51 18.99 -41.07
CA PHE C 76 1.80 19.77 -40.05
C PHE C 76 2.73 20.13 -38.91
N PRO C 77 2.68 21.38 -38.40
CA PRO C 77 3.37 21.71 -37.17
C PRO C 77 2.57 21.19 -35.97
N SER C 78 3.26 20.64 -34.97
CA SER C 78 2.60 20.02 -33.79
C SER C 78 3.36 20.31 -32.53
N SER C 79 2.69 20.23 -31.40
CA SER C 79 3.28 20.17 -30.05
C SER C 79 2.75 18.90 -29.42
N PHE C 80 3.52 18.24 -28.58
CA PHE C 80 3.01 17.10 -27.79
C PHE C 80 3.87 16.95 -26.53
N THR C 81 3.39 16.11 -25.64
CA THR C 81 4.04 15.88 -24.34
C THR C 81 4.66 14.48 -24.41
N VAL C 82 5.78 14.29 -23.69
CA VAL C 82 6.40 12.95 -23.62
C VAL C 82 6.10 12.36 -22.24
N LEU C 83 5.80 11.09 -22.16
CA LEU C 83 5.48 10.40 -20.89
C LEU C 83 6.35 9.15 -20.73
N GLN C 84 6.47 8.63 -19.51
CA GLN C 84 7.37 7.47 -19.25
C GLN C 84 6.63 6.19 -19.62
N ASP C 85 5.30 6.29 -19.71
CA ASP C 85 4.41 5.12 -19.95
C ASP C 85 4.50 4.73 -21.43
N ASN C 86 4.68 3.46 -21.68
CA ASN C 86 4.91 2.94 -23.06
C ASN C 86 3.63 2.31 -23.60
N LYS C 87 2.50 2.63 -22.97
CA LYS C 87 1.20 1.96 -23.30
C LYS C 87 1.09 1.99 -24.81
N VAL C 88 1.16 3.19 -25.39
CA VAL C 88 1.09 3.41 -26.86
C VAL C 88 2.26 4.32 -27.25
N GLU C 89 2.77 4.19 -28.46
CA GLU C 89 3.96 4.99 -28.84
C GLU C 89 3.45 6.41 -29.08
N PHE C 90 2.37 6.60 -29.81
CA PHE C 90 1.87 7.97 -30.08
C PHE C 90 0.34 8.00 -30.05
N LEU C 91 -0.19 8.89 -29.20
CA LEU C 91 -1.63 9.10 -29.08
C LEU C 91 -1.98 10.43 -29.75
N PHE C 92 -2.72 10.38 -30.85
CA PHE C 92 -3.18 11.58 -31.60
C PHE C 92 -4.47 12.06 -30.94
N GLY C 93 -4.40 13.14 -30.19
CA GLY C 93 -5.53 13.57 -29.32
C GLY C 93 -6.40 14.66 -29.93
N LEU C 94 -7.39 15.11 -29.17
CA LEU C 94 -8.41 16.10 -29.55
C LEU C 94 -7.74 17.44 -29.80
N ASP C 95 -6.67 17.77 -29.09
CA ASP C 95 -5.90 19.01 -29.37
C ASP C 95 -5.58 19.05 -30.85
N LEU C 96 -4.91 18.05 -31.38
CA LEU C 96 -4.44 18.04 -32.81
C LEU C 96 -5.62 17.70 -33.71
N LEU C 97 -6.56 16.86 -33.25
CA LEU C 97 -7.74 16.51 -34.06
C LEU C 97 -8.46 17.80 -34.45
N ARG C 98 -8.64 18.71 -33.52
CA ARG C 98 -9.42 19.95 -33.79
C ARG C 98 -8.51 21.02 -34.36
N ARG C 99 -7.22 21.02 -34.01
CA ARG C 99 -6.26 22.04 -34.50
C ARG C 99 -6.22 21.99 -36.02
N TYR C 100 -6.32 20.81 -36.62
CA TYR C 100 -6.31 20.64 -38.08
C TYR C 100 -7.72 20.41 -38.60
N GLN C 101 -8.71 20.53 -37.73
CA GLN C 101 -10.15 20.36 -38.06
C GLN C 101 -10.34 19.04 -38.79
N CYS C 102 -9.84 17.94 -38.21
CA CYS C 102 -9.93 16.61 -38.80
C CYS C 102 -11.37 16.06 -38.69
N CYS C 103 -11.75 15.17 -39.59
CA CYS C 103 -13.01 14.41 -39.46
C CYS C 103 -12.62 12.96 -39.31
N ILE C 104 -13.14 12.30 -38.30
CA ILE C 104 -13.05 10.83 -38.18
C ILE C 104 -14.24 10.26 -38.94
N ASP C 105 -14.02 9.83 -40.19
CA ASP C 105 -15.11 9.29 -41.05
C ASP C 105 -15.12 7.77 -40.92
N LEU C 106 -16.10 7.23 -40.23
CA LEU C 106 -16.18 5.77 -39.98
C LEU C 106 -17.08 5.14 -41.03
N LYS C 107 -17.66 5.94 -41.92
CA LYS C 107 -18.38 5.41 -43.10
C LYS C 107 -17.33 4.91 -44.08
N LYS C 108 -16.39 5.79 -44.43
CA LYS C 108 -15.32 5.50 -45.42
C LYS C 108 -14.11 4.97 -44.69
N SER C 109 -14.10 4.99 -43.36
CA SER C 109 -12.97 4.51 -42.53
C SER C 109 -11.71 5.31 -42.90
N VAL C 110 -11.80 6.64 -42.80
CA VAL C 110 -10.68 7.55 -43.14
C VAL C 110 -10.60 8.71 -42.14
N LEU C 111 -9.43 9.28 -41.99
CA LEU C 111 -9.26 10.59 -41.31
C LEU C 111 -9.22 11.63 -42.41
N ARG C 112 -10.19 12.53 -42.46
CA ARG C 112 -10.25 13.62 -43.46
C ARG C 112 -9.64 14.84 -42.80
N ILE C 113 -8.40 15.19 -43.12
CA ILE C 113 -7.65 16.23 -42.38
C ILE C 113 -8.02 17.61 -42.95
N ASP C 114 -7.86 17.78 -44.26
CA ASP C 114 -8.18 19.04 -44.95
C ASP C 114 -9.22 18.70 -46.00
N ASN C 115 -8.77 18.33 -47.19
CA ASN C 115 -9.60 17.72 -48.23
C ASN C 115 -9.03 16.35 -48.47
N GLU C 116 -7.89 16.07 -47.87
CA GLU C 116 -7.19 14.77 -48.06
C GLU C 116 -7.74 13.74 -47.05
N GLU C 117 -7.74 12.49 -47.44
CA GLU C 117 -8.29 11.38 -46.63
C GLU C 117 -7.14 10.42 -46.31
N ILE C 118 -6.98 10.07 -45.05
CA ILE C 118 -5.93 9.11 -44.61
C ILE C 118 -6.65 7.86 -44.14
N PRO C 119 -6.44 6.67 -44.74
CA PRO C 119 -7.17 5.49 -44.30
C PRO C 119 -6.74 4.95 -42.92
N PHE C 120 -7.72 4.46 -42.17
CA PHE C 120 -7.44 3.82 -40.86
C PHE C 120 -6.77 2.48 -41.15
N LEU C 121 -5.83 2.08 -40.31
CA LEU C 121 -4.99 0.89 -40.60
C LEU C 121 -5.74 -0.44 -40.33
N SER C 122 -5.47 -1.43 -41.16
CA SER C 122 -6.01 -2.81 -41.04
C SER C 122 -5.23 -3.51 -39.93
N GLU C 123 -5.78 -4.58 -39.39
CA GLU C 123 -5.22 -5.23 -38.16
C GLU C 123 -3.81 -5.77 -38.47
N LYS C 124 -3.50 -6.04 -39.75
CA LYS C 124 -2.17 -6.56 -40.16
C LYS C 124 -1.15 -5.44 -40.01
N ASP C 125 -1.53 -4.21 -40.26
CA ASP C 125 -0.61 -3.05 -40.18
C ASP C 125 -0.35 -2.76 -38.70
N ILE C 126 -0.91 -3.56 -37.80
CA ILE C 126 -0.68 -3.39 -36.33
C ILE C 126 -0.31 -4.75 -35.74
N THR C 127 0.42 -4.78 -34.64
CA THR C 127 0.76 -6.04 -33.91
C THR C 127 -0.13 -6.08 -32.66
N VAL D 3 -16.76 23.30 -25.60
CA VAL D 3 -16.45 21.95 -26.15
C VAL D 3 -15.04 21.55 -25.67
N TYR D 4 -14.82 21.67 -24.37
CA TYR D 4 -13.55 21.27 -23.71
C TYR D 4 -13.36 19.75 -23.88
N MET D 5 -14.40 19.00 -24.16
CA MET D 5 -14.29 17.65 -24.76
C MET D 5 -15.50 17.52 -25.66
N LEU D 6 -15.63 16.38 -26.35
CA LEU D 6 -16.74 16.21 -27.33
C LEU D 6 -17.93 15.57 -26.65
N PHE D 7 -19.03 16.31 -26.57
CA PHE D 7 -20.28 15.80 -25.95
C PHE D 7 -21.41 15.93 -26.96
N ILE D 8 -22.41 15.07 -26.84
CA ILE D 8 -23.64 15.11 -27.68
C ILE D 8 -24.84 14.93 -26.77
N ASP D 9 -25.97 15.55 -27.11
CA ASP D 9 -27.23 15.31 -26.38
C ASP D 9 -27.87 14.10 -27.01
N ILE D 10 -28.22 13.12 -26.19
CA ILE D 10 -28.94 11.91 -26.69
C ILE D 10 -30.05 11.61 -25.71
N GLU D 11 -30.94 10.69 -26.07
CA GLU D 11 -31.93 10.19 -25.09
C GLU D 11 -31.84 8.67 -25.09
N VAL D 12 -31.76 8.07 -23.92
CA VAL D 12 -31.74 6.59 -23.76
C VAL D 12 -32.93 6.22 -22.88
N ASN D 13 -33.75 5.30 -23.35
CA ASN D 13 -35.05 4.92 -22.70
C ASN D 13 -35.80 6.20 -22.34
N GLY D 14 -35.77 7.23 -23.21
CA GLY D 14 -36.57 8.46 -23.08
C GLY D 14 -35.89 9.55 -22.28
N VAL D 15 -34.75 9.25 -21.65
CA VAL D 15 -34.15 10.18 -20.65
C VAL D 15 -33.03 10.96 -21.32
N PRO D 16 -33.04 12.31 -21.25
CA PRO D 16 -31.93 13.12 -21.74
C PRO D 16 -30.57 12.84 -21.09
N ILE D 17 -29.54 12.67 -21.92
CA ILE D 17 -28.16 12.34 -21.45
C ILE D 17 -27.12 13.15 -22.24
N LYS D 18 -25.98 13.44 -21.63
CA LYS D 18 -24.81 14.04 -22.31
C LYS D 18 -23.86 12.91 -22.65
N ALA D 19 -23.71 12.59 -23.91
CA ALA D 19 -22.86 11.48 -24.38
C ALA D 19 -21.46 11.96 -24.75
N PHE D 20 -20.43 11.42 -24.08
CA PHE D 20 -18.99 11.73 -24.29
C PHE D 20 -18.51 10.91 -25.49
N VAL D 21 -18.04 11.58 -26.52
CA VAL D 21 -17.68 10.88 -27.79
C VAL D 21 -16.19 10.56 -27.80
N ASP D 22 -15.83 9.27 -27.71
CA ASP D 22 -14.42 8.81 -27.54
C ASP D 22 -14.08 7.73 -28.57
N SER D 23 -13.30 8.07 -29.58
CA SER D 23 -12.85 7.13 -30.63
C SER D 23 -11.84 6.13 -30.05
N GLY D 24 -11.32 6.41 -28.85
CA GLY D 24 -10.25 5.61 -28.24
C GLY D 24 -10.80 4.58 -27.29
N ALA D 25 -12.11 4.51 -27.11
CA ALA D 25 -12.76 3.48 -26.27
C ALA D 25 -13.32 2.38 -27.17
N GLN D 26 -12.94 1.12 -26.88
CA GLN D 26 -13.41 -0.03 -27.72
C GLN D 26 -14.89 -0.27 -27.48
N SER D 27 -15.39 0.12 -26.31
CA SER D 27 -16.74 -0.29 -25.87
C SER D 27 -17.51 0.88 -25.28
N THR D 28 -18.79 0.94 -25.57
CA THR D 28 -19.70 1.96 -25.02
C THR D 28 -20.08 1.56 -23.58
N PHE D 29 -20.02 2.53 -22.68
CA PHE D 29 -20.36 2.27 -21.27
C PHE D 29 -21.33 3.33 -20.78
N MET D 30 -22.17 2.92 -19.86
CA MET D 30 -23.02 3.84 -19.08
C MET D 30 -22.72 3.60 -17.60
N SER D 31 -22.76 4.67 -16.81
CA SER D 31 -22.56 4.55 -15.34
C SER D 31 -23.79 3.86 -14.75
N TYR D 32 -23.63 3.25 -13.57
CA TYR D 32 -24.75 2.62 -12.86
C TYR D 32 -25.78 3.68 -12.54
N ALA D 33 -25.33 4.84 -12.08
CA ALA D 33 -26.22 5.96 -11.72
C ALA D 33 -27.07 6.34 -12.94
N CYS D 34 -26.46 6.38 -14.11
CA CYS D 34 -27.19 6.72 -15.36
C CYS D 34 -28.17 5.59 -15.69
N ALA D 35 -27.76 4.34 -15.43
CA ALA D 35 -28.62 3.17 -15.65
C ALA D 35 -29.84 3.26 -14.73
N GLN D 36 -29.62 3.73 -13.49
CA GLN D 36 -30.74 3.82 -12.55
C GLN D 36 -31.66 4.96 -12.95
N LYS D 37 -31.09 6.09 -13.41
CA LYS D 37 -31.87 7.30 -13.78
C LYS D 37 -32.64 7.01 -15.06
N CYS D 38 -32.17 6.07 -15.90
CA CYS D 38 -32.83 5.77 -17.18
C CYS D 38 -33.77 4.58 -17.05
N SER D 39 -34.00 4.07 -15.81
CA SER D 39 -34.80 2.85 -15.55
C SER D 39 -34.37 1.72 -16.49
N LEU D 40 -33.08 1.37 -16.48
CA LEU D 40 -32.57 0.25 -17.31
C LEU D 40 -32.10 -0.88 -16.39
N LEU D 41 -32.34 -0.75 -15.07
CA LEU D 41 -31.73 -1.68 -14.12
C LEU D 41 -32.44 -3.02 -14.24
N ARG D 42 -33.76 -3.01 -14.45
CA ARG D 42 -34.54 -4.26 -14.62
C ARG D 42 -34.09 -4.96 -15.91
N LEU D 43 -33.50 -4.23 -16.83
CA LEU D 43 -32.77 -4.86 -17.95
C LEU D 43 -31.29 -4.96 -17.60
N MET D 44 -30.84 -6.08 -17.07
CA MET D 44 -29.41 -6.32 -16.85
C MET D 44 -29.06 -7.80 -17.07
N ASP D 45 -27.76 -8.13 -17.11
CA ASP D 45 -27.41 -9.57 -17.19
C ASP D 45 -26.36 -9.95 -16.16
N THR D 46 -26.01 -11.21 -16.12
CA THR D 46 -24.95 -11.81 -15.28
C THR D 46 -23.60 -11.79 -16.00
N ARG D 47 -23.52 -11.31 -17.23
CA ARG D 47 -22.26 -11.37 -17.99
C ARG D 47 -21.36 -10.18 -17.55
N TYR D 48 -20.16 -10.48 -17.02
CA TYR D 48 -19.43 -9.61 -16.07
C TYR D 48 -17.92 -9.78 -16.27
N ARG D 49 -17.09 -9.40 -15.29
CA ARG D 49 -15.61 -9.49 -15.41
C ARG D 49 -15.00 -10.50 -14.41
N GLY D 50 -15.71 -11.56 -14.02
CA GLY D 50 -15.11 -12.75 -13.37
C GLY D 50 -14.66 -12.49 -11.94
N VAL D 51 -13.52 -13.05 -11.54
CA VAL D 51 -12.98 -12.92 -10.16
C VAL D 51 -11.51 -12.46 -10.24
N ALA D 52 -10.80 -12.67 -11.36
CA ALA D 52 -9.51 -12.00 -11.62
C ALA D 52 -9.80 -10.54 -11.99
N GLN D 53 -9.19 -9.59 -11.30
CA GLN D 53 -9.57 -8.14 -11.32
C GLN D 53 -8.33 -7.25 -11.41
N GLY D 54 -8.55 -5.93 -11.55
CA GLY D 54 -7.54 -4.86 -11.42
C GLY D 54 -7.62 -4.19 -10.05
N VAL D 55 -7.38 -2.88 -9.95
CA VAL D 55 -7.21 -2.25 -8.61
C VAL D 55 -7.99 -0.94 -8.51
N GLY D 56 -8.73 -0.53 -9.55
CA GLY D 56 -9.22 0.86 -9.68
C GLY D 56 -10.55 1.03 -10.40
N LYS D 57 -10.62 0.67 -11.69
CA LYS D 57 -11.89 0.67 -12.46
C LYS D 57 -12.88 -0.21 -11.69
N THR D 58 -14.08 0.22 -11.34
CA THR D 58 -14.99 -0.68 -10.59
C THR D 58 -15.72 -1.55 -11.61
N GLU D 59 -14.98 -2.07 -12.57
CA GLU D 59 -15.34 -3.24 -13.45
C GLU D 59 -16.78 -3.22 -13.98
N ILE D 60 -17.54 -4.31 -13.94
CA ILE D 60 -18.77 -4.45 -14.77
C ILE D 60 -19.95 -4.76 -13.88
N VAL D 61 -21.03 -3.98 -13.90
CA VAL D 61 -22.29 -4.31 -13.19
C VAL D 61 -23.06 -5.32 -14.02
N GLY D 62 -23.08 -5.13 -15.33
CA GLY D 62 -23.77 -6.03 -16.26
C GLY D 62 -23.87 -5.42 -17.65
N LYS D 63 -24.53 -6.15 -18.55
CA LYS D 63 -24.65 -5.71 -19.96
C LYS D 63 -26.12 -5.47 -20.29
N ILE D 64 -26.40 -4.36 -20.97
CA ILE D 64 -27.72 -4.11 -21.58
C ILE D 64 -27.64 -4.60 -23.02
N HIS D 65 -28.31 -5.69 -23.34
CA HIS D 65 -28.23 -6.33 -24.67
C HIS D 65 -28.86 -5.45 -25.75
N LEU D 66 -29.88 -4.68 -25.42
CA LEU D 66 -30.45 -3.74 -26.39
C LEU D 66 -31.22 -2.63 -25.68
N ALA D 67 -30.99 -1.39 -26.05
CA ALA D 67 -31.75 -0.23 -25.58
C ALA D 67 -31.89 0.75 -26.74
N THR D 68 -32.93 1.55 -26.76
CA THR D 68 -33.17 2.56 -27.79
C THR D 68 -32.40 3.85 -27.47
N LEU D 69 -31.58 4.29 -28.41
CA LEU D 69 -30.95 5.64 -28.32
C LEU D 69 -31.70 6.57 -29.26
N LYS D 70 -32.01 7.79 -28.84
CA LYS D 70 -32.52 8.83 -29.74
C LYS D 70 -31.40 9.83 -29.95
N ILE D 71 -30.80 9.83 -31.14
CA ILE D 71 -29.78 10.87 -31.44
C ILE D 71 -30.36 11.67 -32.60
N GLY D 72 -30.53 12.97 -32.39
CA GLY D 72 -31.24 13.84 -33.35
C GLY D 72 -32.70 13.44 -33.43
N GLN D 73 -33.18 13.18 -34.62
CA GLN D 73 -34.60 12.82 -34.88
C GLN D 73 -34.72 11.31 -35.07
N ARG D 74 -33.61 10.60 -35.17
CA ARG D 74 -33.64 9.14 -35.47
C ARG D 74 -33.40 8.31 -34.20
N PHE D 75 -33.78 7.06 -34.22
CA PHE D 75 -33.69 6.17 -33.03
C PHE D 75 -32.75 5.04 -33.40
N PHE D 76 -31.93 4.59 -32.43
CA PHE D 76 -30.88 3.58 -32.73
C PHE D 76 -30.92 2.47 -31.69
N PRO D 77 -30.88 1.20 -32.10
CA PRO D 77 -30.77 0.10 -31.16
C PRO D 77 -29.31 -0.03 -30.72
N SER D 78 -29.06 -0.25 -29.44
CA SER D 78 -27.71 -0.12 -28.84
C SER D 78 -27.47 -1.23 -27.84
N SER D 79 -26.24 -1.74 -27.79
CA SER D 79 -25.83 -2.68 -26.71
C SER D 79 -24.69 -2.01 -25.97
N PHE D 80 -24.68 -2.04 -24.64
CA PHE D 80 -23.59 -1.39 -23.89
C PHE D 80 -23.45 -2.03 -22.52
N THR D 81 -22.37 -1.69 -21.85
CA THR D 81 -22.03 -2.23 -20.53
C THR D 81 -22.31 -1.15 -19.50
N VAL D 82 -22.76 -1.57 -18.34
CA VAL D 82 -22.95 -0.64 -17.19
C VAL D 82 -21.79 -0.83 -16.24
N LEU D 83 -21.22 0.24 -15.74
CA LEU D 83 -20.08 0.17 -14.77
C LEU D 83 -20.43 0.96 -13.52
N GLN D 84 -19.69 0.77 -12.43
CA GLN D 84 -19.97 1.49 -11.17
C GLN D 84 -19.33 2.88 -11.24
N ASP D 85 -18.39 3.06 -12.18
CA ASP D 85 -17.60 4.33 -12.24
C ASP D 85 -18.45 5.45 -12.82
N ASN D 86 -18.62 6.54 -12.05
CA ASN D 86 -19.50 7.66 -12.41
C ASN D 86 -18.69 8.75 -13.11
N LYS D 87 -17.48 8.42 -13.57
CA LYS D 87 -16.58 9.40 -14.21
C LYS D 87 -17.41 10.17 -15.21
N VAL D 88 -18.03 9.48 -16.17
CA VAL D 88 -18.92 10.13 -17.19
C VAL D 88 -20.23 9.34 -17.24
N GLU D 89 -21.32 9.99 -17.59
CA GLU D 89 -22.65 9.34 -17.54
C GLU D 89 -22.68 8.28 -18.64
N PHE D 90 -22.37 8.72 -19.86
CA PHE D 90 -22.42 7.79 -21.03
C PHE D 90 -21.23 8.06 -21.95
N LEU D 91 -20.45 7.02 -22.22
CA LEU D 91 -19.27 7.10 -23.11
C LEU D 91 -19.65 6.45 -24.42
N PHE D 92 -19.76 7.23 -25.49
CA PHE D 92 -20.12 6.72 -26.84
C PHE D 92 -18.82 6.27 -27.49
N GLY D 93 -18.60 4.95 -27.53
CA GLY D 93 -17.31 4.36 -27.93
C GLY D 93 -17.27 4.00 -29.41
N LEU D 94 -16.14 3.43 -29.83
CA LEU D 94 -15.85 3.09 -31.25
C LEU D 94 -16.83 2.03 -31.75
N ASP D 95 -17.27 1.14 -30.87
CA ASP D 95 -18.28 0.12 -31.22
C ASP D 95 -19.47 0.80 -31.90
N LEU D 96 -20.11 1.75 -31.22
CA LEU D 96 -21.32 2.45 -31.71
C LEU D 96 -20.92 3.45 -32.81
N LEU D 97 -19.76 4.08 -32.67
CA LEU D 97 -19.30 5.05 -33.67
C LEU D 97 -19.25 4.38 -35.04
N ARG D 98 -18.73 3.16 -35.12
CA ARG D 98 -18.58 2.43 -36.38
C ARG D 98 -19.88 1.75 -36.77
N ARG D 99 -20.68 1.30 -35.81
CA ARG D 99 -21.93 0.54 -36.09
C ARG D 99 -22.85 1.42 -36.93
N TYR D 100 -22.90 2.72 -36.62
CA TYR D 100 -23.78 3.68 -37.33
C TYR D 100 -22.94 4.51 -38.30
N GLN D 101 -21.68 4.13 -38.50
CA GLN D 101 -20.76 4.74 -39.48
C GLN D 101 -20.75 6.26 -39.31
N CYS D 102 -20.49 6.72 -38.10
CA CYS D 102 -20.53 8.15 -37.72
C CYS D 102 -19.29 8.87 -38.24
N CYS D 103 -19.40 10.18 -38.47
CA CYS D 103 -18.20 11.01 -38.74
C CYS D 103 -18.11 12.05 -37.64
N ILE D 104 -16.95 12.17 -37.00
CA ILE D 104 -16.74 13.24 -35.99
C ILE D 104 -16.20 14.44 -36.77
N ASP D 105 -17.04 15.41 -37.09
CA ASP D 105 -16.65 16.57 -37.92
C ASP D 105 -16.27 17.74 -37.01
N LEU D 106 -14.97 18.03 -36.91
CA LEU D 106 -14.52 19.15 -36.04
C LEU D 106 -14.37 20.43 -36.86
N LYS D 107 -14.68 20.37 -38.13
CA LYS D 107 -14.80 21.58 -38.99
C LYS D 107 -16.12 22.25 -38.62
N LYS D 108 -17.21 21.51 -38.71
CA LYS D 108 -18.57 22.02 -38.45
C LYS D 108 -18.92 21.81 -36.98
N SER D 109 -18.06 21.08 -36.24
CA SER D 109 -18.31 20.75 -34.82
C SER D 109 -19.63 19.99 -34.70
N VAL D 110 -19.76 18.89 -35.45
CA VAL D 110 -21.00 18.06 -35.44
C VAL D 110 -20.65 16.57 -35.53
N LEU D 111 -21.55 15.71 -35.04
CA LEU D 111 -21.48 14.26 -35.31
C LEU D 111 -22.47 14.01 -36.46
N ARG D 112 -21.98 13.50 -37.58
CA ARG D 112 -22.89 13.08 -38.70
C ARG D 112 -23.15 11.60 -38.57
N ILE D 113 -24.37 11.21 -38.15
CA ILE D 113 -24.62 9.74 -37.87
C ILE D 113 -25.34 8.79 -38.87
N ASP D 114 -26.48 9.17 -39.44
CA ASP D 114 -27.09 8.43 -40.57
C ASP D 114 -27.11 9.38 -41.78
N ASN D 115 -27.87 10.49 -41.74
CA ASN D 115 -27.57 11.58 -42.70
C ASN D 115 -27.52 12.86 -41.90
N GLU D 116 -28.13 12.87 -40.72
CA GLU D 116 -28.30 14.10 -39.91
C GLU D 116 -26.99 14.50 -39.23
N GLU D 117 -26.88 15.76 -38.86
CA GLU D 117 -25.73 16.29 -38.11
C GLU D 117 -26.17 16.70 -36.71
N ILE D 118 -25.49 16.23 -35.68
CA ILE D 118 -25.84 16.49 -34.26
C ILE D 118 -24.72 17.36 -33.70
N PRO D 119 -25.02 18.57 -33.17
CA PRO D 119 -23.94 19.45 -32.73
C PRO D 119 -23.25 19.04 -31.42
N PHE D 120 -21.96 19.25 -31.36
CA PHE D 120 -21.15 19.03 -30.13
C PHE D 120 -21.50 20.16 -29.16
N LEU D 121 -21.61 19.81 -27.90
CA LEU D 121 -22.17 20.69 -26.84
C LEU D 121 -21.17 21.75 -26.39
N SER D 122 -21.67 22.95 -26.12
CA SER D 122 -20.86 24.10 -25.62
C SER D 122 -20.60 23.86 -24.14
N GLU D 123 -19.64 24.59 -23.60
CA GLU D 123 -19.23 24.49 -22.18
C GLU D 123 -20.43 24.81 -21.27
N LYS D 124 -21.43 25.56 -21.75
CA LYS D 124 -22.61 25.93 -20.93
C LYS D 124 -23.42 24.67 -20.66
N ASP D 125 -23.53 23.81 -21.69
CA ASP D 125 -24.39 22.62 -21.61
C ASP D 125 -23.70 21.61 -20.69
N ILE D 126 -22.50 21.94 -20.19
CA ILE D 126 -21.74 21.01 -19.32
C ILE D 126 -21.43 21.73 -18.00
N THR D 127 -21.30 20.95 -16.91
CA THR D 127 -21.32 21.49 -15.51
C THR D 127 -19.97 22.12 -15.16
N LYS D 128 -19.95 22.83 -14.02
CA LYS D 128 -18.75 23.56 -13.52
C LYS D 128 -17.53 22.82 -14.06
N VAL E 3 35.14 21.75 7.15
CA VAL E 3 34.10 22.41 6.37
C VAL E 3 33.56 21.42 5.33
N TYR E 4 33.63 20.11 5.60
CA TYR E 4 33.11 19.05 4.73
C TYR E 4 31.60 19.23 4.51
N MET E 5 30.94 20.04 5.30
CA MET E 5 29.60 20.58 5.00
C MET E 5 29.61 21.99 5.60
N LEU E 6 28.67 22.86 5.22
CA LEU E 6 28.78 24.28 5.56
C LEU E 6 27.99 24.52 6.86
N PHE E 7 28.69 24.95 7.89
CA PHE E 7 28.03 25.36 9.16
C PHE E 7 28.46 26.78 9.50
N ILE E 8 27.61 27.51 10.20
CA ILE E 8 27.92 28.88 10.69
C ILE E 8 27.52 28.94 12.17
N ASP E 9 28.20 29.74 12.96
CA ASP E 9 27.80 30.03 14.36
C ASP E 9 26.83 31.21 14.28
N ILE E 10 25.65 31.07 14.83
CA ILE E 10 24.66 32.19 14.92
C ILE E 10 24.04 32.16 16.30
N GLU E 11 23.24 33.15 16.63
CA GLU E 11 22.43 33.13 17.87
C GLU E 11 20.96 33.38 17.51
N VAL E 12 20.05 32.61 18.11
CA VAL E 12 18.60 32.92 18.00
C VAL E 12 18.06 33.22 19.39
N ASN E 13 17.49 34.41 19.55
CA ASN E 13 16.97 34.93 20.83
C ASN E 13 18.09 34.73 21.89
N GLY E 14 19.32 35.00 21.52
CA GLY E 14 20.49 35.06 22.44
C GLY E 14 21.19 33.72 22.58
N VAL E 15 20.69 32.66 22.00
CA VAL E 15 21.22 31.30 22.29
C VAL E 15 22.16 30.89 21.17
N PRO E 16 23.44 30.54 21.46
CA PRO E 16 24.36 30.06 20.43
C PRO E 16 23.87 28.78 19.71
N ILE E 17 23.94 28.80 18.38
CA ILE E 17 23.44 27.70 17.50
C ILE E 17 24.45 27.46 16.37
N LYS E 18 24.54 26.22 15.89
CA LYS E 18 25.33 25.85 14.70
C LYS E 18 24.36 25.77 13.54
N ALA E 19 24.43 26.68 12.60
CA ALA E 19 23.50 26.73 11.45
C ALA E 19 24.06 25.99 10.24
N PHE E 20 23.34 24.99 9.75
CA PHE E 20 23.69 24.21 8.52
C PHE E 20 23.21 25.01 7.31
N VAL E 21 24.12 25.42 6.45
CA VAL E 21 23.78 26.31 5.30
C VAL E 21 23.48 25.46 4.06
N ASP E 22 22.23 25.45 3.60
CA ASP E 22 21.72 24.56 2.51
C ASP E 22 20.95 25.38 1.45
N SER E 23 21.58 25.64 0.34
CA SER E 23 20.99 26.39 -0.79
C SER E 23 19.90 25.54 -1.47
N GLY E 24 19.83 24.24 -1.15
CA GLY E 24 18.89 23.31 -1.79
C GLY E 24 17.59 23.17 -1.02
N ALA E 25 17.48 23.82 0.13
CA ALA E 25 16.26 23.80 0.96
C ALA E 25 15.46 25.08 0.74
N GLN E 26 14.18 24.94 0.40
CA GLN E 26 13.29 26.10 0.14
C GLN E 26 13.02 26.81 1.47
N SER E 27 13.05 26.07 2.58
CA SER E 27 12.48 26.60 3.84
C SER E 27 13.39 26.32 5.04
N THR E 28 13.52 27.28 5.95
CA THR E 28 14.40 27.18 7.12
C THR E 28 13.68 26.35 8.19
N PHE E 29 14.38 25.39 8.80
CA PHE E 29 13.79 24.57 9.88
C PHE E 29 14.67 24.56 11.12
N MET E 30 14.06 24.36 12.27
CA MET E 30 14.78 24.18 13.54
C MET E 30 14.20 22.92 14.19
N SER E 31 15.04 22.14 14.86
CA SER E 31 14.57 20.93 15.57
C SER E 31 13.77 21.33 16.78
N TYR E 32 12.90 20.45 17.24
CA TYR E 32 12.13 20.65 18.48
C TYR E 32 13.10 20.80 19.65
N ALA E 33 14.17 20.02 19.66
CA ALA E 33 15.16 20.06 20.76
C ALA E 33 15.79 21.46 20.78
N CYS E 34 16.09 22.01 19.62
CA CYS E 34 16.69 23.37 19.55
C CYS E 34 15.63 24.39 19.94
N ALA E 35 14.38 24.16 19.60
CA ALA E 35 13.25 25.03 20.03
C ALA E 35 13.15 25.01 21.55
N GLN E 36 13.38 23.87 22.16
CA GLN E 36 13.33 23.72 23.62
C GLN E 36 14.50 24.49 24.23
N LYS E 37 15.69 24.35 23.65
CA LYS E 37 16.93 24.99 24.12
C LYS E 37 16.82 26.50 23.95
N CYS E 38 16.06 26.98 22.97
CA CYS E 38 15.87 28.45 22.75
C CYS E 38 14.60 28.94 23.47
N SER E 39 13.91 28.06 24.21
CA SER E 39 12.62 28.31 24.90
C SER E 39 11.63 29.02 23.95
N LEU E 40 11.36 28.41 22.82
CA LEU E 40 10.49 28.96 21.76
C LEU E 40 9.27 28.08 21.60
N LEU E 41 9.06 27.15 22.54
CA LEU E 41 7.94 26.20 22.44
C LEU E 41 6.66 26.98 22.69
N ARG E 42 6.69 27.92 23.64
CA ARG E 42 5.51 28.70 24.01
C ARG E 42 5.15 29.61 22.84
N LEU E 43 6.13 29.95 22.02
CA LEU E 43 5.91 30.79 20.81
C LEU E 43 5.60 29.87 19.62
N MET E 44 4.35 29.71 19.24
CA MET E 44 4.08 28.79 18.10
C MET E 44 2.82 29.24 17.36
N ASP E 45 2.60 28.59 16.24
CA ASP E 45 1.37 28.81 15.42
C ASP E 45 0.73 27.45 15.14
N THR E 46 -0.38 27.46 14.40
CA THR E 46 -1.26 26.28 14.19
C THR E 46 -0.54 25.24 13.33
N ARG E 47 0.05 25.71 12.26
CA ARG E 47 0.67 24.86 11.21
C ARG E 47 2.19 24.86 11.35
N ARG E 49 -1.06 21.18 6.44
CA ARG E 49 -0.30 20.46 5.38
C ARG E 49 -1.17 19.36 4.74
N GLY E 50 -2.50 19.52 4.77
CA GLY E 50 -3.42 18.71 3.96
C GLY E 50 -3.75 17.39 4.61
N VAL E 51 -3.72 16.28 3.85
CA VAL E 51 -4.07 14.92 4.34
C VAL E 51 -3.07 13.96 3.70
N VAL E 55 7.29 9.76 2.49
CA VAL E 55 7.33 8.99 3.77
C VAL E 55 8.03 9.81 4.86
N GLY E 56 8.41 11.09 4.62
CA GLY E 56 9.34 11.83 5.49
C GLY E 56 9.10 13.33 5.54
N LYS E 57 10.09 14.07 6.04
CA LYS E 57 10.07 15.54 6.26
C LYS E 57 9.38 15.86 7.59
N THR E 58 8.80 14.87 8.27
CA THR E 58 8.44 14.93 9.73
C THR E 58 7.34 16.00 9.95
N GLU E 59 6.51 16.21 8.94
CA GLU E 59 5.32 17.12 9.05
C GLU E 59 5.73 18.40 9.77
N ILE E 60 5.07 18.80 10.83
CA ILE E 60 5.30 20.14 11.45
C ILE E 60 5.00 20.08 12.93
N VAL E 61 5.74 20.82 13.75
CA VAL E 61 5.29 21.05 15.16
C VAL E 61 4.55 22.39 15.14
N GLY E 62 5.19 23.40 14.57
CA GLY E 62 4.64 24.78 14.58
C GLY E 62 5.52 25.74 13.84
N LYS E 63 5.06 26.97 13.65
CA LYS E 63 5.88 28.04 13.03
C LYS E 63 6.27 29.10 14.06
N ILE E 64 7.51 29.55 13.99
CA ILE E 64 7.99 30.74 14.73
C ILE E 64 7.86 31.94 13.77
N HIS E 65 6.94 32.84 14.01
CA HIS E 65 6.69 34.01 13.18
C HIS E 65 7.88 34.98 13.12
N LEU E 66 8.53 35.14 14.23
CA LEU E 66 9.72 35.99 14.28
C LEU E 66 10.63 35.56 15.42
N ALA E 67 11.89 35.36 15.11
CA ALA E 67 12.96 35.20 16.10
C ALA E 67 14.13 36.02 15.59
N THR E 68 14.84 36.66 16.50
CA THR E 68 15.97 37.55 16.18
C THR E 68 17.24 36.73 16.05
N LEU E 69 17.90 36.80 14.89
CA LEU E 69 19.13 36.07 14.62
C LEU E 69 20.33 37.00 14.73
N LYS E 70 21.39 36.57 15.39
CA LYS E 70 22.66 37.31 15.43
C LYS E 70 23.65 36.55 14.59
N ILE E 71 23.99 37.05 13.43
CA ILE E 71 25.03 36.43 12.57
C ILE E 71 26.08 37.52 12.41
N GLY E 72 27.30 37.23 12.85
CA GLY E 72 28.35 38.25 13.01
C GLY E 72 27.93 39.22 14.12
N GLN E 73 28.10 40.50 13.84
CA GLN E 73 27.80 41.59 14.79
C GLN E 73 26.44 42.21 14.45
N ARG E 74 25.72 41.65 13.48
CA ARG E 74 24.44 42.23 13.02
C ARG E 74 23.29 41.31 13.42
N PHE E 75 22.10 41.88 13.54
CA PHE E 75 20.90 41.14 14.03
C PHE E 75 19.89 41.08 12.90
N PHE E 76 19.18 39.97 12.78
CA PHE E 76 18.27 39.72 11.64
C PHE E 76 16.94 39.20 12.11
N PRO E 77 15.81 39.67 11.55
CA PRO E 77 14.51 39.07 11.86
C PRO E 77 14.35 37.80 11.01
N SER E 78 13.81 36.73 11.59
CA SER E 78 13.63 35.46 10.88
C SER E 78 12.27 34.84 11.18
N SER E 79 11.74 34.10 10.24
CA SER E 79 10.60 33.20 10.44
C SER E 79 11.09 31.80 10.06
N PHE E 80 10.67 30.76 10.78
CA PHE E 80 11.04 29.37 10.43
C PHE E 80 10.05 28.40 11.06
N THR E 81 10.22 27.12 10.71
CA THR E 81 9.31 26.05 11.13
C THR E 81 10.07 25.20 12.14
N VAL E 82 9.37 24.66 13.12
CA VAL E 82 9.96 23.67 14.05
C VAL E 82 9.49 22.28 13.62
N LEU E 83 10.44 21.35 13.60
CA LEU E 83 10.19 19.96 13.20
C LEU E 83 10.62 19.03 14.34
N GLN E 84 10.15 17.80 14.31
CA GLN E 84 10.62 16.73 15.22
C GLN E 84 11.86 16.12 14.61
N ASP E 85 12.25 16.52 13.41
CA ASP E 85 13.40 15.98 12.66
C ASP E 85 14.71 16.48 13.28
N ASN E 86 15.60 15.54 13.56
CA ASN E 86 16.81 15.81 14.39
C ASN E 86 18.02 15.99 13.49
N LYS E 87 17.79 16.13 12.16
CA LYS E 87 18.92 16.02 11.18
C LYS E 87 20.02 16.95 11.70
N VAL E 88 19.68 18.23 11.84
CA VAL E 88 20.54 19.34 12.29
C VAL E 88 19.73 20.15 13.29
N GLU E 89 20.36 20.92 14.18
CA GLU E 89 19.61 21.77 15.12
C GLU E 89 18.94 22.89 14.30
N PHE E 90 19.64 23.51 13.35
CA PHE E 90 19.04 24.58 12.54
C PHE E 90 19.53 24.50 11.09
N LEU E 91 18.61 24.46 10.15
CA LEU E 91 18.88 24.38 8.69
C LEU E 91 18.61 25.74 8.10
N PHE E 92 19.66 26.47 7.71
CA PHE E 92 19.55 27.83 7.15
C PHE E 92 19.29 27.63 5.65
N GLY E 93 18.02 27.82 5.24
CA GLY E 93 17.58 27.48 3.87
C GLY E 93 17.61 28.69 2.94
N LEU E 94 17.18 28.49 1.72
CA LEU E 94 17.24 29.47 0.61
C LEU E 94 16.35 30.66 0.94
N ASP E 95 15.27 30.45 1.67
CA ASP E 95 14.39 31.56 2.12
C ASP E 95 15.25 32.63 2.79
N LEU E 96 15.99 32.28 3.83
CA LEU E 96 16.83 33.23 4.60
C LEU E 96 18.07 33.62 3.80
N LEU E 97 18.64 32.69 3.05
CA LEU E 97 19.85 32.96 2.24
C LEU E 97 19.56 34.14 1.30
N ARG E 98 18.40 34.16 0.68
CA ARG E 98 18.05 35.23 -0.29
C ARG E 98 17.44 36.43 0.43
N ARG E 99 16.73 36.22 1.55
CA ARG E 99 16.05 37.30 2.29
C ARG E 99 17.10 38.30 2.75
N TYR E 100 18.29 37.86 3.12
CA TYR E 100 19.37 38.75 3.60
C TYR E 100 20.40 38.92 2.49
N GLN E 101 20.12 38.40 1.29
CA GLN E 101 21.01 38.54 0.11
C GLN E 101 22.42 38.12 0.51
N CYS E 102 22.55 36.90 1.03
CA CYS E 102 23.85 36.32 1.43
C CYS E 102 24.64 35.93 0.17
N CYS E 103 25.96 35.91 0.28
CA CYS E 103 26.84 35.19 -0.69
C CYS E 103 27.49 34.06 0.10
N ILE E 104 27.37 32.84 -0.38
CA ILE E 104 28.17 31.69 0.11
C ILE E 104 29.49 31.73 -0.66
N ASP E 105 30.53 32.28 -0.05
CA ASP E 105 31.84 32.48 -0.69
C ASP E 105 32.76 31.32 -0.31
N LEU E 106 33.01 30.40 -1.22
CA LEU E 106 33.83 29.21 -0.92
C LEU E 106 35.28 29.48 -1.30
N LYS E 107 35.56 30.66 -1.88
CA LYS E 107 36.95 31.09 -2.11
C LYS E 107 37.51 31.53 -0.76
N LYS E 108 36.84 32.44 -0.09
CA LYS E 108 37.26 32.99 1.23
C LYS E 108 36.68 32.13 2.35
N SER E 109 35.80 31.20 2.01
CA SER E 109 35.15 30.27 2.96
C SER E 109 34.40 31.09 4.02
N VAL E 110 33.49 31.97 3.55
CA VAL E 110 32.70 32.85 4.46
C VAL E 110 31.28 32.99 3.93
N LEU E 111 30.34 33.32 4.83
CA LEU E 111 29.00 33.78 4.41
C LEU E 111 29.04 35.31 4.46
N ARG E 112 28.90 35.97 3.31
CA ARG E 112 28.93 37.44 3.23
C ARG E 112 27.48 37.92 3.24
N ILE E 113 27.01 38.47 4.36
CA ILE E 113 25.55 38.72 4.52
C ILE E 113 25.22 40.14 4.09
N ASP E 114 25.78 41.17 4.72
CA ASP E 114 25.52 42.57 4.29
C ASP E 114 26.73 43.12 3.53
N ASN E 115 27.79 43.42 4.24
CA ASN E 115 29.14 43.59 3.68
C ASN E 115 30.05 42.76 4.57
N GLU E 116 29.51 42.24 5.68
CA GLU E 116 30.30 41.55 6.70
C GLU E 116 30.44 40.07 6.35
N GLU E 117 31.53 39.44 6.77
CA GLU E 117 31.86 38.05 6.40
C GLU E 117 31.83 37.19 7.66
N ILE E 118 31.09 36.09 7.63
CA ILE E 118 31.00 35.17 8.78
C ILE E 118 31.67 33.87 8.35
N PRO E 119 32.73 33.41 9.03
CA PRO E 119 33.46 32.24 8.55
C PRO E 119 32.73 30.91 8.73
N PHE E 120 32.89 30.03 7.75
CA PHE E 120 32.34 28.66 7.82
C PHE E 120 33.15 27.90 8.86
N LEU E 121 32.49 27.04 9.61
CA LEU E 121 33.11 26.32 10.76
C LEU E 121 33.99 25.17 10.26
N SER E 122 35.09 24.95 10.98
CA SER E 122 36.06 23.89 10.67
C SER E 122 35.44 22.54 11.05
N GLU E 123 35.99 21.45 10.53
CA GLU E 123 35.49 20.09 10.79
C GLU E 123 35.59 19.80 12.31
N LYS E 124 36.49 20.46 13.02
CA LYS E 124 36.69 20.29 14.48
C LYS E 124 35.45 20.80 15.21
N ASP E 125 34.89 21.90 14.73
CA ASP E 125 33.75 22.56 15.41
C ASP E 125 32.52 21.67 15.23
N ILE E 126 32.63 20.58 14.45
CA ILE E 126 31.43 19.75 14.13
C ILE E 126 31.74 18.28 14.36
N THR E 127 30.75 17.37 14.30
CA THR E 127 30.93 15.91 14.05
C THR E 127 30.16 15.53 12.78
N VAL F 3 14.67 33.85 -7.73
CA VAL F 3 15.11 32.63 -8.41
C VAL F 3 14.36 31.40 -7.84
N TYR F 4 13.69 31.52 -6.71
CA TYR F 4 12.67 30.54 -6.23
C TYR F 4 13.30 29.20 -5.84
N MET F 5 14.10 28.53 -6.66
CA MET F 5 15.17 27.60 -6.19
C MET F 5 16.37 27.93 -7.10
N LEU F 6 17.59 27.54 -6.78
CA LEU F 6 18.78 28.03 -7.51
C LEU F 6 19.12 27.09 -8.65
N PHE F 7 19.02 27.58 -9.87
CA PHE F 7 19.39 26.83 -11.09
C PHE F 7 20.40 27.65 -11.88
N ILE F 8 21.25 26.98 -12.65
CA ILE F 8 22.22 27.62 -13.57
C ILE F 8 22.16 26.90 -14.91
N ASP F 9 22.42 27.59 -16.00
CA ASP F 9 22.59 26.96 -17.33
C ASP F 9 24.04 26.51 -17.41
N ILE F 10 24.28 25.23 -17.70
CA ILE F 10 25.64 24.70 -17.95
C ILE F 10 25.56 23.83 -19.19
N GLU F 11 26.70 23.35 -19.68
CA GLU F 11 26.70 22.33 -20.74
C GLU F 11 27.57 21.17 -20.27
N VAL F 12 27.09 19.94 -20.49
CA VAL F 12 27.96 18.75 -20.27
C VAL F 12 28.04 18.01 -21.61
N ASN F 13 29.26 17.76 -22.10
CA ASN F 13 29.50 17.11 -23.40
C ASN F 13 28.74 17.93 -24.46
N GLY F 14 28.62 19.25 -24.31
CA GLY F 14 28.06 20.15 -25.32
C GLY F 14 26.57 20.35 -25.18
N VAL F 15 25.92 19.62 -24.25
CA VAL F 15 24.43 19.63 -24.21
C VAL F 15 23.97 20.61 -23.12
N PRO F 16 23.07 21.57 -23.46
CA PRO F 16 22.54 22.50 -22.47
C PRO F 16 21.76 21.80 -21.34
N ILE F 17 22.06 22.18 -20.10
CA ILE F 17 21.51 21.50 -18.89
C ILE F 17 21.20 22.54 -17.82
N LYS F 18 20.15 22.32 -17.04
CA LYS F 18 19.78 23.22 -15.92
C LYS F 18 20.34 22.62 -14.64
N ALA F 19 21.35 23.24 -14.06
CA ALA F 19 22.03 22.69 -12.86
C ALA F 19 21.44 23.27 -11.58
N PHE F 20 20.95 22.43 -10.69
CA PHE F 20 20.37 22.77 -9.35
C PHE F 20 21.52 22.95 -8.38
N VAL F 21 21.67 24.15 -7.84
CA VAL F 21 22.84 24.51 -6.98
C VAL F 21 22.45 24.22 -5.53
N ASP F 22 23.07 23.20 -4.93
CA ASP F 22 22.75 22.70 -3.57
C ASP F 22 24.03 22.63 -2.75
N SER F 23 24.22 23.60 -1.86
CA SER F 23 25.38 23.67 -0.97
C SER F 23 25.26 22.60 0.12
N GLY F 24 24.11 21.97 0.25
CA GLY F 24 23.83 20.97 1.31
C GLY F 24 24.07 19.56 0.83
N ALA F 25 24.44 19.38 -0.43
CA ALA F 25 24.72 18.05 -1.02
C ALA F 25 26.23 17.88 -1.08
N GLN F 26 26.73 16.78 -0.51
CA GLN F 26 28.17 16.48 -0.43
C GLN F 26 28.68 16.15 -1.83
N SER F 27 27.80 15.63 -2.69
CA SER F 27 28.22 14.98 -3.94
C SER F 27 27.36 15.41 -5.13
N THR F 28 27.99 15.62 -6.28
CA THR F 28 27.28 16.07 -7.50
C THR F 28 26.65 14.83 -8.16
N PHE F 29 25.43 14.95 -8.63
CA PHE F 29 24.74 13.83 -9.33
C PHE F 29 24.13 14.32 -10.63
N MET F 30 24.00 13.41 -11.58
CA MET F 30 23.20 13.66 -12.80
C MET F 30 22.22 12.50 -12.91
N SER F 31 20.99 12.77 -13.35
CA SER F 31 19.99 11.72 -13.55
C SER F 31 20.42 10.82 -14.71
N TYR F 32 19.91 9.59 -14.74
CA TYR F 32 20.26 8.63 -15.81
C TYR F 32 19.71 9.16 -17.11
N ALA F 33 18.51 9.69 -17.09
CA ALA F 33 17.84 10.29 -18.27
C ALA F 33 18.72 11.41 -18.81
N CYS F 34 19.29 12.25 -17.95
CA CYS F 34 20.18 13.34 -18.38
C CYS F 34 21.47 12.74 -18.95
N ALA F 35 21.95 11.66 -18.35
CA ALA F 35 23.13 10.94 -18.87
C ALA F 35 22.84 10.43 -20.29
N GLN F 36 21.63 9.95 -20.50
CA GLN F 36 21.20 9.41 -21.79
C GLN F 36 21.11 10.55 -22.81
N LYS F 37 20.53 11.68 -22.42
CA LYS F 37 20.35 12.86 -23.30
C LYS F 37 21.72 13.41 -23.70
N CYS F 38 22.72 13.29 -22.82
CA CYS F 38 24.04 13.89 -23.05
C CYS F 38 25.02 12.86 -23.65
N SER F 39 24.56 11.66 -24.03
CA SER F 39 25.43 10.58 -24.57
C SER F 39 26.63 10.34 -23.64
N LEU F 40 26.38 10.11 -22.35
CA LEU F 40 27.46 9.88 -21.36
C LEU F 40 27.34 8.46 -20.83
N LEU F 41 26.46 7.65 -21.36
CA LEU F 41 26.20 6.29 -20.87
C LEU F 41 27.42 5.43 -21.16
N ARG F 42 28.05 5.66 -22.30
CA ARG F 42 29.27 5.01 -22.79
C ARG F 42 30.39 5.32 -21.80
N LEU F 43 30.33 6.43 -21.10
CA LEU F 43 31.25 6.69 -19.96
C LEU F 43 30.50 6.37 -18.69
N MET F 44 30.64 5.18 -18.13
CA MET F 44 29.96 4.83 -16.86
C MET F 44 30.82 3.81 -16.11
N ASP F 45 30.44 3.49 -14.88
CA ASP F 45 31.19 2.53 -14.03
C ASP F 45 30.26 1.46 -13.48
N THR F 46 30.86 0.50 -12.75
CA THR F 46 30.22 -0.74 -12.28
C THR F 46 30.06 -0.59 -10.77
N ARG F 47 29.63 0.60 -10.27
CA ARG F 47 29.33 0.88 -8.85
C ARG F 47 27.81 1.06 -8.63
N ILE F 60 22.01 3.69 -7.52
CA ILE F 60 23.24 4.27 -8.17
C ILE F 60 23.62 3.49 -9.44
N VAL F 61 23.76 4.19 -10.57
CA VAL F 61 23.87 3.54 -11.89
C VAL F 61 25.36 3.38 -12.17
N GLY F 62 26.15 4.39 -11.89
CA GLY F 62 27.60 4.39 -12.18
C GLY F 62 28.25 5.72 -11.91
N LYS F 63 29.57 5.79 -12.04
CA LYS F 63 30.34 7.04 -11.88
C LYS F 63 30.92 7.47 -13.22
N ILE F 64 30.80 8.77 -13.50
CA ILE F 64 31.52 9.41 -14.63
C ILE F 64 32.83 9.95 -14.07
N HIS F 65 33.95 9.37 -14.45
CA HIS F 65 35.27 9.73 -13.89
C HIS F 65 35.66 11.14 -14.35
N LEU F 66 35.32 11.51 -15.57
CA LEU F 66 35.65 12.87 -16.06
C LEU F 66 34.72 13.24 -17.20
N ALA F 67 34.19 14.44 -17.15
CA ALA F 67 33.41 15.03 -18.26
C ALA F 67 33.69 16.52 -18.24
N THR F 68 33.53 17.15 -19.39
CA THR F 68 33.73 18.58 -19.67
C THR F 68 32.46 19.34 -19.28
N LEU F 69 32.58 20.28 -18.37
CA LEU F 69 31.46 21.19 -18.03
C LEU F 69 31.79 22.54 -18.67
N LYS F 70 30.81 23.15 -19.33
CA LYS F 70 30.98 24.55 -19.76
C LYS F 70 30.10 25.42 -18.90
N ILE F 71 30.69 26.18 -18.01
CA ILE F 71 29.96 27.07 -17.09
C ILE F 71 30.44 28.46 -17.45
N GLY F 72 29.54 29.30 -17.96
CA GLY F 72 29.91 30.60 -18.55
C GLY F 72 30.79 30.41 -19.78
N GLN F 73 31.92 31.08 -19.79
CA GLN F 73 32.86 31.07 -20.93
C GLN F 73 33.99 30.06 -20.66
N ARG F 74 34.03 29.45 -19.48
CA ARG F 74 35.17 28.57 -19.10
C ARG F 74 34.73 27.10 -19.06
N PHE F 75 35.67 26.19 -19.23
CA PHE F 75 35.42 24.74 -19.25
C PHE F 75 36.02 24.11 -18.00
N PHE F 76 35.32 23.13 -17.45
CA PHE F 76 35.76 22.52 -16.17
C PHE F 76 35.78 21.01 -16.30
N PRO F 77 36.84 20.35 -15.78
CA PRO F 77 36.83 18.89 -15.68
C PRO F 77 36.00 18.50 -14.46
N SER F 78 35.16 17.48 -14.58
CA SER F 78 34.18 17.13 -13.53
C SER F 78 34.06 15.62 -13.39
N SER F 79 33.77 15.18 -12.18
CA SER F 79 33.47 13.78 -11.86
C SER F 79 32.11 13.83 -11.16
N PHE F 80 31.22 12.90 -11.46
CA PHE F 80 29.91 12.85 -10.76
C PHE F 80 29.35 11.44 -10.81
N THR F 81 28.26 11.23 -10.09
CA THR F 81 27.58 9.93 -10.04
C THR F 81 26.27 10.06 -10.84
N VAL F 82 25.87 8.97 -11.46
CA VAL F 82 24.58 8.93 -12.19
C VAL F 82 23.61 8.14 -11.34
N LEU F 83 22.39 8.63 -11.21
CA LEU F 83 21.33 7.97 -10.40
C LEU F 83 20.08 7.78 -11.23
N GLN F 84 19.12 6.98 -10.82
CA GLN F 84 17.89 6.72 -11.59
C GLN F 84 16.87 7.83 -11.28
N ASP F 85 17.13 8.63 -10.24
CA ASP F 85 16.12 9.59 -9.72
C ASP F 85 16.06 10.83 -10.63
N ASN F 86 14.87 11.29 -10.99
CA ASN F 86 14.75 12.47 -11.87
C ASN F 86 14.36 13.69 -11.03
N LYS F 87 14.69 13.66 -9.73
CA LYS F 87 14.36 14.80 -8.86
C LYS F 87 14.80 16.07 -9.57
N VAL F 88 16.07 16.15 -9.98
CA VAL F 88 16.61 17.20 -10.88
C VAL F 88 17.43 16.51 -11.97
N GLU F 89 17.64 17.14 -13.11
CA GLU F 89 18.51 16.56 -14.16
C GLU F 89 19.96 16.61 -13.64
N PHE F 90 20.42 17.68 -13.04
CA PHE F 90 21.82 17.78 -12.54
C PHE F 90 21.86 18.56 -11.24
N LEU F 91 22.44 17.98 -10.20
CA LEU F 91 22.61 18.62 -8.88
C LEU F 91 24.06 19.04 -8.73
N PHE F 92 24.36 20.34 -8.75
CA PHE F 92 25.72 20.87 -8.61
C PHE F 92 25.99 20.98 -7.11
N GLY F 93 26.75 20.02 -6.56
CA GLY F 93 26.90 19.85 -5.09
C GLY F 93 28.15 20.55 -4.54
N LEU F 94 28.38 20.40 -3.24
CA LEU F 94 29.45 21.12 -2.51
C LEU F 94 30.82 20.68 -3.00
N ASP F 95 30.97 19.45 -3.42
CA ASP F 95 32.22 18.93 -4.01
C ASP F 95 32.70 19.91 -5.08
N LEU F 96 31.87 20.16 -6.10
CA LEU F 96 32.22 21.02 -7.25
C LEU F 96 32.15 22.49 -6.82
N LEU F 97 31.24 22.84 -5.93
CA LEU F 97 31.12 24.24 -5.45
C LEU F 97 32.46 24.69 -4.89
N ARG F 98 33.11 23.82 -4.11
CA ARG F 98 34.38 24.18 -3.44
C ARG F 98 35.56 23.91 -4.36
N ARG F 99 35.47 22.89 -5.22
CA ARG F 99 36.58 22.51 -6.12
C ARG F 99 36.92 23.69 -7.02
N TYR F 100 35.93 24.44 -7.46
CA TYR F 100 36.13 25.61 -8.34
C TYR F 100 35.94 26.90 -7.54
N GLN F 101 35.89 26.79 -6.22
CA GLN F 101 35.94 27.93 -5.27
C GLN F 101 34.88 28.96 -5.66
N CYS F 102 33.64 28.51 -5.67
CA CYS F 102 32.49 29.34 -6.13
C CYS F 102 32.01 30.27 -5.01
N CYS F 103 31.34 31.36 -5.34
CA CYS F 103 30.52 32.16 -4.40
C CYS F 103 29.08 32.06 -4.86
N ILE F 104 28.17 31.66 -4.01
CA ILE F 104 26.71 31.71 -4.29
C ILE F 104 26.25 33.10 -3.85
N ASP F 105 26.18 34.05 -4.77
CA ASP F 105 25.93 35.48 -4.44
C ASP F 105 24.44 35.76 -4.64
N LEU F 106 23.70 35.89 -3.55
CA LEU F 106 22.23 36.10 -3.65
C LEU F 106 21.90 37.59 -3.61
N LYS F 107 22.92 38.43 -3.48
CA LYS F 107 22.76 39.89 -3.64
C LYS F 107 22.65 40.15 -5.13
N LYS F 108 23.65 39.69 -5.89
CA LYS F 108 23.72 39.89 -7.34
C LYS F 108 22.97 38.76 -8.07
N SER F 109 22.56 37.74 -7.33
CA SER F 109 21.86 36.55 -7.89
C SER F 109 22.73 35.89 -8.94
N VAL F 110 23.96 35.54 -8.59
CA VAL F 110 24.93 34.91 -9.53
C VAL F 110 25.75 33.84 -8.82
N LEU F 111 26.25 32.89 -9.58
CA LEU F 111 27.33 32.00 -9.09
C LEU F 111 28.64 32.55 -9.60
N ARG F 112 29.53 33.00 -8.72
CA ARG F 112 30.86 33.54 -9.13
C ARG F 112 31.88 32.42 -9.02
N ILE F 113 32.38 31.91 -10.13
CA ILE F 113 33.24 30.71 -10.13
C ILE F 113 34.71 31.08 -10.03
N ASP F 114 35.28 31.61 -11.09
CA ASP F 114 36.71 32.06 -11.12
C ASP F 114 36.89 33.55 -10.84
N ASN F 115 36.42 34.39 -11.72
CA ASN F 115 36.10 35.80 -11.48
C ASN F 115 34.78 36.05 -12.19
N GLU F 116 34.23 34.99 -12.75
CA GLU F 116 33.09 35.10 -13.71
C GLU F 116 31.81 34.89 -12.94
N GLU F 117 30.77 35.59 -13.37
CA GLU F 117 29.45 35.55 -12.69
C GLU F 117 28.45 34.87 -13.60
N ILE F 118 27.84 33.80 -13.14
CA ILE F 118 26.84 33.04 -13.95
C ILE F 118 25.48 33.27 -13.31
N PRO F 119 24.50 33.85 -14.01
CA PRO F 119 23.26 34.25 -13.36
C PRO F 119 22.32 33.08 -13.03
N PHE F 120 21.65 33.19 -11.90
CA PHE F 120 20.65 32.19 -11.46
C PHE F 120 19.42 32.37 -12.37
N LEU F 121 18.80 31.25 -12.72
CA LEU F 121 17.64 31.20 -13.62
C LEU F 121 16.36 31.50 -12.86
N ASP F 125 12.31 30.37 -16.49
CA ASP F 125 13.22 29.38 -17.10
C ASP F 125 13.04 28.05 -16.35
N ILE F 126 12.21 28.02 -15.33
CA ILE F 126 11.79 26.76 -14.65
C ILE F 126 10.27 26.75 -14.62
N THR F 127 9.66 25.56 -14.58
CA THR F 127 8.18 25.44 -14.41
C THR F 127 7.97 24.32 -13.39
N TYR G 4 -21.59 -23.56 15.12
CA TYR G 4 -21.94 -22.19 14.69
C TYR G 4 -21.80 -22.07 13.17
N MET G 5 -21.11 -22.96 12.47
CA MET G 5 -21.29 -23.23 11.04
C MET G 5 -21.33 -24.76 10.87
N LEU G 6 -21.18 -25.32 9.69
CA LEU G 6 -21.25 -26.77 9.52
C LEU G 6 -19.83 -27.33 9.57
N PHE G 7 -19.58 -28.19 10.57
CA PHE G 7 -18.29 -28.94 10.60
C PHE G 7 -18.59 -30.44 10.64
N ILE G 8 -17.68 -31.23 10.12
CA ILE G 8 -17.73 -32.71 10.22
C ILE G 8 -16.35 -33.18 10.71
N ASP G 9 -16.30 -34.28 11.45
CA ASP G 9 -15.04 -34.97 11.80
C ASP G 9 -14.72 -35.87 10.62
N ILE G 10 -13.52 -35.76 10.05
CA ILE G 10 -13.06 -36.68 8.99
C ILE G 10 -11.63 -37.08 9.34
N GLU G 11 -11.07 -38.04 8.61
CA GLU G 11 -9.63 -38.29 8.65
C GLU G 11 -9.04 -38.17 7.24
N VAL G 12 -7.90 -37.56 7.11
CA VAL G 12 -7.13 -37.51 5.84
C VAL G 12 -5.76 -38.12 6.10
N ASN G 13 -5.40 -39.15 5.35
CA ASN G 13 -4.14 -39.91 5.49
C ASN G 13 -4.01 -40.29 6.99
N GLY G 14 -5.12 -40.65 7.63
CA GLY G 14 -5.17 -41.23 9.00
C GLY G 14 -5.37 -40.18 10.05
N VAL G 15 -5.28 -38.89 9.72
CA VAL G 15 -5.18 -37.82 10.75
C VAL G 15 -6.56 -37.21 10.98
N PRO G 16 -7.05 -37.16 12.25
CA PRO G 16 -8.32 -36.48 12.54
C PRO G 16 -8.35 -35.00 12.17
N ILE G 17 -9.41 -34.58 11.48
CA ILE G 17 -9.59 -33.18 10.99
C ILE G 17 -11.03 -32.73 11.22
N LYS G 18 -11.24 -31.46 11.48
CA LYS G 18 -12.60 -30.84 11.53
C LYS G 18 -12.82 -30.17 10.19
N ALA G 19 -13.70 -30.71 9.38
CA ALA G 19 -13.89 -30.29 7.97
C ALA G 19 -15.06 -29.31 7.92
N PHE G 20 -14.81 -28.12 7.40
CA PHE G 20 -15.83 -27.06 7.21
C PHE G 20 -16.59 -27.35 5.93
N VAL G 21 -17.90 -27.57 6.05
CA VAL G 21 -18.72 -27.98 4.87
C VAL G 21 -19.31 -26.73 4.24
N ASP G 22 -18.85 -26.40 3.01
CA ASP G 22 -19.17 -25.12 2.31
C ASP G 22 -19.65 -25.42 0.89
N SER G 23 -20.96 -25.37 0.67
CA SER G 23 -21.54 -25.64 -0.66
C SER G 23 -21.24 -24.47 -1.60
N GLY G 24 -20.75 -23.35 -1.06
CA GLY G 24 -20.47 -22.12 -1.82
C GLY G 24 -19.06 -22.05 -2.34
N ALA G 25 -18.22 -22.99 -2.00
CA ALA G 25 -16.84 -23.08 -2.51
C ALA G 25 -16.77 -24.14 -3.64
N GLN G 26 -16.21 -23.77 -4.75
CA GLN G 26 -16.08 -24.64 -5.94
C GLN G 26 -15.07 -25.75 -5.65
N SER G 27 -14.10 -25.49 -4.77
CA SER G 27 -12.93 -26.38 -4.67
C SER G 27 -12.59 -26.68 -3.20
N THR G 28 -12.17 -27.91 -2.94
CA THR G 28 -11.76 -28.36 -1.60
C THR G 28 -10.34 -27.88 -1.37
N PHE G 29 -10.07 -27.31 -0.21
CA PHE G 29 -8.74 -26.78 0.12
C PHE G 29 -8.35 -27.28 1.50
N MET G 30 -7.07 -27.41 1.70
CA MET G 30 -6.49 -27.71 3.03
C MET G 30 -5.38 -26.68 3.25
N SER G 31 -5.26 -26.20 4.49
CA SER G 31 -4.17 -25.27 4.87
C SER G 31 -2.81 -25.99 4.76
N TYR G 32 -1.76 -25.23 4.57
CA TYR G 32 -0.39 -25.79 4.49
C TYR G 32 -0.05 -26.44 5.83
N ALA G 33 -0.41 -25.78 6.91
CA ALA G 33 -0.18 -26.25 8.28
C ALA G 33 -0.83 -27.62 8.44
N CYS G 34 -2.06 -27.79 7.95
CA CYS G 34 -2.76 -29.08 8.06
C CYS G 34 -2.07 -30.09 7.14
N ALA G 35 -1.58 -29.64 5.98
CA ALA G 35 -0.84 -30.53 5.06
C ALA G 35 0.44 -31.01 5.74
N GLN G 36 1.07 -30.18 6.55
CA GLN G 36 2.28 -30.55 7.31
C GLN G 36 1.93 -31.63 8.35
N LYS G 37 0.85 -31.43 9.08
CA LYS G 37 0.37 -32.32 10.15
C LYS G 37 -0.09 -33.65 9.53
N CYS G 38 -0.60 -33.65 8.29
CA CYS G 38 -1.09 -34.89 7.65
C CYS G 38 -0.01 -35.50 6.75
N SER G 39 1.25 -35.05 6.87
CA SER G 39 2.41 -35.55 6.11
C SER G 39 2.11 -35.58 4.60
N LEU G 40 1.67 -34.48 4.03
CA LEU G 40 1.26 -34.45 2.60
C LEU G 40 2.17 -33.46 1.89
N LEU G 41 3.18 -32.91 2.54
CA LEU G 41 4.02 -31.91 1.84
C LEU G 41 4.88 -32.61 0.81
N ARG G 42 5.38 -33.77 1.17
CA ARG G 42 6.24 -34.63 0.32
C ARG G 42 5.41 -35.09 -0.88
N LEU G 43 4.11 -35.15 -0.73
CA LEU G 43 3.18 -35.44 -1.85
C LEU G 43 2.65 -34.14 -2.41
N MET G 44 3.21 -33.58 -3.44
CA MET G 44 2.68 -32.26 -3.93
C MET G 44 2.99 -32.08 -5.39
N ASP G 45 2.40 -31.05 -5.99
CA ASP G 45 2.73 -30.67 -7.39
C ASP G 45 3.04 -29.18 -7.48
N THR G 46 3.16 -28.65 -8.69
CA THR G 46 3.46 -27.20 -8.91
C THR G 46 2.22 -26.53 -9.45
N ARG G 47 1.05 -26.86 -8.92
CA ARG G 47 -0.17 -26.19 -9.47
C ARG G 47 -0.39 -24.89 -8.71
N TYR G 48 -0.44 -23.77 -9.41
CA TYR G 48 -0.42 -22.39 -8.86
C TYR G 48 -1.33 -21.52 -9.75
N GLY G 50 0.93 -18.57 -9.81
CA GLY G 50 1.48 -17.71 -10.88
C GLY G 50 2.69 -16.90 -10.42
N VAL G 51 2.74 -15.61 -10.72
CA VAL G 51 3.77 -14.67 -10.17
C VAL G 51 3.05 -13.44 -9.61
N ALA G 52 1.86 -13.11 -10.13
CA ALA G 52 1.14 -11.85 -9.88
C ALA G 52 0.30 -12.01 -8.60
N LYS G 57 -6.39 -15.13 0.39
CA LYS G 57 -6.30 -16.61 0.22
C LYS G 57 -4.84 -16.99 -0.07
N THR G 58 -3.95 -16.01 -0.27
CA THR G 58 -2.48 -16.17 -0.46
C THR G 58 -2.17 -17.13 -1.61
N GLU G 59 -3.18 -17.45 -2.44
CA GLU G 59 -3.08 -18.40 -3.57
C GLU G 59 -2.49 -19.76 -3.11
N ILE G 60 -1.67 -20.45 -3.91
CA ILE G 60 -1.62 -21.93 -3.79
C ILE G 60 -0.19 -22.44 -3.63
N VAL G 61 -0.04 -23.39 -2.73
CA VAL G 61 1.26 -24.02 -2.39
C VAL G 61 1.44 -25.23 -3.30
N GLY G 62 0.38 -26.00 -3.54
CA GLY G 62 0.44 -27.12 -4.48
C GLY G 62 -0.88 -27.87 -4.55
N LYS G 63 -0.92 -28.94 -5.36
CA LYS G 63 -2.10 -29.84 -5.39
C LYS G 63 -1.77 -31.20 -4.80
N ILE G 64 -2.65 -31.74 -3.99
CA ILE G 64 -2.60 -33.18 -3.60
C ILE G 64 -3.49 -33.94 -4.58
N HIS G 65 -2.91 -34.70 -5.49
CA HIS G 65 -3.67 -35.38 -6.56
C HIS G 65 -4.55 -36.47 -5.97
N LEU G 66 -4.13 -37.12 -4.90
CA LEU G 66 -4.96 -38.13 -4.28
C LEU G 66 -4.57 -38.31 -2.82
N ALA G 67 -5.58 -38.33 -1.95
CA ALA G 67 -5.44 -38.71 -0.54
C ALA G 67 -6.73 -39.47 -0.19
N THR G 68 -6.64 -40.40 0.75
CA THR G 68 -7.74 -41.16 1.31
C THR G 68 -8.40 -40.37 2.45
N LEU G 69 -9.70 -40.16 2.32
CA LEU G 69 -10.54 -39.55 3.37
C LEU G 69 -11.33 -40.65 4.08
N LYS G 70 -11.41 -40.58 5.39
CA LYS G 70 -12.33 -41.44 6.16
C LYS G 70 -13.46 -40.59 6.68
N ILE G 71 -14.64 -40.73 6.12
CA ILE G 71 -15.83 -39.99 6.62
C ILE G 71 -16.80 -41.05 7.06
N GLY G 72 -17.20 -41.05 8.32
CA GLY G 72 -18.00 -42.13 8.90
C GLY G 72 -17.25 -43.44 8.92
N GLN G 73 -17.85 -44.48 8.36
CA GLN G 73 -17.24 -45.85 8.34
C GLN G 73 -16.57 -46.07 6.98
N ARG G 74 -16.76 -45.17 6.00
CA ARG G 74 -16.30 -45.43 4.62
C ARG G 74 -15.07 -44.56 4.29
N PHE G 75 -14.28 -45.00 3.32
CA PHE G 75 -13.05 -44.31 2.87
C PHE G 75 -13.27 -43.76 1.46
N PHE G 76 -12.74 -42.57 1.22
CA PHE G 76 -13.01 -41.87 -0.04
C PHE G 76 -11.72 -41.38 -0.67
N PRO G 77 -11.52 -41.57 -1.99
CA PRO G 77 -10.40 -40.97 -2.67
C PRO G 77 -10.71 -39.51 -2.97
N SER G 78 -9.74 -38.63 -2.80
CA SER G 78 -9.93 -37.16 -2.87
C SER G 78 -8.72 -36.50 -3.53
N SER G 79 -8.98 -35.39 -4.19
CA SER G 79 -7.95 -34.42 -4.59
C SER G 79 -8.28 -33.10 -3.90
N PHE G 80 -7.27 -32.33 -3.54
CA PHE G 80 -7.50 -30.96 -3.02
C PHE G 80 -6.27 -30.10 -3.26
N THR G 81 -6.43 -28.84 -2.99
CA THR G 81 -5.40 -27.82 -3.17
C THR G 81 -4.92 -27.43 -1.78
N VAL G 82 -3.65 -27.12 -1.67
CA VAL G 82 -3.10 -26.61 -0.39
C VAL G 82 -2.91 -25.10 -0.53
N LEU G 83 -3.31 -24.38 0.51
CA LEU G 83 -3.22 -22.90 0.55
C LEU G 83 -2.40 -22.47 1.76
N GLN G 84 -1.94 -21.23 1.78
CA GLN G 84 -1.13 -20.69 2.88
C GLN G 84 -2.08 -20.20 3.98
N ASP G 85 -3.35 -20.03 3.65
CA ASP G 85 -4.37 -19.43 4.56
C ASP G 85 -4.78 -20.47 5.60
N ASN G 86 -4.80 -20.05 6.85
CA ASN G 86 -5.17 -20.92 8.00
C ASN G 86 -6.64 -20.70 8.37
N LYS G 87 -7.40 -20.05 7.48
CA LYS G 87 -8.80 -19.68 7.74
C LYS G 87 -9.49 -20.91 8.31
N VAL G 88 -9.46 -22.02 7.57
CA VAL G 88 -9.91 -23.34 8.09
C VAL G 88 -8.80 -24.35 7.77
N GLU G 89 -8.67 -25.38 8.58
CA GLU G 89 -7.70 -26.45 8.30
C GLU G 89 -8.17 -27.18 7.04
N PHE G 90 -9.46 -27.50 6.92
CA PHE G 90 -9.96 -28.19 5.72
C PHE G 90 -11.35 -27.68 5.33
N LEU G 91 -11.49 -27.24 4.08
CA LEU G 91 -12.75 -26.75 3.51
C LEU G 91 -13.28 -27.82 2.57
N PHE G 92 -14.36 -28.50 2.94
CA PHE G 92 -15.00 -29.57 2.12
C PHE G 92 -15.94 -28.85 1.15
N GLY G 93 -15.52 -28.74 -0.12
CA GLY G 93 -16.19 -27.88 -1.12
C GLY G 93 -17.16 -28.63 -1.99
N LEU G 94 -17.76 -27.94 -2.95
CA LEU G 94 -18.85 -28.49 -3.82
C LEU G 94 -18.29 -29.61 -4.70
N ASP G 95 -17.04 -29.54 -5.07
CA ASP G 95 -16.36 -30.60 -5.86
C ASP G 95 -16.60 -31.95 -5.17
N LEU G 96 -16.21 -32.08 -3.90
CA LEU G 96 -16.32 -33.35 -3.14
C LEU G 96 -17.77 -33.58 -2.74
N LEU G 97 -18.51 -32.53 -2.40
CA LEU G 97 -19.93 -32.66 -2.03
C LEU G 97 -20.68 -33.39 -3.16
N ARG G 98 -20.42 -33.03 -4.40
CA ARG G 98 -21.11 -33.62 -5.56
C ARG G 98 -20.45 -34.93 -6.00
N ARG G 99 -19.14 -35.07 -5.84
CA ARG G 99 -18.41 -36.29 -6.28
C ARG G 99 -18.99 -37.49 -5.53
N TYR G 100 -19.35 -37.32 -4.28
CA TYR G 100 -19.87 -38.40 -3.42
C TYR G 100 -21.40 -38.28 -3.30
N GLN G 101 -22.00 -37.35 -4.04
CA GLN G 101 -23.47 -37.14 -4.06
C GLN G 101 -23.97 -37.02 -2.62
N CYS G 102 -23.38 -36.13 -1.84
CA CYS G 102 -23.76 -35.88 -0.45
C CYS G 102 -25.09 -35.12 -0.38
N CYS G 103 -25.83 -35.30 0.71
CA CYS G 103 -26.98 -34.42 1.03
C CYS G 103 -26.64 -33.72 2.34
N ILE G 104 -26.72 -32.40 2.33
CA ILE G 104 -26.54 -31.59 3.57
C ILE G 104 -27.92 -31.48 4.20
N ASP G 105 -28.22 -32.33 5.18
CA ASP G 105 -29.56 -32.42 5.79
C ASP G 105 -29.59 -31.59 7.07
N LEU G 106 -30.27 -30.45 7.04
CA LEU G 106 -30.34 -29.57 8.23
C LEU G 106 -31.59 -29.88 9.05
N LYS G 107 -32.41 -30.82 8.58
CA LYS G 107 -33.53 -31.35 9.38
C LYS G 107 -32.94 -32.25 10.45
N LYS G 108 -32.16 -33.25 10.02
CA LYS G 108 -31.55 -34.26 10.89
C LYS G 108 -30.18 -33.77 11.33
N SER G 109 -29.69 -32.66 10.76
CA SER G 109 -28.34 -32.11 11.05
C SER G 109 -27.29 -33.18 10.76
N VAL G 110 -27.28 -33.71 9.53
CA VAL G 110 -26.32 -34.76 9.13
C VAL G 110 -25.84 -34.53 7.70
N LEU G 111 -24.64 -35.04 7.39
CA LEU G 111 -24.22 -35.16 5.98
C LEU G 111 -24.53 -36.59 5.54
N ARG G 112 -25.41 -36.79 4.59
CA ARG G 112 -25.79 -38.13 4.09
C ARG G 112 -24.93 -38.38 2.85
N ILE G 113 -23.88 -39.20 2.97
CA ILE G 113 -22.87 -39.30 1.89
C ILE G 113 -23.31 -40.40 0.93
N ASP G 114 -23.64 -41.58 1.41
CA ASP G 114 -24.01 -42.71 0.50
C ASP G 114 -25.37 -43.16 0.94
N ASN G 115 -25.41 -44.01 1.95
CA ASN G 115 -26.66 -44.33 2.67
C ASN G 115 -26.38 -44.00 4.12
N GLU G 116 -25.15 -43.65 4.42
CA GLU G 116 -24.72 -43.37 5.82
C GLU G 116 -24.90 -41.88 6.10
N GLU G 117 -25.10 -41.55 7.35
CA GLU G 117 -25.31 -40.17 7.84
C GLU G 117 -24.17 -39.83 8.80
N ILE G 118 -23.52 -38.70 8.59
CA ILE G 118 -22.43 -38.22 9.49
C ILE G 118 -22.96 -36.99 10.20
N PRO G 119 -23.03 -36.96 11.54
CA PRO G 119 -23.59 -35.80 12.23
C PRO G 119 -22.70 -34.55 12.18
N PHE G 120 -23.35 -33.40 12.04
CA PHE G 120 -22.65 -32.09 12.07
C PHE G 120 -22.22 -31.87 13.52
N LEU G 121 -21.07 -31.25 13.71
CA LEU G 121 -20.48 -31.06 15.06
C LEU G 121 -21.19 -29.97 15.86
N SER G 122 -21.33 -30.21 17.15
CA SER G 122 -21.89 -29.31 18.16
C SER G 122 -20.89 -28.19 18.37
N GLU G 123 -21.36 -27.10 18.95
CA GLU G 123 -20.54 -25.92 19.30
C GLU G 123 -19.41 -26.34 20.26
N LYS G 124 -19.56 -27.41 21.01
CA LYS G 124 -18.56 -27.91 21.97
C LYS G 124 -17.31 -28.38 21.22
N ASP G 125 -17.53 -29.08 20.11
CA ASP G 125 -16.38 -29.69 19.38
C ASP G 125 -15.68 -28.58 18.61
N ILE G 126 -16.17 -27.34 18.74
CA ILE G 126 -15.56 -26.14 18.09
C ILE G 126 -15.24 -25.15 19.21
N THR G 127 -14.45 -24.10 19.00
CA THR G 127 -14.14 -23.11 20.07
C THR G 127 -14.86 -21.76 19.80
N VAL H 3 -24.30 -27.33 -13.26
CA VAL H 3 -24.51 -26.98 -11.83
C VAL H 3 -23.10 -26.75 -11.23
N TYR H 4 -22.27 -25.98 -11.94
CA TYR H 4 -20.87 -25.75 -11.53
C TYR H 4 -20.86 -24.95 -10.23
N MET H 5 -21.93 -24.24 -9.89
CA MET H 5 -22.17 -23.80 -8.49
C MET H 5 -23.65 -23.99 -8.27
N LEU H 6 -24.13 -23.89 -7.03
CA LEU H 6 -25.53 -24.23 -6.73
C LEU H 6 -26.34 -22.93 -6.78
N PHE H 7 -27.29 -22.89 -7.72
CA PHE H 7 -28.25 -21.79 -7.83
C PHE H 7 -29.65 -22.38 -7.79
N ILE H 8 -30.61 -21.57 -7.33
CA ILE H 8 -32.05 -21.92 -7.32
C ILE H 8 -32.83 -20.73 -7.84
N ASP H 9 -33.96 -20.96 -8.50
CA ASP H 9 -34.88 -19.85 -8.87
C ASP H 9 -35.77 -19.59 -7.68
N ILE H 10 -35.84 -18.35 -7.23
CA ILE H 10 -36.78 -17.92 -6.16
C ILE H 10 -37.45 -16.62 -6.60
N GLU H 11 -38.45 -16.16 -5.85
CA GLU H 11 -38.97 -14.80 -6.07
C GLU H 11 -38.96 -14.04 -4.74
N VAL H 12 -38.56 -12.78 -4.78
CA VAL H 12 -38.67 -11.89 -3.59
C VAL H 12 -39.52 -10.70 -4.00
N ASN H 13 -40.57 -10.40 -3.23
CA ASN H 13 -41.52 -9.30 -3.54
C ASN H 13 -42.00 -9.51 -4.99
N GLY H 14 -42.16 -10.76 -5.45
CA GLY H 14 -42.73 -11.11 -6.75
C GLY H 14 -41.71 -11.18 -7.87
N VAL H 15 -40.47 -10.83 -7.62
CA VAL H 15 -39.48 -10.64 -8.72
C VAL H 15 -38.60 -11.88 -8.83
N PRO H 16 -38.50 -12.51 -10.03
CA PRO H 16 -37.65 -13.68 -10.23
C PRO H 16 -36.16 -13.41 -9.96
N ILE H 17 -35.54 -14.30 -9.18
CA ILE H 17 -34.11 -14.15 -8.77
C ILE H 17 -33.41 -15.50 -8.87
N LYS H 18 -32.11 -15.50 -9.15
CA LYS H 18 -31.25 -16.70 -9.09
C LYS H 18 -30.53 -16.66 -7.74
N ALA H 19 -30.88 -17.56 -6.82
CA ALA H 19 -30.31 -17.57 -5.48
C ALA H 19 -29.12 -18.53 -5.37
N PHE H 20 -27.97 -18.03 -4.95
CA PHE H 20 -26.73 -18.81 -4.73
C PHE H 20 -26.79 -19.51 -3.38
N VAL H 21 -26.74 -20.84 -3.39
CA VAL H 21 -26.96 -21.61 -2.13
C VAL H 21 -25.58 -21.90 -1.50
N ASP H 22 -25.29 -21.28 -0.36
CA ASP H 22 -23.95 -21.33 0.29
C ASP H 22 -24.09 -21.72 1.77
N SER H 23 -23.75 -22.96 2.10
CA SER H 23 -23.79 -23.47 3.48
C SER H 23 -22.65 -22.85 4.30
N GLY H 24 -21.69 -22.20 3.66
CA GLY H 24 -20.51 -21.60 4.28
C GLY H 24 -20.71 -20.15 4.65
N ALA H 25 -21.86 -19.58 4.34
CA ALA H 25 -22.21 -18.18 4.71
C ALA H 25 -23.14 -18.22 5.90
N GLN H 26 -22.80 -17.50 6.95
CA GLN H 26 -23.59 -17.41 8.22
C GLN H 26 -24.89 -16.66 7.92
N SER H 27 -24.86 -15.77 6.95
CA SER H 27 -25.92 -14.74 6.84
C SER H 27 -26.35 -14.58 5.38
N THR H 28 -27.64 -14.44 5.16
CA THR H 28 -28.21 -14.27 3.81
C THR H 28 -28.05 -12.80 3.40
N PHE H 29 -27.58 -12.53 2.20
CA PHE H 29 -27.41 -11.16 1.72
C PHE H 29 -28.01 -11.04 0.31
N MET H 30 -28.33 -9.81 -0.04
CA MET H 30 -28.78 -9.44 -1.40
C MET H 30 -27.97 -8.21 -1.79
N SER H 31 -27.62 -8.10 -3.07
CA SER H 31 -26.89 -6.93 -3.59
C SER H 31 -27.86 -5.75 -3.60
N TYR H 32 -27.33 -4.55 -3.56
CA TYR H 32 -28.13 -3.31 -3.57
C TYR H 32 -28.88 -3.22 -4.88
N ALA H 33 -28.23 -3.58 -5.98
CA ALA H 33 -28.86 -3.54 -7.31
C ALA H 33 -30.07 -4.48 -7.31
N CYS H 34 -29.95 -5.63 -6.67
CA CYS H 34 -31.06 -6.60 -6.56
C CYS H 34 -32.16 -6.01 -5.68
N ALA H 35 -31.76 -5.31 -4.60
CA ALA H 35 -32.73 -4.65 -3.72
C ALA H 35 -33.51 -3.59 -4.49
N GLN H 36 -32.82 -2.89 -5.39
CA GLN H 36 -33.43 -1.81 -6.18
C GLN H 36 -34.41 -2.43 -7.17
N LYS H 37 -34.01 -3.51 -7.83
CA LYS H 37 -34.82 -4.22 -8.85
C LYS H 37 -36.04 -4.84 -8.15
N CYS H 38 -35.93 -5.24 -6.88
CA CYS H 38 -37.07 -5.90 -6.20
C CYS H 38 -37.88 -4.90 -5.37
N SER H 39 -37.60 -3.60 -5.52
CA SER H 39 -38.30 -2.49 -4.81
C SER H 39 -38.33 -2.78 -3.31
N LEU H 40 -37.17 -3.02 -2.71
CA LEU H 40 -37.06 -3.28 -1.26
C LEU H 40 -36.27 -2.12 -0.61
N LEU H 41 -35.99 -1.07 -1.35
CA LEU H 41 -35.07 -0.04 -0.84
C LEU H 41 -35.77 0.75 0.25
N ARG H 42 -37.03 1.05 0.04
CA ARG H 42 -37.86 1.84 0.99
C ARG H 42 -38.04 1.02 2.26
N LEU H 43 -37.91 -0.30 2.16
CA LEU H 43 -37.90 -1.21 3.33
C LEU H 43 -36.45 -1.40 3.76
N MET H 44 -36.00 -0.71 4.80
CA MET H 44 -34.56 -0.84 5.19
C MET H 44 -34.37 -0.60 6.69
N ASP H 45 -33.14 -0.44 7.15
CA ASP H 45 -32.87 -0.26 8.60
C ASP H 45 -31.64 0.63 8.77
N THR H 46 -31.27 0.88 10.03
CA THR H 46 -30.03 1.58 10.44
C THR H 46 -29.02 0.56 10.96
N ARG H 47 -29.00 -0.63 10.37
CA ARG H 47 -28.05 -1.70 10.74
C ARG H 47 -26.71 -1.44 10.01
N TYR H 48 -25.59 -1.57 10.70
CA TYR H 48 -24.22 -1.50 10.11
C TYR H 48 -23.27 -1.97 11.21
N ARG H 49 -22.16 -2.63 10.87
CA ARG H 49 -21.27 -3.17 11.95
C ARG H 49 -20.15 -2.17 12.29
N GLY H 50 -20.50 -1.03 12.89
CA GLY H 50 -19.52 -0.30 13.74
C GLY H 50 -19.61 1.21 13.65
N VAL H 51 -18.74 1.84 14.40
CA VAL H 51 -18.48 3.31 14.33
C VAL H 51 -16.98 3.44 14.08
N ALA H 52 -16.37 2.33 13.62
CA ALA H 52 -14.88 2.20 13.50
C ALA H 52 -14.46 1.49 12.21
N THR H 58 -16.81 -4.93 0.64
CA THR H 58 -17.46 -3.65 1.00
C THR H 58 -17.93 -3.72 2.45
N GLU H 59 -18.99 -3.01 2.83
CA GLU H 59 -19.77 -3.45 4.03
C GLU H 59 -21.26 -3.25 3.76
N ILE H 60 -22.06 -3.48 4.79
CA ILE H 60 -23.53 -3.57 4.67
C ILE H 60 -24.20 -2.19 4.54
N VAL H 61 -25.31 -2.17 3.82
CA VAL H 61 -26.11 -0.94 3.57
C VAL H 61 -27.14 -0.89 4.68
N GLY H 62 -27.80 -2.03 4.95
CA GLY H 62 -28.98 -2.03 5.83
C GLY H 62 -29.67 -3.37 5.82
N LYS H 63 -30.69 -3.52 6.65
CA LYS H 63 -31.34 -4.83 6.87
C LYS H 63 -32.80 -4.76 6.42
N ILE H 64 -33.25 -5.79 5.72
CA ILE H 64 -34.69 -6.01 5.44
C ILE H 64 -35.22 -6.92 6.53
N HIS H 65 -36.04 -6.39 7.40
CA HIS H 65 -36.58 -7.11 8.59
C HIS H 65 -37.51 -8.23 8.13
N LEU H 66 -38.26 -8.05 7.05
CA LEU H 66 -39.10 -9.13 6.52
C LEU H 66 -39.41 -8.92 5.04
N ALA H 67 -39.32 -9.97 4.24
CA ALA H 67 -39.74 -9.96 2.83
C ALA H 67 -40.27 -11.34 2.51
N THR H 68 -41.28 -11.43 1.66
CA THR H 68 -41.89 -12.71 1.22
C THR H 68 -41.03 -13.38 0.16
N LEU H 69 -40.61 -14.59 0.40
CA LEU H 69 -39.80 -15.37 -0.58
C LEU H 69 -40.67 -16.46 -1.13
N LYS H 70 -40.65 -16.67 -2.43
CA LYS H 70 -41.43 -17.75 -3.08
C LYS H 70 -40.41 -18.78 -3.53
N ILE H 71 -40.36 -19.91 -2.84
CA ILE H 71 -39.49 -21.04 -3.25
C ILE H 71 -40.44 -22.15 -3.61
N GLY H 72 -40.45 -22.56 -4.88
CA GLY H 72 -41.43 -23.52 -5.39
C GLY H 72 -42.84 -22.95 -5.32
N GLN H 73 -43.74 -23.68 -4.68
CA GLN H 73 -45.17 -23.33 -4.58
C GLN H 73 -45.47 -22.71 -3.22
N ARG H 74 -44.48 -22.53 -2.36
CA ARG H 74 -44.71 -22.06 -0.97
C ARG H 74 -44.04 -20.71 -0.77
N PHE H 75 -44.52 -19.93 0.20
CA PHE H 75 -44.02 -18.59 0.51
C PHE H 75 -43.35 -18.62 1.87
N PHE H 76 -42.24 -17.90 1.97
CA PHE H 76 -41.43 -17.92 3.23
C PHE H 76 -41.19 -16.48 3.66
N PRO H 77 -41.45 -16.13 4.93
CA PRO H 77 -41.05 -14.83 5.44
C PRO H 77 -39.54 -14.88 5.74
N SER H 78 -38.82 -13.82 5.39
CA SER H 78 -37.35 -13.83 5.42
C SER H 78 -36.82 -12.50 5.93
N SER H 79 -35.69 -12.52 6.58
CA SER H 79 -34.91 -11.33 6.97
C SER H 79 -33.56 -11.49 6.34
N PHE H 80 -32.99 -10.44 5.77
CA PHE H 80 -31.62 -10.52 5.20
C PHE H 80 -31.02 -9.13 5.13
N THR H 81 -29.76 -9.07 4.76
CA THR H 81 -28.94 -7.86 4.72
C THR H 81 -28.78 -7.46 3.26
N VAL H 82 -28.68 -6.17 3.03
CA VAL H 82 -28.31 -5.67 1.67
C VAL H 82 -26.85 -5.22 1.73
N LEU H 83 -26.06 -5.59 0.73
CA LEU H 83 -24.67 -5.09 0.59
C LEU H 83 -24.50 -4.34 -0.72
N GLN H 84 -23.45 -3.55 -0.82
CA GLN H 84 -23.16 -2.75 -2.05
C GLN H 84 -22.37 -3.65 -3.00
N ASP H 85 -21.81 -4.74 -2.47
CA ASP H 85 -21.01 -5.73 -3.26
C ASP H 85 -21.96 -6.57 -4.09
N ASN H 86 -21.68 -6.71 -5.38
CA ASN H 86 -22.55 -7.47 -6.32
C ASN H 86 -21.83 -8.77 -6.61
N LYS H 87 -21.25 -9.36 -5.58
CA LYS H 87 -20.64 -10.70 -5.65
C LYS H 87 -21.67 -11.58 -6.37
N VAL H 88 -22.85 -11.66 -5.82
CA VAL H 88 -24.03 -12.41 -6.37
C VAL H 88 -25.24 -11.51 -6.10
N GLU H 89 -26.34 -11.74 -6.83
CA GLU H 89 -27.56 -10.95 -6.60
C GLU H 89 -28.15 -11.40 -5.27
N PHE H 90 -28.25 -12.68 -4.97
CA PHE H 90 -28.82 -13.15 -3.68
C PHE H 90 -28.06 -14.39 -3.20
N LEU H 91 -27.51 -14.33 -1.99
CA LEU H 91 -26.77 -15.45 -1.37
C LEU H 91 -27.69 -16.05 -0.30
N PHE H 92 -28.18 -17.26 -0.53
CA PHE H 92 -29.04 -17.99 0.41
C PHE H 92 -28.11 -18.71 1.38
N GLY H 93 -28.00 -18.17 2.61
CA GLY H 93 -26.99 -18.61 3.58
C GLY H 93 -27.54 -19.62 4.59
N LEU H 94 -26.69 -20.01 5.54
CA LEU H 94 -26.98 -21.08 6.52
C LEU H 94 -28.10 -20.66 7.46
N ASP H 95 -28.21 -19.38 7.75
CA ASP H 95 -29.34 -18.83 8.55
C ASP H 95 -30.65 -19.38 7.97
N LEU H 96 -30.94 -19.12 6.71
CA LEU H 96 -32.21 -19.50 6.05
C LEU H 96 -32.20 -20.99 5.74
N LEU H 97 -31.05 -21.56 5.42
CA LEU H 97 -30.96 -23.00 5.11
C LEU H 97 -31.48 -23.79 6.30
N ARG H 98 -31.09 -23.40 7.50
CA ARG H 98 -31.50 -24.12 8.72
C ARG H 98 -32.86 -23.61 9.21
N ARG H 99 -33.18 -22.35 8.99
CA ARG H 99 -34.46 -21.74 9.47
C ARG H 99 -35.62 -22.50 8.85
N TYR H 100 -35.49 -22.95 7.61
CA TYR H 100 -36.55 -23.72 6.91
C TYR H 100 -36.19 -25.19 6.87
N GLN H 101 -35.12 -25.58 7.56
CA GLN H 101 -34.65 -26.98 7.68
C GLN H 101 -34.54 -27.60 6.28
N CYS H 102 -33.81 -26.94 5.40
CA CYS H 102 -33.56 -27.40 4.03
C CYS H 102 -32.58 -28.56 4.01
N CYS H 103 -32.69 -29.42 3.01
CA CYS H 103 -31.68 -30.45 2.71
C CYS H 103 -31.08 -30.12 1.35
N ILE H 104 -29.77 -29.94 1.27
CA ILE H 104 -29.08 -29.73 -0.01
C ILE H 104 -28.74 -31.10 -0.55
N ASP H 105 -29.56 -31.63 -1.44
CA ASP H 105 -29.48 -33.03 -1.93
C ASP H 105 -28.73 -33.01 -3.26
N LEU H 106 -27.48 -33.48 -3.26
CA LEU H 106 -26.68 -33.49 -4.49
C LEU H 106 -26.79 -34.86 -5.18
N LYS H 107 -27.55 -35.77 -4.59
CA LYS H 107 -27.89 -37.06 -5.23
C LYS H 107 -28.97 -36.76 -6.26
N LYS H 108 -30.05 -36.15 -5.82
CA LYS H 108 -31.23 -35.81 -6.66
C LYS H 108 -31.03 -34.42 -7.26
N SER H 109 -29.99 -33.70 -6.84
CA SER H 109 -29.72 -32.32 -7.30
C SER H 109 -30.91 -31.41 -7.01
N VAL H 110 -31.36 -31.38 -5.77
CA VAL H 110 -32.54 -30.56 -5.34
C VAL H 110 -32.30 -29.93 -3.98
N LEU H 111 -32.96 -28.81 -3.72
CA LEU H 111 -33.08 -28.27 -2.36
C LEU H 111 -34.42 -28.76 -1.82
N ARG H 112 -34.43 -29.58 -0.79
CA ARG H 112 -35.68 -30.07 -0.16
C ARG H 112 -35.99 -29.15 1.01
N ILE H 113 -36.98 -28.26 0.85
CA ILE H 113 -37.21 -27.17 1.80
C ILE H 113 -38.21 -27.64 2.86
N ASP H 114 -39.37 -28.14 2.51
CA ASP H 114 -40.31 -28.70 3.51
C ASP H 114 -40.50 -30.18 3.24
N ASN H 115 -41.42 -30.52 2.36
CA ASN H 115 -41.52 -31.85 1.74
C ASN H 115 -41.25 -31.63 0.25
N GLU H 116 -41.21 -30.38 -0.18
CA GLU H 116 -41.07 -30.03 -1.60
C GLU H 116 -39.60 -29.97 -1.99
N GLU H 117 -39.31 -30.25 -3.25
CA GLU H 117 -37.95 -30.27 -3.80
C GLU H 117 -37.84 -29.19 -4.87
N ILE H 118 -36.81 -28.37 -4.77
CA ILE H 118 -36.55 -27.26 -5.74
C ILE H 118 -35.29 -27.64 -6.49
N PRO H 119 -35.33 -27.80 -7.83
CA PRO H 119 -34.14 -28.28 -8.54
C PRO H 119 -33.04 -27.23 -8.68
N PHE H 120 -31.79 -27.67 -8.56
CA PHE H 120 -30.62 -26.79 -8.75
C PHE H 120 -30.55 -26.50 -10.25
N LEU H 121 -30.14 -25.29 -10.59
CA LEU H 121 -30.21 -24.83 -12.02
C LEU H 121 -29.05 -25.41 -12.81
N SER H 122 -29.27 -25.68 -14.10
CA SER H 122 -28.24 -26.15 -15.04
C SER H 122 -27.29 -25.00 -15.33
N GLU H 123 -26.11 -25.33 -15.81
CA GLU H 123 -25.03 -24.36 -16.13
C GLU H 123 -25.56 -23.33 -17.15
N LYS H 124 -26.54 -23.71 -17.98
CA LYS H 124 -27.11 -22.85 -19.03
C LYS H 124 -27.85 -21.69 -18.39
N ASP H 125 -28.55 -21.96 -17.28
CA ASP H 125 -29.41 -20.95 -16.63
C ASP H 125 -28.49 -20.00 -15.88
N ILE H 126 -27.17 -20.11 -16.03
CA ILE H 126 -26.23 -19.13 -15.42
C ILE H 126 -25.13 -18.78 -16.42
N THR H 127 -24.26 -17.82 -16.14
CA THR H 127 -22.91 -17.67 -16.78
C THR H 127 -21.91 -17.33 -15.69
N VAL I 3 -31.51 13.13 23.32
CA VAL I 3 -30.81 14.23 22.62
C VAL I 3 -29.30 13.96 22.70
N TYR I 4 -28.89 12.70 22.77
CA TYR I 4 -27.48 12.30 22.87
C TYR I 4 -26.74 12.69 21.58
N MET I 5 -27.45 13.05 20.53
CA MET I 5 -26.91 13.90 19.42
C MET I 5 -28.08 14.77 19.02
N LEU I 6 -27.86 15.80 18.23
CA LEU I 6 -28.91 16.80 17.96
C LEU I 6 -29.70 16.40 16.73
N PHE I 7 -30.99 16.15 16.91
CA PHE I 7 -31.88 15.83 15.77
C PHE I 7 -33.06 16.82 15.80
N ILE I 8 -33.65 17.03 14.65
CA ILE I 8 -34.91 17.84 14.54
C ILE I 8 -35.82 17.17 13.55
N ASP I 9 -37.12 17.37 13.70
CA ASP I 9 -38.11 16.95 12.68
C ASP I 9 -38.19 18.08 11.67
N ILE I 10 -38.02 17.77 10.40
CA ILE I 10 -38.23 18.75 9.30
C ILE I 10 -39.00 18.05 8.19
N GLU I 11 -39.41 18.80 7.16
CA GLU I 11 -39.94 18.19 5.92
C GLU I 11 -39.15 18.71 4.71
N VAL I 12 -38.83 17.84 3.78
CA VAL I 12 -38.26 18.26 2.47
C VAL I 12 -39.20 17.79 1.36
N ASN I 13 -39.68 18.74 0.59
CA ASN I 13 -40.73 18.58 -0.45
C ASN I 13 -41.88 17.78 0.16
N GLY I 14 -42.24 18.09 1.40
CA GLY I 14 -43.44 17.55 2.06
C GLY I 14 -43.18 16.27 2.81
N VAL I 15 -41.97 15.73 2.76
CA VAL I 15 -41.70 14.37 3.32
C VAL I 15 -41.07 14.51 4.69
N PRO I 16 -41.63 13.90 5.75
CA PRO I 16 -41.03 13.94 7.08
C PRO I 16 -39.61 13.35 7.16
N ILE I 17 -38.69 14.11 7.78
CA ILE I 17 -37.26 13.69 7.91
C ILE I 17 -36.77 13.98 9.34
N LYS I 18 -35.83 13.18 9.79
CA LYS I 18 -35.14 13.44 11.09
C LYS I 18 -33.78 14.06 10.75
N ALA I 19 -33.60 15.35 10.99
CA ALA I 19 -32.39 16.08 10.54
C ALA I 19 -31.33 16.12 11.65
N PHE I 20 -30.13 15.61 11.34
CA PHE I 20 -28.96 15.62 12.25
C PHE I 20 -28.28 16.95 12.16
N VAL I 21 -28.22 17.70 13.25
CA VAL I 21 -27.63 19.06 13.26
C VAL I 21 -26.14 18.99 13.60
N ASP I 22 -25.27 19.31 12.64
CA ASP I 22 -23.79 19.17 12.74
C ASP I 22 -23.10 20.49 12.33
N SER I 23 -22.64 21.24 13.32
CA SER I 23 -21.93 22.51 13.12
C SER I 23 -20.55 22.27 12.50
N GLY I 24 -20.09 21.03 12.48
CA GLY I 24 -18.73 20.65 12.11
C GLY I 24 -18.65 20.23 10.67
N ALA I 25 -19.81 20.12 9.99
CA ALA I 25 -19.84 19.80 8.55
C ALA I 25 -20.02 21.10 7.74
N GLN I 26 -19.16 21.30 6.76
CA GLN I 26 -19.21 22.46 5.84
C GLN I 26 -20.46 22.39 4.93
N SER I 27 -20.96 21.20 4.67
CA SER I 27 -21.96 20.99 3.64
C SER I 27 -23.08 20.07 4.13
N THR I 28 -24.28 20.40 3.73
CA THR I 28 -25.48 19.57 3.97
C THR I 28 -25.49 18.38 3.01
N PHE I 29 -25.81 17.21 3.52
CA PHE I 29 -25.87 15.98 2.72
C PHE I 29 -27.16 15.25 3.02
N MET I 30 -27.64 14.49 2.05
CA MET I 30 -28.75 13.54 2.25
C MET I 30 -28.31 12.20 1.70
N SER I 31 -28.70 11.10 2.35
CA SER I 31 -28.37 9.73 1.87
C SER I 31 -29.11 9.48 0.57
N TYR I 32 -28.58 8.59 -0.28
CA TYR I 32 -29.26 8.23 -1.54
C TYR I 32 -30.62 7.62 -1.19
N ALA I 33 -30.67 6.77 -0.18
CA ALA I 33 -31.90 6.13 0.27
C ALA I 33 -32.93 7.19 0.64
N CYS I 34 -32.54 8.26 1.31
CA CYS I 34 -33.47 9.35 1.67
C CYS I 34 -33.89 10.09 0.40
N ALA I 35 -32.96 10.24 -0.55
CA ALA I 35 -33.29 10.84 -1.85
C ALA I 35 -34.32 10.00 -2.58
N GLN I 36 -34.20 8.68 -2.47
CA GLN I 36 -35.13 7.72 -3.11
C GLN I 36 -36.48 7.82 -2.42
N LYS I 37 -36.51 7.92 -1.10
CA LYS I 37 -37.76 7.96 -0.29
C LYS I 37 -38.43 9.30 -0.51
N CYS I 38 -37.70 10.36 -0.85
CA CYS I 38 -38.28 11.70 -1.09
C CYS I 38 -38.54 11.91 -2.60
N SER I 39 -38.39 10.88 -3.43
CA SER I 39 -38.51 10.89 -4.91
C SER I 39 -37.76 12.08 -5.51
N LEU I 40 -36.46 12.19 -5.23
CA LEU I 40 -35.66 13.34 -5.68
C LEU I 40 -34.51 12.84 -6.56
N LEU I 41 -34.59 11.58 -6.97
CA LEU I 41 -33.46 10.94 -7.68
C LEU I 41 -33.34 11.59 -9.06
N ARG I 42 -34.47 11.84 -9.74
CA ARG I 42 -34.44 12.39 -11.10
C ARG I 42 -33.99 13.83 -11.00
N LEU I 43 -34.22 14.47 -9.85
CA LEU I 43 -33.80 15.87 -9.60
C LEU I 43 -32.36 15.88 -9.07
N MET I 44 -31.40 16.13 -9.93
CA MET I 44 -29.99 15.86 -9.62
C MET I 44 -29.16 16.55 -10.68
N ASP I 45 -27.86 16.57 -10.47
CA ASP I 45 -26.88 17.06 -11.45
C ASP I 45 -25.68 16.13 -11.48
N THR I 46 -24.65 16.46 -12.22
CA THR I 46 -23.52 15.54 -12.57
C THR I 46 -22.28 15.94 -11.76
N ARG I 47 -22.44 16.52 -10.59
CA ARG I 47 -21.26 17.06 -9.86
C ARG I 47 -20.56 15.94 -9.06
N TYR I 48 -19.23 15.89 -9.10
CA TYR I 48 -18.43 14.80 -8.51
C TYR I 48 -17.04 15.33 -8.11
N ARG I 49 -16.09 14.44 -7.85
CA ARG I 49 -14.81 14.72 -7.18
C ARG I 49 -13.68 14.19 -8.07
N GLY I 54 -7.39 9.16 -0.32
CA GLY I 54 -7.82 8.68 0.99
C GLY I 54 -8.89 7.61 0.90
N VAL I 55 -9.65 7.44 1.98
CA VAL I 55 -10.72 6.40 2.10
C VAL I 55 -12.09 7.08 1.90
N GLY I 56 -12.99 6.46 1.13
CA GLY I 56 -14.23 7.14 0.69
C GLY I 56 -14.99 7.79 1.84
N LYS I 57 -15.33 9.09 1.74
CA LYS I 57 -16.33 9.78 2.60
C LYS I 57 -17.70 9.58 2.00
N THR I 58 -17.86 8.58 1.13
CA THR I 58 -19.11 8.21 0.41
C THR I 58 -19.56 9.38 -0.46
N ILE I 60 -19.66 11.27 -4.05
CA ILE I 60 -20.85 12.17 -4.17
C ILE I 60 -21.67 11.66 -5.34
N VAL I 61 -22.99 11.46 -5.21
CA VAL I 61 -23.74 10.96 -6.42
C VAL I 61 -24.19 12.18 -7.22
N GLY I 62 -24.71 13.21 -6.55
CA GLY I 62 -25.00 14.46 -7.27
C GLY I 62 -25.64 15.50 -6.39
N LYS I 63 -25.97 16.65 -6.99
CA LYS I 63 -26.44 17.81 -6.23
C LYS I 63 -27.92 18.11 -6.50
N ILE I 64 -28.67 18.36 -5.44
CA ILE I 64 -30.05 18.86 -5.51
C ILE I 64 -29.96 20.39 -5.42
N HIS I 65 -30.24 21.07 -6.51
CA HIS I 65 -30.13 22.55 -6.57
C HIS I 65 -31.16 23.24 -5.68
N LEU I 66 -32.33 22.66 -5.53
CA LEU I 66 -33.36 23.26 -4.67
C LEU I 66 -34.32 22.18 -4.16
N ALA I 67 -34.62 22.24 -2.88
CA ALA I 67 -35.74 21.52 -2.26
C ALA I 67 -36.29 22.40 -1.15
N THR I 68 -37.60 22.37 -0.94
CA THR I 68 -38.27 23.28 0.01
C THR I 68 -38.33 22.59 1.38
N LEU I 69 -37.77 23.23 2.38
CA LEU I 69 -37.70 22.67 3.76
C LEU I 69 -38.78 23.29 4.61
N LYS I 70 -39.50 22.48 5.38
CA LYS I 70 -40.43 22.98 6.39
C LYS I 70 -39.78 22.75 7.76
N ILE I 71 -39.30 23.81 8.39
CA ILE I 71 -38.84 23.72 9.80
C ILE I 71 -39.84 24.54 10.61
N GLY I 72 -40.53 23.88 11.54
CA GLY I 72 -41.57 24.55 12.34
C GLY I 72 -42.73 24.97 11.46
N GLN I 73 -43.09 26.23 11.47
CA GLN I 73 -44.23 26.77 10.69
C GLN I 73 -43.71 27.45 9.42
N ARG I 74 -42.42 27.51 9.20
CA ARG I 74 -41.85 28.32 8.09
C ARG I 74 -41.21 27.40 7.04
N PHE I 75 -41.08 27.90 5.81
CA PHE I 75 -40.55 27.15 4.66
C PHE I 75 -39.23 27.76 4.24
N PHE I 76 -38.30 26.92 3.85
CA PHE I 76 -36.92 27.36 3.55
C PHE I 76 -36.45 26.76 2.23
N PRO I 77 -35.81 27.53 1.34
CA PRO I 77 -35.19 26.96 0.15
C PRO I 77 -33.86 26.30 0.52
N SER I 78 -33.53 25.18 -0.08
CA SER I 78 -32.27 24.46 0.29
C SER I 78 -31.59 23.89 -0.95
N SER I 79 -30.28 23.85 -0.92
CA SER I 79 -29.47 23.08 -1.89
C SER I 79 -28.66 22.08 -1.08
N PHE I 80 -28.48 20.85 -1.56
CA PHE I 80 -27.65 19.87 -0.83
C PHE I 80 -27.05 18.86 -1.77
N THR I 81 -26.14 18.06 -1.23
CA THR I 81 -25.45 16.98 -1.97
C THR I 81 -26.04 15.66 -1.50
N VAL I 82 -26.10 14.69 -2.41
CA VAL I 82 -26.57 13.33 -2.04
C VAL I 82 -25.33 12.43 -1.98
N LEU I 83 -25.30 11.53 -0.99
CA LEU I 83 -24.18 10.57 -0.86
C LEU I 83 -24.71 9.15 -0.80
N GLN I 84 -23.85 8.16 -1.03
CA GLN I 84 -24.19 6.73 -0.73
C GLN I 84 -23.84 6.45 0.70
N ASP I 85 -23.49 7.44 1.49
CA ASP I 85 -23.17 7.38 2.95
C ASP I 85 -24.41 6.95 3.74
N ASN I 86 -24.30 5.89 4.54
CA ASN I 86 -25.55 5.22 5.04
C ASN I 86 -25.71 5.57 6.51
N LYS I 87 -25.24 6.76 6.89
CA LYS I 87 -25.05 7.15 8.34
C LYS I 87 -26.17 7.93 9.06
N VAL I 88 -26.60 9.07 8.50
CA VAL I 88 -27.89 9.71 8.84
C VAL I 88 -28.62 9.96 7.54
N GLU I 89 -29.95 9.99 7.57
CA GLU I 89 -30.73 10.25 6.32
C GLU I 89 -30.47 11.68 5.90
N PHE I 90 -30.41 12.66 6.82
CA PHE I 90 -30.08 14.06 6.42
C PHE I 90 -29.15 14.71 7.45
N LEU I 91 -28.02 15.23 6.98
CA LEU I 91 -27.05 15.97 7.83
C LEU I 91 -27.21 17.45 7.58
N PHE I 92 -27.77 18.20 8.51
CA PHE I 92 -28.02 19.65 8.42
C PHE I 92 -26.71 20.34 8.82
N GLY I 93 -25.96 20.83 7.82
CA GLY I 93 -24.58 21.30 8.01
C GLY I 93 -24.51 22.81 8.21
N LEU I 94 -23.29 23.34 8.33
CA LEU I 94 -23.02 24.74 8.69
C LEU I 94 -23.51 25.66 7.59
N ASP I 95 -23.46 25.20 6.34
CA ASP I 95 -24.00 25.98 5.19
C ASP I 95 -25.42 26.44 5.51
N LEU I 96 -26.33 25.52 5.80
CA LEU I 96 -27.76 25.80 6.11
C LEU I 96 -27.87 26.43 7.51
N LEU I 97 -27.06 26.02 8.45
CA LEU I 97 -27.13 26.57 9.83
C LEU I 97 -26.92 28.08 9.79
N ARG I 98 -25.96 28.54 8.99
CA ARG I 98 -25.64 29.97 8.89
C ARG I 98 -26.59 30.65 7.89
N ARG I 99 -26.99 29.96 6.84
CA ARG I 99 -27.83 30.53 5.76
C ARG I 99 -29.13 31.03 6.37
N TYR I 100 -29.69 30.31 7.35
CA TYR I 100 -30.95 30.68 8.00
C TYR I 100 -30.67 31.29 9.37
N GLN I 101 -29.39 31.57 9.66
CA GLN I 101 -28.96 32.28 10.89
C GLN I 101 -29.56 31.55 12.10
N CYS I 102 -29.38 30.24 12.20
CA CYS I 102 -29.96 29.43 13.28
C CYS I 102 -29.20 29.67 14.60
N CYS I 103 -29.86 29.51 15.73
CA CYS I 103 -29.15 29.37 17.04
C CYS I 103 -29.42 27.97 17.56
N ILE I 104 -28.36 27.24 17.86
CA ILE I 104 -28.46 25.92 18.54
C ILE I 104 -28.50 26.20 20.02
N ASP I 105 -29.69 26.26 20.62
CA ASP I 105 -29.88 26.65 22.04
C ASP I 105 -29.94 25.38 22.88
N LEU I 106 -28.91 25.11 23.65
CA LEU I 106 -28.88 23.87 24.48
C LEU I 106 -29.32 24.21 25.90
N LYS I 107 -29.65 25.46 26.16
CA LYS I 107 -30.30 25.88 27.42
C LYS I 107 -31.76 25.41 27.33
N LYS I 108 -32.45 25.83 26.28
CA LYS I 108 -33.88 25.52 26.06
C LYS I 108 -33.99 24.24 25.24
N SER I 109 -32.88 23.73 24.72
CA SER I 109 -32.85 22.53 23.84
C SER I 109 -33.74 22.76 22.63
N VAL I 110 -33.48 23.84 21.90
CA VAL I 110 -34.27 24.19 20.67
C VAL I 110 -33.35 24.71 19.58
N LEU I 111 -33.77 24.56 18.32
CA LEU I 111 -33.11 25.26 17.20
C LEU I 111 -33.94 26.50 16.94
N ARG I 112 -33.40 27.69 17.19
CA ARG I 112 -34.14 28.96 17.00
C ARG I 112 -33.75 29.48 15.62
N ILE I 113 -34.65 29.34 14.64
CA ILE I 113 -34.25 29.48 13.22
C ILE I 113 -34.49 30.94 12.82
N ASP I 114 -35.67 31.49 13.10
CA ASP I 114 -35.97 32.91 12.79
C ASP I 114 -36.26 33.58 14.11
N ASN I 115 -37.50 33.60 14.53
CA ASN I 115 -37.91 33.94 15.91
C ASN I 115 -38.53 32.68 16.48
N GLU I 116 -38.76 31.69 15.61
CA GLU I 116 -39.45 30.45 16.02
C GLU I 116 -38.42 29.45 16.57
N GLU I 117 -38.85 28.58 17.45
CA GLU I 117 -37.98 27.59 18.13
C GLU I 117 -38.48 26.20 17.76
N ILE I 118 -37.56 25.35 17.34
CA ILE I 118 -37.89 23.94 16.94
C ILE I 118 -37.25 23.06 17.98
N PRO I 119 -37.99 22.21 18.71
CA PRO I 119 -37.37 21.41 19.76
C PRO I 119 -36.47 20.26 19.25
N PHE I 120 -35.35 20.06 19.93
CA PHE I 120 -34.45 18.92 19.64
C PHE I 120 -35.17 17.66 20.08
N LEU I 121 -34.96 16.58 19.33
CA LEU I 121 -35.73 15.32 19.52
C LEU I 121 -35.10 14.50 20.64
N SER I 122 -35.95 13.83 21.42
CA SER I 122 -35.52 12.90 22.49
C SER I 122 -35.02 11.62 21.84
N GLU I 123 -34.26 10.83 22.58
CA GLU I 123 -33.69 9.55 22.10
C GLU I 123 -34.80 8.60 21.67
N LYS I 124 -36.05 8.78 22.11
CA LYS I 124 -37.20 7.93 21.69
C LYS I 124 -37.45 8.13 20.19
N ASP I 125 -37.35 9.38 19.73
CA ASP I 125 -37.66 9.73 18.34
C ASP I 125 -36.49 9.28 17.47
N ILE I 126 -35.50 8.63 18.05
CA ILE I 126 -34.31 8.12 17.30
C ILE I 126 -34.20 6.61 17.55
N THR I 127 -33.60 5.86 16.62
CA THR I 127 -33.45 4.39 16.73
C THR I 127 -31.96 4.04 16.58
N TYR J 4 -15.19 30.66 8.00
CA TYR J 4 -15.86 29.71 7.13
C TYR J 4 -16.12 28.40 7.90
N MET J 5 -15.39 28.11 8.97
CA MET J 5 -15.91 27.08 9.91
C MET J 5 -16.13 27.80 11.22
N LEU J 6 -16.61 27.13 12.28
CA LEU J 6 -16.81 27.80 13.58
C LEU J 6 -15.57 27.62 14.44
N PHE J 7 -14.92 28.72 14.77
CA PHE J 7 -13.77 28.67 15.72
C PHE J 7 -14.05 29.64 16.87
N ILE J 8 -13.51 29.31 18.05
CA ILE J 8 -13.53 30.26 19.20
C ILE J 8 -12.13 30.34 19.79
N ASP J 9 -11.81 31.45 20.41
CA ASP J 9 -10.58 31.61 21.22
C ASP J 9 -10.89 31.04 22.62
N ILE J 10 -10.07 30.10 23.06
CA ILE J 10 -10.11 29.59 24.46
C ILE J 10 -8.67 29.62 24.99
N GLU J 11 -8.53 29.37 26.29
CA GLU J 11 -7.19 29.08 26.85
C GLU J 11 -7.24 27.73 27.58
N VAL J 12 -6.23 26.90 27.39
CA VAL J 12 -6.11 25.62 28.12
C VAL J 12 -4.78 25.66 28.87
N ASN J 13 -4.86 25.51 30.22
CA ASN J 13 -3.66 25.56 31.09
C ASN J 13 -2.91 26.89 30.76
N GLY J 14 -3.63 27.97 30.46
CA GLY J 14 -3.10 29.33 30.30
C GLY J 14 -2.77 29.67 28.86
N VAL J 15 -2.80 28.71 27.96
CA VAL J 15 -2.27 28.94 26.58
C VAL J 15 -3.41 29.29 25.63
N PRO J 16 -3.32 30.40 24.88
CA PRO J 16 -4.29 30.73 23.83
C PRO J 16 -4.42 29.67 22.73
N ILE J 17 -5.65 29.28 22.42
CA ILE J 17 -5.99 28.21 21.44
C ILE J 17 -7.18 28.63 20.60
N LYS J 18 -7.23 28.16 19.35
CA LYS J 18 -8.40 28.29 18.48
C LYS J 18 -9.15 26.96 18.58
N ALA J 19 -10.35 26.98 19.21
CA ALA J 19 -11.17 25.78 19.32
C ALA J 19 -12.17 25.67 18.15
N PHE J 20 -12.13 24.56 17.44
CA PHE J 20 -13.05 24.23 16.30
C PHE J 20 -14.33 23.67 16.89
N VAL J 21 -15.45 24.32 16.70
CA VAL J 21 -16.74 23.95 17.32
C VAL J 21 -17.49 22.98 16.38
N ASP J 22 -17.63 21.71 16.82
CA ASP J 22 -18.21 20.62 16.00
C ASP J 22 -19.30 19.89 16.79
N SER J 23 -20.56 20.15 16.49
CA SER J 23 -21.72 19.51 17.13
C SER J 23 -21.81 18.05 16.70
N GLY J 24 -21.08 17.65 15.65
CA GLY J 24 -21.15 16.30 15.09
C GLY J 24 -20.12 15.37 15.68
N ALA J 25 -19.24 15.87 16.54
CA ALA J 25 -18.23 15.05 17.23
C ALA J 25 -18.72 14.74 18.64
N GLN J 26 -18.73 13.46 19.00
CA GLN J 26 -19.17 12.97 20.33
C GLN J 26 -18.15 13.43 21.38
N SER J 27 -16.89 13.59 20.98
CA SER J 27 -15.80 13.72 21.98
C SER J 27 -14.85 14.86 21.62
N THR J 28 -14.42 15.59 22.63
CA THR J 28 -13.46 16.70 22.49
C THR J 28 -12.05 16.10 22.35
N PHE J 29 -11.25 16.60 21.43
CA PHE J 29 -9.87 16.14 21.22
C PHE J 29 -8.92 17.33 21.13
N MET J 30 -7.67 17.11 21.46
CA MET J 30 -6.60 18.10 21.22
C MET J 30 -5.46 17.40 20.53
N SER J 31 -4.77 18.06 19.63
CA SER J 31 -3.64 17.45 18.89
C SER J 31 -2.47 17.24 19.86
N TYR J 32 -1.57 16.33 19.53
CA TYR J 32 -0.35 16.06 20.31
C TYR J 32 0.49 17.31 20.27
N ALA J 33 0.61 17.94 19.11
CA ALA J 33 1.43 19.15 18.95
C ALA J 33 0.84 20.24 19.85
N CYS J 34 -0.47 20.33 19.95
CA CYS J 34 -1.13 21.31 20.82
C CYS J 34 -0.87 20.95 22.30
N ALA J 35 -0.85 19.66 22.61
CA ALA J 35 -0.55 19.16 23.95
C ALA J 35 0.89 19.54 24.32
N GLN J 36 1.79 19.49 23.33
CA GLN J 36 3.20 19.86 23.53
C GLN J 36 3.29 21.35 23.77
N LYS J 37 2.57 22.15 22.99
CA LYS J 37 2.59 23.62 23.06
C LYS J 37 1.96 24.05 24.39
N CYS J 38 1.02 23.28 24.95
CA CYS J 38 0.29 23.66 26.17
C CYS J 38 0.92 23.04 27.44
N SER J 39 2.12 22.47 27.36
CA SER J 39 2.85 21.86 28.52
C SER J 39 1.93 20.86 29.23
N LEU J 40 1.44 19.87 28.50
CA LEU J 40 0.54 18.86 29.12
C LEU J 40 1.20 17.50 28.94
N LEU J 41 2.40 17.42 28.37
CA LEU J 41 2.87 16.11 27.88
C LEU J 41 3.21 15.20 29.03
N ARG J 42 3.83 15.74 30.05
CA ARG J 42 4.23 14.89 31.22
C ARG J 42 2.95 14.52 31.96
N LEU J 43 1.92 15.36 31.84
CA LEU J 43 0.61 15.18 32.50
C LEU J 43 -0.33 14.50 31.53
N MET J 44 -0.43 13.19 31.48
CA MET J 44 -1.35 12.53 30.50
C MET J 44 -1.81 11.18 31.05
N ASP J 45 -2.26 10.24 30.22
CA ASP J 45 -2.50 8.87 30.69
C ASP J 45 -2.02 7.87 29.65
N THR J 46 -2.07 6.59 30.01
CA THR J 46 -1.67 5.42 29.20
C THR J 46 -2.94 4.76 28.69
N ARG J 47 -3.77 5.56 28.06
CA ARG J 47 -5.10 5.16 27.53
C ARG J 47 -4.99 4.87 26.02
N TYR J 48 -5.69 3.84 25.54
CA TYR J 48 -5.76 3.52 24.08
C TYR J 48 -7.08 2.82 23.74
N ARG J 49 -7.27 2.35 22.50
CA ARG J 49 -8.64 2.03 21.97
C ARG J 49 -8.79 0.55 21.59
N GLY J 50 -8.22 -0.38 22.37
CA GLY J 50 -8.43 -1.84 22.17
C GLY J 50 -7.65 -2.39 20.99
N VAL J 51 -8.24 -3.28 20.18
CA VAL J 51 -7.52 -3.98 19.08
C VAL J 51 -8.30 -3.85 17.77
N ALA J 52 -9.63 -3.70 17.81
CA ALA J 52 -10.48 -3.55 16.59
C ALA J 52 -10.48 -2.10 16.11
N GLN J 53 -10.36 -1.84 14.80
CA GLN J 53 -10.11 -0.46 14.29
C GLN J 53 -10.54 -0.28 12.84
N GLY J 54 -10.20 0.88 12.29
CA GLY J 54 -10.28 1.24 10.86
C GLY J 54 -8.91 1.20 10.22
N VAL J 55 -8.51 2.25 9.48
CA VAL J 55 -7.23 2.24 8.73
C VAL J 55 -6.48 3.56 8.91
N GLY J 56 -6.86 4.43 9.86
CA GLY J 56 -6.18 5.73 10.04
C GLY J 56 -6.72 6.57 11.18
N LYS J 57 -6.40 7.88 11.16
CA LYS J 57 -6.76 8.88 12.18
C LYS J 57 -5.74 8.82 13.33
N THR J 58 -4.89 7.80 13.37
CA THR J 58 -3.76 7.61 14.33
C THR J 58 -4.29 7.56 15.77
N GLU J 59 -5.61 7.58 16.00
CA GLU J 59 -6.26 7.15 17.27
C GLU J 59 -5.79 7.95 18.49
N ILE J 60 -5.33 7.33 19.61
CA ILE J 60 -5.22 8.01 20.93
C ILE J 60 -3.76 7.97 21.42
N VAL J 61 -3.26 9.08 21.91
CA VAL J 61 -1.96 9.18 22.60
C VAL J 61 -2.22 8.97 24.09
N GLY J 62 -3.30 9.56 24.60
CA GLY J 62 -3.64 9.49 26.03
C GLY J 62 -4.79 10.41 26.35
N LYS J 63 -5.21 10.43 27.62
CA LYS J 63 -6.32 11.30 28.08
C LYS J 63 -5.82 12.38 29.01
N ILE J 64 -6.33 13.58 28.87
CA ILE J 64 -6.23 14.64 29.90
C ILE J 64 -7.46 14.55 30.77
N HIS J 65 -7.31 14.01 31.99
CA HIS J 65 -8.46 13.71 32.86
C HIS J 65 -9.12 14.97 33.36
N LEU J 66 -8.38 16.07 33.49
CA LEU J 66 -8.99 17.37 33.78
C LEU J 66 -7.98 18.47 33.45
N ALA J 67 -8.41 19.52 32.80
CA ALA J 67 -7.60 20.74 32.56
C ALA J 67 -8.54 21.91 32.66
N THR J 68 -8.00 23.07 32.94
CA THR J 68 -8.72 24.34 33.16
C THR J 68 -8.88 25.01 31.80
N LEU J 69 -10.12 25.29 31.43
CA LEU J 69 -10.39 26.03 30.17
C LEU J 69 -10.80 27.45 30.56
N LYS J 70 -10.27 28.45 29.87
CA LYS J 70 -10.77 29.84 30.01
C LYS J 70 -11.57 30.18 28.77
N ILE J 71 -12.88 30.23 28.89
CA ILE J 71 -13.76 30.61 27.76
C ILE J 71 -14.40 31.93 28.18
N GLY J 72 -14.03 33.01 27.51
CA GLY J 72 -14.38 34.37 27.92
C GLY J 72 -13.73 34.72 29.23
N GLN J 73 -14.53 35.15 30.21
CA GLN J 73 -14.01 35.61 31.52
C GLN J 73 -14.20 34.51 32.56
N ARG J 74 -14.76 33.38 32.21
CA ARG J 74 -15.05 32.27 33.15
C ARG J 74 -14.14 31.08 32.86
N PHE J 75 -13.95 30.22 33.87
CA PHE J 75 -13.04 29.06 33.83
C PHE J 75 -13.85 27.79 33.90
N PHE J 76 -13.43 26.77 33.15
CA PHE J 76 -14.22 25.53 33.04
C PHE J 76 -13.34 24.32 33.23
N PRO J 77 -13.77 23.29 33.98
CA PRO J 77 -13.05 22.04 34.04
C PRO J 77 -13.37 21.21 32.79
N SER J 78 -12.37 20.57 32.20
CA SER J 78 -12.54 19.84 30.91
C SER J 78 -11.76 18.54 30.94
N SER J 79 -12.26 17.54 30.27
CA SER J 79 -11.54 16.26 30.06
C SER J 79 -11.51 16.06 28.56
N PHE J 80 -10.39 15.61 28.01
CA PHE J 80 -10.33 15.41 26.55
C PHE J 80 -9.27 14.37 26.22
N THR J 81 -9.28 13.96 24.96
CA THR J 81 -8.34 12.95 24.44
C THR J 81 -7.30 13.66 23.62
N VAL J 82 -6.06 13.17 23.63
CA VAL J 82 -5.01 13.72 22.76
C VAL J 82 -4.83 12.76 21.58
N LEU J 83 -4.75 13.31 20.38
CA LEU J 83 -4.50 12.48 19.17
C LEU J 83 -3.29 12.99 18.44
N GLN J 84 -2.69 12.21 17.55
CA GLN J 84 -1.47 12.63 16.81
C GLN J 84 -1.88 13.50 15.61
N ASP J 85 -3.16 13.50 15.26
CA ASP J 85 -3.64 14.23 14.05
C ASP J 85 -3.73 15.71 14.37
N ASN J 86 -3.19 16.53 13.48
CA ASN J 86 -3.22 18.01 13.57
C ASN J 86 -4.31 18.54 12.65
N LYS J 87 -5.32 17.72 12.37
CA LYS J 87 -6.54 18.13 11.64
C LYS J 87 -6.95 19.49 12.19
N VAL J 88 -7.22 19.55 13.49
CA VAL J 88 -7.44 20.83 14.24
C VAL J 88 -6.56 20.79 15.47
N GLU J 89 -6.10 21.95 15.95
CA GLU J 89 -5.41 22.08 17.26
C GLU J 89 -6.31 21.55 18.37
N PHE J 90 -7.56 21.99 18.38
CA PHE J 90 -8.52 21.57 19.44
C PHE J 90 -9.92 21.48 18.81
N LEU J 91 -10.59 20.35 18.98
CA LEU J 91 -11.97 20.12 18.52
C LEU J 91 -12.89 20.19 19.72
N PHE J 92 -13.71 21.24 19.82
CA PHE J 92 -14.70 21.40 20.92
C PHE J 92 -15.94 20.63 20.52
N GLY J 93 -16.14 19.44 21.12
CA GLY J 93 -17.19 18.48 20.68
C GLY J 93 -18.49 18.62 21.47
N LEU J 94 -19.46 17.77 21.17
CA LEU J 94 -20.83 17.83 21.75
C LEU J 94 -20.76 17.52 23.25
N ASP J 95 -19.82 16.71 23.68
CA ASP J 95 -19.61 16.43 25.13
C ASP J 95 -19.53 17.77 25.88
N LEU J 96 -18.60 18.64 25.49
CA LEU J 96 -18.35 19.95 26.17
C LEU J 96 -19.47 20.93 25.82
N LEU J 97 -19.97 20.87 24.59
CA LEU J 97 -21.04 21.79 24.17
C LEU J 97 -22.24 21.64 25.09
N ARG J 98 -22.61 20.41 25.40
CA ARG J 98 -23.80 20.14 26.26
C ARG J 98 -23.42 20.25 27.74
N ARG J 99 -22.18 19.91 28.12
CA ARG J 99 -21.73 19.92 29.53
C ARG J 99 -21.89 21.33 30.08
N TYR J 100 -21.62 22.34 29.28
CA TYR J 100 -21.71 23.77 29.70
C TYR J 100 -22.97 24.38 29.10
N GLN J 101 -23.84 23.57 28.51
CA GLN J 101 -25.17 23.98 27.98
C GLN J 101 -24.97 25.22 27.08
N CYS J 102 -24.09 25.10 26.10
CA CYS J 102 -23.76 26.23 25.20
C CYS J 102 -24.89 26.42 24.18
N CYS J 103 -25.04 27.63 23.65
CA CYS J 103 -25.83 27.87 22.43
C CYS J 103 -24.87 28.31 21.33
N ILE J 104 -24.89 27.61 20.21
CA ILE J 104 -24.15 28.03 18.99
C ILE J 104 -25.09 28.97 18.24
N ASP J 105 -24.94 30.27 18.42
CA ASP J 105 -25.88 31.30 17.91
C ASP J 105 -25.31 31.85 16.62
N LEU J 106 -25.90 31.47 15.49
CA LEU J 106 -25.42 31.95 14.16
C LEU J 106 -26.19 33.17 13.73
N LYS J 107 -27.13 33.62 14.53
CA LYS J 107 -27.80 34.94 14.32
C LYS J 107 -26.79 36.02 14.73
N LYS J 108 -26.30 35.92 15.97
CA LYS J 108 -25.37 36.91 16.56
C LYS J 108 -23.93 36.47 16.28
N SER J 109 -23.75 35.26 15.74
CA SER J 109 -22.40 34.69 15.50
C SER J 109 -21.62 34.63 16.83
N VAL J 110 -22.18 33.98 17.82
CA VAL J 110 -21.54 33.87 19.18
C VAL J 110 -21.77 32.48 19.78
N LEU J 111 -20.87 32.06 20.66
CA LEU J 111 -21.11 30.89 21.52
C LEU J 111 -21.59 31.44 22.86
N ARG J 112 -22.81 31.17 23.24
CA ARG J 112 -23.37 31.62 24.54
C ARG J 112 -23.21 30.49 25.53
N ILE J 113 -22.26 30.60 26.45
CA ILE J 113 -21.90 29.43 27.30
C ILE J 113 -22.74 29.43 28.56
N ASP J 114 -22.82 30.56 29.27
CA ASP J 114 -23.68 30.62 30.48
C ASP J 114 -24.65 31.75 30.24
N ASN J 115 -24.24 32.97 30.53
CA ASN J 115 -25.03 34.14 30.11
C ASN J 115 -24.15 34.92 29.17
N GLU J 116 -22.87 34.55 29.11
CA GLU J 116 -21.89 35.40 28.37
C GLU J 116 -21.75 34.85 26.96
N GLU J 117 -21.34 35.72 26.05
CA GLU J 117 -21.27 35.44 24.60
C GLU J 117 -19.82 35.52 24.16
N ILE J 118 -19.34 34.50 23.48
CA ILE J 118 -17.96 34.44 22.94
C ILE J 118 -18.08 34.53 21.44
N PRO J 119 -17.47 35.53 20.77
CA PRO J 119 -17.67 35.66 19.32
C PRO J 119 -16.92 34.58 18.52
N PHE J 120 -17.57 34.10 17.45
CA PHE J 120 -16.95 33.18 16.49
C PHE J 120 -15.90 33.99 15.74
N LEU J 121 -14.79 33.35 15.41
CA LEU J 121 -13.64 34.05 14.78
C LEU J 121 -13.91 34.33 13.29
N SER J 122 -13.44 35.47 12.81
CA SER J 122 -13.45 35.88 11.41
C SER J 122 -12.40 35.06 10.69
N GLU J 123 -12.59 34.88 9.39
CA GLU J 123 -11.69 34.07 8.54
C GLU J 123 -10.27 34.63 8.60
N LYS J 124 -10.08 35.91 8.95
CA LYS J 124 -8.76 36.56 9.12
C LYS J 124 -7.99 35.88 10.25
N ASP J 125 -8.70 35.56 11.33
CA ASP J 125 -8.08 34.99 12.56
C ASP J 125 -7.74 33.53 12.27
N ILE J 126 -8.02 33.06 11.07
CA ILE J 126 -7.68 31.67 10.64
C ILE J 126 -6.96 31.79 9.27
N THR J 127 -6.40 30.73 8.72
CA THR J 127 -6.03 30.60 7.30
C THR J 127 -6.22 29.15 6.93
N VAL K 3 34.38 -13.59 -11.83
CA VAL K 3 33.50 -14.68 -12.34
C VAL K 3 32.46 -15.05 -11.30
N TYR K 4 32.47 -14.44 -10.12
CA TYR K 4 31.53 -14.84 -9.02
C TYR K 4 30.10 -14.50 -9.42
N MET K 5 29.87 -13.76 -10.47
CA MET K 5 28.60 -13.84 -11.27
C MET K 5 29.05 -13.84 -12.73
N LEU K 6 28.30 -14.39 -13.66
CA LEU K 6 28.82 -14.62 -15.02
C LEU K 6 28.49 -13.41 -15.91
N PHE K 7 29.53 -12.73 -16.36
CA PHE K 7 29.40 -11.58 -17.27
C PHE K 7 30.26 -11.82 -18.49
N ILE K 8 29.84 -11.28 -19.63
CA ILE K 8 30.61 -11.35 -20.90
C ILE K 8 30.63 -9.96 -21.51
N ASP K 9 31.68 -9.59 -22.24
CA ASP K 9 31.71 -8.34 -23.05
C ASP K 9 31.04 -8.66 -24.38
N ILE K 10 30.04 -7.90 -24.77
CA ILE K 10 29.39 -8.03 -26.11
C ILE K 10 29.24 -6.63 -26.68
N GLU K 11 28.85 -6.53 -27.94
CA GLU K 11 28.38 -5.24 -28.50
C GLU K 11 26.96 -5.44 -29.07
N VAL K 12 26.08 -4.50 -28.82
CA VAL K 12 24.72 -4.49 -29.44
C VAL K 12 24.60 -3.18 -30.23
N ASN K 13 24.27 -3.28 -31.49
CA ASN K 13 24.21 -2.15 -32.46
C ASN K 13 25.50 -1.34 -32.29
N GLY K 14 26.66 -2.01 -32.09
CA GLY K 14 27.98 -1.36 -32.08
C GLY K 14 28.41 -0.90 -30.71
N VAL K 15 27.56 -0.96 -29.72
CA VAL K 15 27.88 -0.33 -28.40
C VAL K 15 28.39 -1.40 -27.43
N PRO K 16 29.59 -1.23 -26.82
CA PRO K 16 30.09 -2.16 -25.81
C PRO K 16 29.17 -2.32 -24.57
N ILE K 17 28.90 -3.56 -24.18
CA ILE K 17 27.99 -3.88 -23.06
C ILE K 17 28.55 -5.05 -22.24
N LYS K 18 28.22 -5.10 -20.95
CA LYS K 18 28.55 -6.25 -20.08
C LYS K 18 27.30 -7.09 -19.97
N ALA K 19 27.29 -8.28 -20.57
CA ALA K 19 26.10 -9.15 -20.57
C ALA K 19 26.13 -10.14 -19.40
N PHE K 20 25.09 -10.12 -18.57
CA PHE K 20 24.87 -11.04 -17.44
C PHE K 20 24.28 -12.33 -17.98
N VAL K 21 24.99 -13.44 -17.84
CA VAL K 21 24.57 -14.72 -18.45
C VAL K 21 23.73 -15.50 -17.41
N ASP K 22 22.43 -15.67 -17.69
CA ASP K 22 21.45 -16.30 -16.78
C ASP K 22 20.68 -17.38 -17.53
N SER K 23 21.01 -18.63 -17.34
CA SER K 23 20.31 -19.79 -17.96
C SER K 23 18.92 -19.96 -17.36
N GLY K 24 18.64 -19.25 -16.27
CA GLY K 24 17.37 -19.27 -15.54
C GLY K 24 16.45 -18.19 -15.99
N ALA K 25 16.80 -17.38 -16.97
CA ALA K 25 15.92 -16.37 -17.57
C ALA K 25 15.39 -16.90 -18.90
N GLN K 26 14.08 -16.96 -19.09
CA GLN K 26 13.45 -17.47 -20.31
C GLN K 26 13.73 -16.52 -21.48
N SER K 27 13.92 -15.24 -21.15
CA SER K 27 13.94 -14.17 -22.15
C SER K 27 15.11 -13.24 -21.86
N THR K 28 15.76 -12.79 -22.92
CA THR K 28 16.79 -11.77 -22.87
C THR K 28 16.15 -10.40 -22.66
N PHE K 29 16.71 -9.58 -21.78
CA PHE K 29 16.21 -8.24 -21.50
C PHE K 29 17.38 -7.27 -21.56
N MET K 30 17.05 -6.02 -21.88
CA MET K 30 17.98 -4.90 -21.74
C MET K 30 17.27 -3.82 -20.95
N SER K 31 18.03 -3.08 -20.15
CA SER K 31 17.48 -1.91 -19.41
C SER K 31 17.12 -0.82 -20.40
N TYR K 32 16.19 0.03 -20.00
CA TYR K 32 15.74 1.21 -20.71
C TYR K 32 16.95 2.10 -20.99
N ALA K 33 17.76 2.31 -19.93
CA ALA K 33 18.89 3.25 -20.05
C ALA K 33 19.87 2.71 -21.08
N CYS K 34 20.08 1.38 -21.09
CA CYS K 34 20.99 0.75 -22.06
C CYS K 34 20.39 0.87 -23.46
N ALA K 35 19.08 0.77 -23.58
CA ALA K 35 18.37 0.90 -24.87
C ALA K 35 18.55 2.30 -25.38
N GLN K 36 18.54 3.29 -24.49
CA GLN K 36 18.73 4.70 -24.88
C GLN K 36 20.16 4.89 -25.38
N LYS K 37 21.13 4.31 -24.64
CA LYS K 37 22.57 4.45 -24.97
C LYS K 37 22.86 3.73 -26.29
N CYS K 38 22.13 2.66 -26.62
CA CYS K 38 22.39 1.88 -27.85
C CYS K 38 21.50 2.33 -29.01
N SER K 39 20.78 3.45 -28.87
CA SER K 39 19.80 3.96 -29.89
C SER K 39 18.90 2.80 -30.38
N LEU K 40 18.22 2.16 -29.46
CA LEU K 40 17.41 0.95 -29.78
C LEU K 40 15.95 1.28 -29.48
N LEU K 41 15.64 2.55 -29.22
CA LEU K 41 14.25 3.03 -29.18
C LEU K 41 13.71 3.01 -30.59
N ARG K 42 14.51 3.31 -31.61
CA ARG K 42 14.09 3.26 -33.01
C ARG K 42 13.69 1.84 -33.40
N LEU K 43 14.19 0.86 -32.68
CA LEU K 43 13.75 -0.54 -32.80
C LEU K 43 12.71 -0.76 -31.71
N MET K 44 11.43 -0.98 -31.99
CA MET K 44 10.52 -1.21 -30.81
C MET K 44 9.27 -1.92 -31.24
N ASP K 45 8.31 -2.05 -30.34
CA ASP K 45 7.03 -2.74 -30.58
C ASP K 45 5.93 -2.02 -29.80
N THR K 46 4.72 -2.58 -29.79
CA THR K 46 3.60 -2.26 -28.87
C THR K 46 3.52 -3.35 -27.83
N ARG K 47 4.63 -3.89 -27.37
CA ARG K 47 4.54 -5.14 -26.55
C ARG K 47 4.48 -4.74 -25.08
N TYR K 48 3.48 -5.26 -24.35
CA TYR K 48 3.26 -4.95 -22.93
C TYR K 48 2.55 -6.13 -22.27
N ARG K 49 2.15 -5.98 -21.00
CA ARG K 49 1.68 -7.10 -20.14
C ARG K 49 0.27 -6.79 -19.63
N VAL K 51 -3.62 -5.20 -17.58
CA VAL K 51 -2.72 -4.43 -16.67
C VAL K 51 -2.82 -5.04 -15.25
N ALA K 52 -3.05 -6.35 -15.13
CA ALA K 52 -2.87 -7.14 -13.88
C ALA K 52 -1.44 -7.69 -13.86
N GLN K 53 -0.73 -7.51 -12.76
CA GLN K 53 0.76 -7.64 -12.78
C GLN K 53 1.33 -8.11 -11.45
N GLY K 54 2.66 -8.06 -11.36
CA GLY K 54 3.46 -8.24 -10.14
C GLY K 54 3.95 -6.91 -9.59
N GLY K 56 7.61 -7.01 -10.53
CA GLY K 56 8.69 -7.98 -10.77
C GLY K 56 9.37 -7.70 -12.10
N LYS K 57 10.63 -7.29 -12.03
CA LYS K 57 11.50 -6.99 -13.19
C LYS K 57 11.11 -5.64 -13.79
N THR K 58 10.17 -4.90 -13.16
CA THR K 58 9.59 -3.63 -13.68
C THR K 58 8.92 -3.87 -15.05
N GLU K 59 8.41 -5.08 -15.26
CA GLU K 59 7.51 -5.41 -16.41
C GLU K 59 8.11 -4.99 -17.75
N ILE K 60 7.33 -4.58 -18.74
CA ILE K 60 7.83 -4.39 -20.15
C ILE K 60 7.70 -2.94 -20.61
N VAL K 61 8.73 -2.36 -21.20
CA VAL K 61 8.64 -1.06 -21.91
C VAL K 61 8.26 -1.35 -23.35
N GLY K 62 8.92 -2.31 -24.00
CA GLY K 62 8.72 -2.57 -25.45
C GLY K 62 9.66 -3.64 -25.96
N LYS K 63 9.56 -4.03 -27.23
CA LYS K 63 10.36 -5.14 -27.77
C LYS K 63 11.29 -4.65 -28.87
N ILE K 64 12.53 -5.07 -28.86
CA ILE K 64 13.47 -4.90 -30.00
C ILE K 64 13.41 -6.19 -30.80
N HIS K 65 12.78 -6.18 -31.96
CA HIS K 65 12.52 -7.43 -32.72
C HIS K 65 13.82 -7.99 -33.28
N LEU K 66 14.79 -7.16 -33.60
CA LEU K 66 16.07 -7.64 -34.15
C LEU K 66 17.16 -6.60 -33.86
N ALA K 67 18.29 -7.08 -33.39
CA ALA K 67 19.50 -6.26 -33.20
C ALA K 67 20.70 -7.17 -33.47
N THR K 68 21.78 -6.59 -33.95
CA THR K 68 23.06 -7.23 -34.23
C THR K 68 23.90 -7.31 -32.92
N LEU K 69 24.27 -8.51 -32.55
CA LEU K 69 25.16 -8.74 -31.38
C LEU K 69 26.55 -9.11 -31.90
N LYS K 70 27.58 -8.52 -31.34
CA LYS K 70 28.97 -8.94 -31.62
C LYS K 70 29.51 -9.65 -30.38
N ILE K 71 29.64 -10.94 -30.45
CA ILE K 71 30.18 -11.78 -29.35
C ILE K 71 31.46 -12.37 -29.92
N GLY K 72 32.60 -12.02 -29.36
CA GLY K 72 33.91 -12.46 -29.90
C GLY K 72 34.15 -11.84 -31.27
N GLN K 73 34.43 -12.65 -32.29
CA GLN K 73 34.65 -12.08 -33.64
C GLN K 73 33.44 -12.33 -34.52
N ARG K 74 32.40 -12.95 -33.99
CA ARG K 74 31.18 -13.24 -34.83
C ARG K 74 30.02 -12.29 -34.46
N PHE K 75 29.10 -12.12 -35.37
CA PHE K 75 27.90 -11.28 -35.23
C PHE K 75 26.67 -12.18 -35.21
N PHE K 76 25.69 -11.78 -34.39
CA PHE K 76 24.49 -12.61 -34.16
C PHE K 76 23.24 -11.76 -34.29
N PRO K 77 22.17 -12.25 -34.93
CA PRO K 77 20.85 -11.64 -34.81
C PRO K 77 20.22 -12.00 -33.45
N SER K 78 19.57 -11.04 -32.83
CA SER K 78 18.91 -11.17 -31.51
C SER K 78 17.56 -10.46 -31.45
N SER K 79 16.67 -10.90 -30.58
CA SER K 79 15.44 -10.20 -30.22
C SER K 79 15.47 -10.08 -28.69
N PHE K 80 15.01 -8.95 -28.14
CA PHE K 80 14.93 -8.83 -26.67
C PHE K 80 13.85 -7.86 -26.25
N THR K 81 13.56 -7.84 -24.99
CA THR K 81 12.57 -6.98 -24.36
C THR K 81 13.34 -5.88 -23.60
N VAL K 82 12.77 -4.70 -23.54
CA VAL K 82 13.37 -3.59 -22.74
C VAL K 82 12.54 -3.47 -21.46
N LEU K 83 13.23 -3.24 -20.35
CA LEU K 83 12.57 -3.03 -19.04
C LEU K 83 13.06 -1.72 -18.42
N GLN K 84 12.40 -1.24 -17.38
CA GLN K 84 12.78 0.02 -16.70
C GLN K 84 13.91 -0.29 -15.71
N ASP K 85 14.04 -1.57 -15.34
CA ASP K 85 14.95 -1.95 -14.22
C ASP K 85 16.39 -1.98 -14.72
N ASN K 86 17.30 -1.33 -14.01
CA ASN K 86 18.75 -1.34 -14.33
C ASN K 86 19.45 -2.29 -13.38
N LYS K 87 18.74 -3.32 -12.93
CA LYS K 87 19.35 -4.44 -12.18
C LYS K 87 20.62 -4.83 -12.91
N VAL K 88 20.47 -5.17 -14.20
CA VAL K 88 21.66 -5.39 -15.10
C VAL K 88 21.45 -4.55 -16.35
N GLU K 89 22.53 -4.10 -16.96
CA GLU K 89 22.43 -3.44 -18.31
C GLU K 89 21.77 -4.41 -19.29
N PHE K 90 22.31 -5.61 -19.39
CA PHE K 90 21.77 -6.61 -20.36
C PHE K 90 21.82 -8.02 -19.75
N LEU K 91 20.70 -8.72 -19.80
CA LEU K 91 20.59 -10.10 -19.30
C LEU K 91 20.53 -11.04 -20.48
N PHE K 92 21.56 -11.82 -20.72
CA PHE K 92 21.66 -12.82 -21.81
C PHE K 92 20.95 -14.09 -21.33
N GLY K 93 19.74 -14.33 -21.84
CA GLY K 93 18.85 -15.39 -21.34
C GLY K 93 18.91 -16.69 -22.12
N LEU K 94 18.09 -17.66 -21.74
CA LEU K 94 18.05 -19.04 -22.29
C LEU K 94 17.61 -18.99 -23.74
N ASP K 95 16.78 -18.05 -24.13
CA ASP K 95 16.37 -17.87 -25.55
C ASP K 95 17.64 -17.83 -26.42
N LEU K 96 18.54 -16.89 -26.14
CA LEU K 96 19.79 -16.69 -26.90
C LEU K 96 20.80 -17.79 -26.56
N LEU K 97 20.84 -18.23 -25.33
CA LEU K 97 21.80 -19.29 -24.89
C LEU K 97 21.59 -20.52 -25.73
N ARG K 98 20.33 -20.89 -25.97
CA ARG K 98 20.00 -22.11 -26.77
C ARG K 98 20.02 -21.79 -28.25
N ARG K 99 19.63 -20.57 -28.65
CA ARG K 99 19.52 -20.18 -30.08
C ARG K 99 20.88 -20.34 -30.73
N TYR K 100 21.95 -20.01 -30.03
CA TYR K 100 23.34 -20.10 -30.57
C TYR K 100 24.01 -21.36 -30.01
N GLN K 101 23.25 -22.21 -29.32
CA GLN K 101 23.72 -23.51 -28.77
C GLN K 101 25.02 -23.28 -28.00
N CYS K 102 25.00 -22.33 -27.05
CA CYS K 102 26.19 -21.96 -26.28
C CYS K 102 26.50 -23.02 -25.23
N CYS K 103 27.77 -23.15 -24.82
CA CYS K 103 28.14 -23.94 -23.62
C CYS K 103 28.69 -22.99 -22.58
N ILE K 104 28.12 -22.98 -21.39
CA ILE K 104 28.66 -22.18 -20.25
C ILE K 104 29.68 -23.08 -19.57
N ASP K 105 30.96 -22.92 -19.90
CA ASP K 105 32.06 -23.80 -19.44
C ASP K 105 32.71 -23.17 -18.21
N LEU K 106 32.43 -23.72 -17.03
CA LEU K 106 32.95 -23.15 -15.76
C LEU K 106 34.22 -23.89 -15.39
N LYS K 107 34.67 -24.84 -16.20
CA LYS K 107 36.02 -25.44 -16.04
C LYS K 107 37.02 -24.40 -16.55
N LYS K 108 36.85 -23.99 -17.80
CA LYS K 108 37.78 -23.04 -18.48
C LYS K 108 37.28 -21.62 -18.26
N SER K 109 36.10 -21.47 -17.64
CA SER K 109 35.49 -20.13 -17.38
C SER K 109 35.32 -19.38 -18.71
N VAL K 110 34.62 -20.00 -19.65
CA VAL K 110 34.37 -19.40 -20.99
C VAL K 110 32.94 -19.69 -21.46
N LEU K 111 32.42 -18.84 -22.33
CA LEU K 111 31.17 -19.16 -23.06
C LEU K 111 31.60 -19.64 -24.44
N ARG K 112 31.35 -20.91 -24.77
CA ARG K 112 31.69 -21.47 -26.09
C ARG K 112 30.45 -21.34 -26.98
N ILE K 113 30.47 -20.41 -27.93
CA ILE K 113 29.25 -20.01 -28.67
C ILE K 113 29.16 -20.82 -29.96
N ASP K 114 30.22 -20.89 -30.75
CA ASP K 114 30.20 -21.68 -32.02
C ASP K 114 31.28 -22.74 -31.91
N ASN K 115 32.51 -22.39 -32.26
CA ASN K 115 33.69 -23.17 -31.86
C ASN K 115 34.52 -22.25 -31.00
N GLU K 116 34.15 -20.97 -30.97
CA GLU K 116 34.96 -19.91 -30.34
C GLU K 116 34.54 -19.79 -28.88
N GLU K 117 35.48 -19.34 -28.07
CA GLU K 117 35.33 -19.25 -26.60
C GLU K 117 35.42 -17.78 -26.22
N ILE K 118 34.48 -17.30 -25.42
CA ILE K 118 34.48 -15.91 -24.89
C ILE K 118 34.74 -16.02 -23.40
N PRO K 119 35.81 -15.43 -22.84
CA PRO K 119 36.04 -15.55 -21.42
C PRO K 119 35.08 -14.75 -20.54
N PHE K 120 34.70 -15.35 -19.42
CA PHE K 120 33.84 -14.68 -18.41
C PHE K 120 34.71 -13.62 -17.74
N LEU K 121 34.09 -12.51 -17.40
CA LEU K 121 34.82 -11.31 -16.90
C LEU K 121 35.23 -11.48 -15.44
N SER K 122 36.40 -10.93 -15.11
CA SER K 122 37.03 -11.09 -13.79
C SER K 122 36.26 -10.21 -12.81
N GLU K 123 36.34 -10.58 -11.55
CA GLU K 123 35.73 -9.89 -10.40
C GLU K 123 36.20 -8.43 -10.38
N LYS K 124 37.37 -8.11 -10.93
CA LYS K 124 37.94 -6.74 -10.99
C LYS K 124 37.03 -5.88 -11.87
N ASP K 125 36.62 -6.45 -12.99
CA ASP K 125 35.87 -5.72 -14.02
C ASP K 125 34.47 -5.43 -13.48
N ILE K 126 34.18 -5.92 -12.26
CA ILE K 126 32.89 -5.62 -11.59
C ILE K 126 33.19 -5.03 -10.21
N THR K 127 32.24 -4.26 -9.64
CA THR K 127 32.51 -3.42 -8.43
C THR K 127 31.47 -3.70 -7.38
N VAL L 3 12.31 -28.29 -22.68
CA VAL L 3 13.49 -27.67 -22.04
C VAL L 3 13.32 -26.14 -22.10
N TYR L 4 12.07 -25.66 -22.06
CA TYR L 4 11.78 -24.21 -22.16
C TYR L 4 12.24 -23.52 -20.90
N MET L 5 12.66 -24.24 -19.86
CA MET L 5 13.66 -23.74 -18.86
C MET L 5 14.54 -24.95 -18.56
N LEU L 6 15.71 -24.80 -17.95
CA LEU L 6 16.64 -25.94 -17.80
C LEU L 6 16.37 -26.66 -16.48
N PHE L 7 16.01 -27.93 -16.57
CA PHE L 7 15.81 -28.77 -15.37
C PHE L 7 16.67 -30.03 -15.49
N ILE L 8 17.03 -30.60 -14.34
CA ILE L 8 17.77 -31.89 -14.26
C ILE L 8 17.10 -32.73 -13.20
N ASP L 9 17.16 -34.04 -13.36
CA ASP L 9 16.76 -35.01 -12.31
C ASP L 9 18.00 -35.18 -11.44
N ILE L 10 17.85 -34.96 -10.13
CA ILE L 10 18.92 -35.26 -9.15
C ILE L 10 18.27 -36.03 -8.01
N GLU L 11 19.10 -36.60 -7.13
CA GLU L 11 18.58 -37.11 -5.85
C GLU L 11 19.33 -36.42 -4.71
N VAL L 12 18.59 -35.96 -3.73
CA VAL L 12 19.18 -35.38 -2.50
C VAL L 12 18.74 -36.25 -1.33
N ASN L 13 19.75 -36.82 -0.64
CA ASN L 13 19.56 -37.78 0.47
C ASN L 13 18.53 -38.83 0.01
N GLY L 14 18.67 -39.29 -1.23
CA GLY L 14 17.93 -40.47 -1.73
C GLY L 14 16.71 -40.08 -2.50
N VAL L 15 16.22 -38.84 -2.37
CA VAL L 15 14.87 -38.50 -2.86
C VAL L 15 14.98 -37.83 -4.23
N PRO L 16 14.24 -38.33 -5.25
CA PRO L 16 14.22 -37.71 -6.57
C PRO L 16 13.70 -36.27 -6.58
N ILE L 17 14.43 -35.38 -7.24
CA ILE L 17 14.11 -33.92 -7.30
C ILE L 17 14.32 -33.40 -8.71
N LYS L 18 13.54 -32.39 -9.12
CA LYS L 18 13.75 -31.67 -10.39
C LYS L 18 14.53 -30.40 -10.08
N ALA L 19 15.78 -30.34 -10.50
CA ALA L 19 16.67 -29.20 -10.17
C ALA L 19 16.66 -28.18 -11.32
N PHE L 20 16.30 -26.93 -11.00
CA PHE L 20 16.31 -25.78 -11.93
C PHE L 20 17.74 -25.27 -12.05
N VAL L 21 18.33 -25.33 -13.25
CA VAL L 21 19.75 -24.93 -13.43
C VAL L 21 19.80 -23.44 -13.80
N ASP L 22 20.34 -22.60 -12.90
CA ASP L 22 20.37 -21.13 -13.03
C ASP L 22 21.79 -20.60 -12.79
N SER L 23 22.49 -20.24 -13.84
CA SER L 23 23.84 -19.65 -13.81
C SER L 23 23.81 -18.25 -13.19
N GLY L 24 22.61 -17.66 -13.06
CA GLY L 24 22.40 -16.30 -12.60
C GLY L 24 22.16 -16.25 -11.10
N ALA L 25 22.13 -17.39 -10.42
CA ALA L 25 21.90 -17.42 -8.96
C ALA L 25 23.23 -17.70 -8.26
N GLN L 26 23.61 -16.84 -7.31
CA GLN L 26 24.91 -16.98 -6.62
C GLN L 26 24.83 -18.15 -5.66
N SER L 27 23.63 -18.54 -5.24
CA SER L 27 23.51 -19.57 -4.17
C SER L 27 22.44 -20.60 -4.53
N THR L 28 22.71 -21.85 -4.25
CA THR L 28 21.77 -22.97 -4.41
C THR L 28 20.77 -22.93 -3.26
N PHE L 29 19.51 -23.13 -3.56
CA PHE L 29 18.43 -23.03 -2.54
C PHE L 29 17.48 -24.19 -2.74
N MET L 30 16.84 -24.58 -1.66
CA MET L 30 15.83 -25.65 -1.67
C MET L 30 14.63 -25.08 -0.91
N SER L 31 13.44 -25.43 -1.36
CA SER L 31 12.18 -24.99 -0.69
C SER L 31 12.09 -25.75 0.64
N TYR L 32 11.36 -25.20 1.60
CA TYR L 32 11.15 -25.87 2.90
C TYR L 32 10.36 -27.16 2.63
N ALA L 33 9.38 -27.11 1.75
CA ALA L 33 8.55 -28.28 1.44
C ALA L 33 9.43 -29.34 0.81
N CYS L 34 10.39 -28.97 -0.03
CA CYS L 34 11.41 -29.90 -0.57
C CYS L 34 12.26 -30.44 0.57
N ALA L 35 12.56 -29.63 1.58
CA ALA L 35 13.32 -30.10 2.76
C ALA L 35 12.50 -31.16 3.50
N GLN L 36 11.20 -30.96 3.58
CA GLN L 36 10.28 -31.92 4.26
C GLN L 36 10.22 -33.21 3.46
N LYS L 37 10.11 -33.11 2.14
CA LYS L 37 9.99 -34.27 1.22
C LYS L 37 11.31 -35.02 1.22
N CYS L 38 12.44 -34.35 1.44
CA CYS L 38 13.76 -35.02 1.47
C CYS L 38 14.13 -35.37 2.92
N SER L 39 13.27 -35.11 3.91
CA SER L 39 13.51 -35.43 5.34
C SER L 39 14.87 -34.85 5.78
N LEU L 40 15.04 -33.56 5.58
CA LEU L 40 16.28 -32.83 5.88
C LEU L 40 15.96 -31.73 6.90
N LEU L 41 14.81 -31.82 7.54
CA LEU L 41 14.35 -30.77 8.47
C LEU L 41 15.24 -30.79 9.70
N ARG L 42 15.62 -31.98 10.17
CA ARG L 42 16.49 -32.18 11.33
C ARG L 42 17.86 -31.60 11.02
N LEU L 43 18.23 -31.52 9.74
CA LEU L 43 19.47 -30.85 9.31
C LEU L 43 19.14 -29.41 8.93
N MET L 44 19.40 -28.47 9.80
CA MET L 44 19.19 -27.03 9.55
C MET L 44 20.05 -26.21 10.51
N ASP L 45 20.08 -24.89 10.35
CA ASP L 45 20.94 -24.02 11.18
C ASP L 45 20.22 -22.71 11.52
N THR L 46 20.92 -21.79 12.16
CA THR L 46 20.48 -20.44 12.56
C THR L 46 21.14 -19.45 11.62
N ARG L 47 21.22 -19.75 10.32
CA ARG L 47 21.62 -18.71 9.35
C ARG L 47 20.38 -17.92 8.92
N TYR L 48 20.53 -16.63 8.72
CA TYR L 48 19.44 -15.70 8.31
C TYR L 48 20.02 -14.61 7.40
N ARG L 49 19.19 -13.66 6.97
CA ARG L 49 19.55 -12.75 5.84
C ARG L 49 19.55 -11.28 6.28
N GLY L 50 20.10 -10.98 7.46
CA GLY L 50 20.07 -9.62 8.06
C GLY L 50 18.66 -9.16 8.43
N VAL L 51 18.38 -7.87 8.27
CA VAL L 51 17.04 -7.30 8.57
C VAL L 51 16.57 -6.45 7.40
N ALA L 52 17.47 -5.88 6.60
CA ALA L 52 17.12 -5.14 5.36
C ALA L 52 16.52 -6.08 4.33
N GLN L 53 15.48 -5.64 3.61
CA GLN L 53 14.71 -6.47 2.65
C GLN L 53 14.46 -5.72 1.33
N VAL L 55 10.48 -7.49 -0.82
CA VAL L 55 8.99 -7.62 -0.91
C VAL L 55 8.60 -9.11 -1.05
N GLY L 56 9.55 -10.00 -1.40
CA GLY L 56 9.26 -11.43 -1.59
C GLY L 56 10.52 -12.28 -1.66
N THR L 58 11.59 -16.43 0.08
CA THR L 58 11.28 -15.59 1.27
C THR L 58 12.39 -15.79 2.31
N GLU L 59 13.43 -14.96 2.25
CA GLU L 59 14.50 -14.87 3.29
C GLU L 59 15.22 -16.22 3.42
N ILE L 60 15.90 -16.47 4.55
CA ILE L 60 16.61 -17.75 4.81
C ILE L 60 15.96 -18.43 6.00
N VAL L 61 15.48 -19.66 5.86
CA VAL L 61 14.97 -20.43 7.04
C VAL L 61 16.17 -21.01 7.78
N GLY L 62 17.15 -21.52 7.03
CA GLY L 62 18.40 -22.05 7.60
C GLY L 62 19.27 -22.67 6.54
N LYS L 63 20.43 -23.21 6.93
CA LYS L 63 21.41 -23.80 6.02
C LYS L 63 21.51 -25.31 6.23
N ILE L 64 21.58 -26.06 5.14
CA ILE L 64 21.96 -27.49 5.16
C ILE L 64 23.45 -27.54 4.89
N HIS L 65 24.26 -27.82 5.91
CA HIS L 65 25.73 -27.68 5.84
C HIS L 65 26.29 -28.77 4.95
N LEU L 66 25.68 -29.95 4.89
CA LEU L 66 26.17 -30.98 3.94
C LEU L 66 25.08 -31.99 3.65
N ALA L 67 24.86 -32.29 2.38
CA ALA L 67 23.86 -33.30 1.95
C ALA L 67 24.41 -33.96 0.71
N THR L 68 24.14 -35.25 0.50
CA THR L 68 24.62 -35.98 -0.68
C THR L 68 23.69 -35.73 -1.86
N LEU L 69 24.27 -35.31 -2.96
CA LEU L 69 23.53 -35.17 -4.24
C LEU L 69 23.92 -36.36 -5.12
N LYS L 70 22.96 -37.00 -5.76
CA LYS L 70 23.24 -37.99 -6.81
C LYS L 70 22.92 -37.34 -8.14
N ILE L 71 23.97 -36.95 -8.86
CA ILE L 71 23.80 -36.40 -10.23
C ILE L 71 24.40 -37.45 -11.15
N GLY L 72 23.54 -38.11 -11.92
CA GLY L 72 23.97 -39.22 -12.78
C GLY L 72 24.40 -40.41 -11.94
N GLN L 73 25.61 -40.91 -12.17
CA GLN L 73 26.13 -42.11 -11.48
C GLN L 73 27.02 -41.70 -10.30
N ARG L 74 27.30 -40.41 -10.14
CA ARG L 74 28.24 -39.96 -9.10
C ARG L 74 27.49 -39.22 -7.99
N PHE L 75 28.08 -39.17 -6.81
CA PHE L 75 27.46 -38.56 -5.61
C PHE L 75 28.30 -37.34 -5.24
N PHE L 76 27.63 -36.27 -4.86
CA PHE L 76 28.33 -34.98 -4.62
C PHE L 76 27.94 -34.40 -3.28
N PRO L 77 28.92 -33.97 -2.45
CA PRO L 77 28.58 -33.35 -1.18
C PRO L 77 28.20 -31.89 -1.44
N SER L 78 27.16 -31.40 -0.78
CA SER L 78 26.55 -30.10 -1.12
C SER L 78 26.18 -29.35 0.15
N SER L 79 26.31 -28.03 0.11
CA SER L 79 25.67 -27.15 1.10
C SER L 79 24.66 -26.29 0.34
N PHE L 80 23.50 -26.05 0.94
CA PHE L 80 22.52 -25.11 0.34
C PHE L 80 21.68 -24.48 1.43
N THR L 81 20.88 -23.51 1.03
CA THR L 81 20.01 -22.76 1.94
C THR L 81 18.58 -23.25 1.77
N VAL L 82 17.81 -23.28 2.83
CA VAL L 82 16.37 -23.65 2.76
C VAL L 82 15.56 -22.36 2.88
N LEU L 83 14.56 -22.22 2.03
CA LEU L 83 13.70 -21.01 1.97
C LEU L 83 12.25 -21.44 2.03
N GLN L 84 11.32 -20.51 2.23
CA GLN L 84 9.88 -20.81 2.29
C GLN L 84 9.33 -20.83 0.86
N ASP L 85 10.08 -20.26 -0.09
CA ASP L 85 9.53 -19.92 -1.43
C ASP L 85 9.41 -21.19 -2.28
N ASN L 86 8.26 -21.41 -2.89
CA ASN L 86 8.00 -22.59 -3.76
C ASN L 86 8.18 -22.20 -5.22
N LYS L 87 8.90 -21.11 -5.46
CA LYS L 87 9.24 -20.65 -6.83
C LYS L 87 9.72 -21.88 -7.58
N VAL L 88 10.78 -22.53 -7.07
CA VAL L 88 11.24 -23.86 -7.56
C VAL L 88 11.45 -24.74 -6.33
N GLU L 89 11.33 -26.05 -6.46
CA GLU L 89 11.70 -27.03 -5.44
C GLU L 89 13.18 -26.87 -5.09
N PHE L 90 14.03 -26.92 -6.09
CA PHE L 90 15.50 -26.83 -5.91
C PHE L 90 16.11 -26.00 -7.06
N LEU L 91 16.88 -24.99 -6.68
CA LEU L 91 17.61 -24.13 -7.63
C LEU L 91 19.09 -24.51 -7.59
N PHE L 92 19.61 -25.09 -8.68
CA PHE L 92 21.04 -25.47 -8.80
C PHE L 92 21.80 -24.22 -9.27
N GLY L 93 22.47 -23.54 -8.35
CA GLY L 93 23.05 -22.20 -8.58
C GLY L 93 24.52 -22.26 -8.96
N LEU L 94 25.11 -21.08 -9.17
CA LEU L 94 26.50 -20.94 -9.67
C LEU L 94 27.49 -21.48 -8.67
N ASP L 95 27.18 -21.39 -7.38
CA ASP L 95 28.04 -21.98 -6.32
C ASP L 95 28.36 -23.44 -6.68
N LEU L 96 27.35 -24.27 -6.87
CA LEU L 96 27.50 -25.72 -7.18
C LEU L 96 27.94 -25.91 -8.63
N LEU L 97 27.47 -25.07 -9.53
CA LEU L 97 27.84 -25.18 -10.97
C LEU L 97 29.36 -25.11 -11.09
N ARG L 98 29.98 -24.18 -10.36
CA ARG L 98 31.44 -23.95 -10.45
C ARG L 98 32.18 -24.91 -9.50
N ARG L 99 31.59 -25.26 -8.37
CA ARG L 99 32.20 -26.14 -7.37
C ARG L 99 32.55 -27.48 -8.02
N TYR L 100 31.68 -27.97 -8.90
CA TYR L 100 31.91 -29.26 -9.60
C TYR L 100 32.40 -29.01 -11.01
N GLN L 101 32.67 -27.75 -11.36
CA GLN L 101 33.18 -27.33 -12.69
C GLN L 101 32.29 -27.96 -13.76
N CYS L 102 30.99 -27.70 -13.68
CA CYS L 102 29.99 -28.13 -14.66
C CYS L 102 30.14 -27.30 -15.94
N CYS L 103 29.75 -27.90 -17.07
CA CYS L 103 29.50 -27.17 -18.32
C CYS L 103 28.02 -27.31 -18.60
N ILE L 104 27.31 -26.21 -18.74
CA ILE L 104 25.89 -26.23 -19.20
C ILE L 104 25.95 -26.24 -20.73
N ASP L 105 25.83 -27.42 -21.33
CA ASP L 105 26.08 -27.64 -22.77
C ASP L 105 24.73 -27.58 -23.49
N LEU L 106 24.49 -26.50 -24.22
CA LEU L 106 23.21 -26.35 -24.96
C LEU L 106 23.38 -26.82 -26.39
N LYS L 107 24.58 -27.25 -26.76
CA LYS L 107 24.82 -27.95 -28.03
C LYS L 107 24.23 -29.35 -27.91
N LYS L 108 24.67 -30.08 -26.91
CA LYS L 108 24.27 -31.49 -26.68
C LYS L 108 23.10 -31.52 -25.72
N SER L 109 22.70 -30.36 -25.16
CA SER L 109 21.57 -30.26 -24.21
C SER L 109 21.82 -31.17 -23.00
N VAL L 110 22.96 -30.99 -22.35
CA VAL L 110 23.38 -31.81 -21.19
C VAL L 110 24.10 -30.94 -20.17
N LEU L 111 24.12 -31.38 -18.91
CA LEU L 111 25.05 -30.81 -17.91
C LEU L 111 26.23 -31.74 -17.85
N ARG L 112 27.43 -31.27 -18.20
CA ARG L 112 28.68 -32.08 -18.05
C ARG L 112 29.27 -31.73 -16.68
N ILE L 113 29.18 -32.66 -15.74
CA ILE L 113 29.62 -32.36 -14.33
C ILE L 113 31.10 -32.69 -14.19
N ASP L 114 31.52 -33.89 -14.52
CA ASP L 114 32.92 -34.32 -14.25
C ASP L 114 33.49 -34.75 -15.58
N ASN L 115 33.15 -35.96 -15.99
CA ASN L 115 33.38 -36.41 -17.37
C ASN L 115 31.99 -36.79 -17.92
N GLU L 116 31.03 -36.95 -17.03
CA GLU L 116 29.77 -37.62 -17.36
C GLU L 116 28.75 -36.55 -17.73
N GLU L 117 27.75 -36.91 -18.52
CA GLU L 117 26.77 -35.94 -19.06
C GLU L 117 25.39 -36.30 -18.54
N ILE L 118 24.69 -35.31 -17.96
CA ILE L 118 23.32 -35.50 -17.47
C ILE L 118 22.39 -34.72 -18.39
N PRO L 119 21.40 -35.36 -19.05
CA PRO L 119 20.56 -34.62 -19.99
C PRO L 119 19.54 -33.69 -19.34
N PHE L 120 19.31 -32.54 -19.97
CA PHE L 120 18.26 -31.59 -19.53
C PHE L 120 16.91 -32.24 -19.81
N LEU L 121 15.95 -31.98 -18.95
CA LEU L 121 14.62 -32.63 -18.99
C LEU L 121 13.73 -32.10 -20.11
N SER L 122 12.92 -32.99 -20.66
CA SER L 122 11.88 -32.62 -21.66
C SER L 122 10.75 -31.89 -20.94
N GLU L 123 9.97 -31.15 -21.68
CA GLU L 123 8.80 -30.39 -21.17
C GLU L 123 7.81 -31.34 -20.50
N LYS L 124 7.79 -32.62 -20.89
CA LYS L 124 6.89 -33.66 -20.31
C LYS L 124 7.27 -33.88 -18.85
N ASP L 125 8.57 -33.92 -18.58
CA ASP L 125 9.09 -34.17 -17.21
C ASP L 125 8.78 -32.96 -16.33
N ILE L 126 8.24 -31.91 -16.91
CA ILE L 126 7.92 -30.62 -16.21
C ILE L 126 6.44 -30.33 -16.47
N THR L 127 5.81 -29.44 -15.71
CA THR L 127 4.46 -28.89 -16.09
C THR L 127 4.15 -27.76 -15.11
#